data_1HCN
# 
_entry.id   1HCN 
# 
_audit_conform.dict_name       mmcif_pdbx.dic 
_audit_conform.dict_version    5.398 
_audit_conform.dict_location   http://mmcif.pdb.org/dictionaries/ascii/mmcif_pdbx.dic 
# 
loop_
_database_2.database_id 
_database_2.database_code 
_database_2.pdbx_database_accession 
_database_2.pdbx_DOI 
PDB   1HCN         pdb_00001hcn 10.2210/pdb1hcn/pdb 
WWPDB D_1000173779 ?            ?                   
# 
loop_
_pdbx_audit_revision_history.ordinal 
_pdbx_audit_revision_history.data_content_type 
_pdbx_audit_revision_history.major_revision 
_pdbx_audit_revision_history.minor_revision 
_pdbx_audit_revision_history.revision_date 
1 'Structure model' 1 0 1994-09-30 
2 'Structure model' 1 1 2008-03-03 
3 'Structure model' 1 2 2011-07-13 
4 'Structure model' 1 3 2019-07-17 
5 'Structure model' 1 4 2019-08-14 
6 'Structure model' 1 5 2020-07-29 
7 'Structure model' 1 6 2024-11-06 
# 
loop_
_pdbx_audit_revision_details.ordinal 
_pdbx_audit_revision_details.revision_ordinal 
_pdbx_audit_revision_details.data_content_type 
_pdbx_audit_revision_details.provider 
_pdbx_audit_revision_details.type 
_pdbx_audit_revision_details.description 
_pdbx_audit_revision_details.details 
1 1 'Structure model' repository 'Initial release' ?                          ? 
2 6 'Structure model' repository Remediation       'Carbohydrate remediation' ? 
# 
loop_
_pdbx_audit_revision_group.ordinal 
_pdbx_audit_revision_group.revision_ordinal 
_pdbx_audit_revision_group.data_content_type 
_pdbx_audit_revision_group.group 
1  2 'Structure model' 'Version format compliance' 
2  3 'Structure model' 'Non-polymer description'   
3  3 'Structure model' 'Version format compliance' 
4  4 'Structure model' Advisory                    
5  4 'Structure model' 'Data collection'           
6  4 'Structure model' 'Derived calculations'      
7  4 'Structure model' Other                       
8  4 'Structure model' 'Refinement description'    
9  5 'Structure model' 'Data collection'           
10 5 'Structure model' 'Refinement description'    
11 6 'Structure model' 'Data collection'           
12 6 'Structure model' 'Derived calculations'      
13 6 'Structure model' 'Structure summary'         
14 7 'Structure model' Advisory                    
15 7 'Structure model' 'Data collection'           
16 7 'Structure model' 'Database references'       
17 7 'Structure model' 'Structure summary'         
# 
loop_
_pdbx_audit_revision_category.ordinal 
_pdbx_audit_revision_category.revision_ordinal 
_pdbx_audit_revision_category.data_content_type 
_pdbx_audit_revision_category.category 
1  4 'Structure model' pdbx_database_status         
2  4 'Structure model' pdbx_unobs_or_zero_occ_atoms 
3  4 'Structure model' software                     
4  4 'Structure model' struct_conn                  
5  5 'Structure model' software                     
6  6 'Structure model' chem_comp                    
7  6 'Structure model' entity                       
8  6 'Structure model' pdbx_chem_comp_identifier    
9  6 'Structure model' pdbx_entity_nonpoly          
10 6 'Structure model' struct_conn                  
11 6 'Structure model' struct_site                  
12 6 'Structure model' struct_site_gen              
13 7 'Structure model' chem_comp                    
14 7 'Structure model' chem_comp_atom               
15 7 'Structure model' chem_comp_bond               
16 7 'Structure model' database_2                   
17 7 'Structure model' pdbx_entry_details           
18 7 'Structure model' pdbx_modification_feature    
19 7 'Structure model' pdbx_unobs_or_zero_occ_atoms 
# 
loop_
_pdbx_audit_revision_item.ordinal 
_pdbx_audit_revision_item.revision_ordinal 
_pdbx_audit_revision_item.data_content_type 
_pdbx_audit_revision_item.item 
1  4 'Structure model' '_pdbx_database_status.process_site'  
2  4 'Structure model' '_software.classification'            
3  4 'Structure model' '_struct_conn.pdbx_leaving_atom_flag' 
4  5 'Structure model' '_software.classification'            
5  6 'Structure model' '_chem_comp.name'                     
6  6 'Structure model' '_chem_comp.type'                     
7  6 'Structure model' '_entity.pdbx_description'            
8  6 'Structure model' '_pdbx_entity_nonpoly.name'           
9  6 'Structure model' '_struct_conn.pdbx_role'              
10 7 'Structure model' '_chem_comp.pdbx_synonyms'            
11 7 'Structure model' '_database_2.pdbx_DOI'                
12 7 'Structure model' '_database_2.pdbx_database_accession' 
# 
_pdbx_database_status.status_code                     REL 
_pdbx_database_status.entry_id                        1HCN 
_pdbx_database_status.recvd_initial_deposition_date   1994-07-01 
_pdbx_database_status.deposit_site                    ? 
_pdbx_database_status.process_site                    BNL 
_pdbx_database_status.SG_entry                        . 
_pdbx_database_status.pdb_format_compatible           Y 
_pdbx_database_status.status_code_mr                  ? 
_pdbx_database_status.status_code_sf                  ? 
_pdbx_database_status.status_code_cs                  ? 
_pdbx_database_status.methods_development_category    ? 
_pdbx_database_status.status_code_nmr_data            ? 
# 
loop_
_audit_author.name 
_audit_author.pdbx_ordinal 
'Wu, H.'            1 
'Lustbader, J.W.'   2 
'Liu, Y.'           3 
'Canfield, R.E.'    4 
'Hendrickson, W.A.' 5 
# 
loop_
_citation.id 
_citation.title 
_citation.journal_abbrev 
_citation.journal_volume 
_citation.page_first 
_citation.page_last 
_citation.year 
_citation.journal_id_ASTM 
_citation.country 
_citation.journal_id_ISSN 
_citation.journal_id_CSD 
_citation.book_publisher 
_citation.pdbx_database_id_PubMed 
_citation.pdbx_database_id_DOI 
primary 'Structure of human chorionic gonadotropin at 2.6 A resolution from MAD analysis of the selenomethionyl protein.' 
Structure         2 545 558 1994 STRUE6 UK 0969-2126 2005 ? 7922031 '10.1016/S0969-2126(00)00054-X' 
1       'The Expression, Characterization and Crystallization of Wild-Type and Selenomethionyl Hcg'                       
'To be Published' ? ?   ?   ?    ?      ?  ?         0353 ? ?       ?                               
# 
loop_
_citation_author.citation_id 
_citation_author.name 
_citation_author.ordinal 
_citation_author.identifier_ORCID 
primary 'Wu, H.'            1  ? 
primary 'Lustbader, J.W.'   2  ? 
primary 'Liu, Y.'           3  ? 
primary 'Canfield, R.E.'    4  ? 
primary 'Hendrickson, W.A.' 5  ? 
1       'Lustbader, J.W.'   6  ? 
1       'Wu, H.'            7  ? 
1       'Birken, S.'        8  ? 
1       'Pollak, S.'        9  ? 
1       'Kolks, M.A.G.'     10 ? 
1       'Pound, A.M.'       11 ? 
1       'Austin, D.'        12 ? 
1       'Hendrickson, W.A.' 13 ? 
1       'Canfield, R.E.'    14 ? 
# 
loop_
_entity.id 
_entity.type 
_entity.src_method 
_entity.pdbx_description 
_entity.formula_weight 
_entity.pdbx_number_of_molecules 
_entity.pdbx_ec 
_entity.pdbx_mutation 
_entity.pdbx_fragment 
_entity.details 
1 polymer     man 'HUMAN CHORIONIC GONADOTROPIN'           10217.769 1  ? ? ? ? 
2 polymer     man 'HUMAN CHORIONIC GONADOTROPIN'           15548.979 1  ? ? ? ? 
3 non-polymer man 2-acetamido-2-deoxy-beta-D-glucopyranose 221.208   2  ? ? ? ? 
4 water       nat water                                    18.015    63 ? ? ? ? 
# 
loop_
_entity_poly.entity_id 
_entity_poly.type 
_entity_poly.nstd_linkage 
_entity_poly.nstd_monomer 
_entity_poly.pdbx_seq_one_letter_code 
_entity_poly.pdbx_seq_one_letter_code_can 
_entity_poly.pdbx_strand_id 
_entity_poly.pdbx_target_identifier 
1 'polypeptide(L)' no no 
;APDVQDCPECTLQENPFFSQPGAPILQCMGCCFSRAYPTPLRSKKTMLVQKNVTSESTCCVAKSYNRVTVMGGFKVENHT
ACHCSTCYYHKS
;
;APDVQDCPECTLQENPFFSQPGAPILQCMGCCFSRAYPTPLRSKKTMLVQKNVTSESTCCVAKSYNRVTVMGGFKVENHT
ACHCSTCYYHKS
;
A ? 
2 'polypeptide(L)' no no 
;SKEPLRPRCRPINATLAVEKEGCPVCITVNTTICAGYCPTMTRVLQGVLPALPQVVCNYRDVRFESIRLPGCPRGVNPVV
SYAVALSCQCALCRRSTTDCGGPKDHPLTCDDPRFQDSSSSKAPPPSLPSPSRLPGPSDTPILPQ
;
;SKEPLRPRCRPINATLAVEKEGCPVCITVNTTICAGYCPTMTRVLQGVLPALPQVVCNYRDVRFESIRLPGCPRGVNPVV
SYAVALSCQCALCRRSTTDCGGPKDHPLTCDDPRFQDSSSSKAPPPSLPSPSRLPGPSDTPILPQ
;
B ? 
# 
loop_
_pdbx_entity_nonpoly.entity_id 
_pdbx_entity_nonpoly.name 
_pdbx_entity_nonpoly.comp_id 
3 2-acetamido-2-deoxy-beta-D-glucopyranose NAG 
4 water                                    HOH 
# 
loop_
_entity_poly_seq.entity_id 
_entity_poly_seq.num 
_entity_poly_seq.mon_id 
_entity_poly_seq.hetero 
1 1   ALA n 
1 2   PRO n 
1 3   ASP n 
1 4   VAL n 
1 5   GLN n 
1 6   ASP n 
1 7   CYS n 
1 8   PRO n 
1 9   GLU n 
1 10  CYS n 
1 11  THR n 
1 12  LEU n 
1 13  GLN n 
1 14  GLU n 
1 15  ASN n 
1 16  PRO n 
1 17  PHE n 
1 18  PHE n 
1 19  SER n 
1 20  GLN n 
1 21  PRO n 
1 22  GLY n 
1 23  ALA n 
1 24  PRO n 
1 25  ILE n 
1 26  LEU n 
1 27  GLN n 
1 28  CYS n 
1 29  MET n 
1 30  GLY n 
1 31  CYS n 
1 32  CYS n 
1 33  PHE n 
1 34  SER n 
1 35  ARG n 
1 36  ALA n 
1 37  TYR n 
1 38  PRO n 
1 39  THR n 
1 40  PRO n 
1 41  LEU n 
1 42  ARG n 
1 43  SER n 
1 44  LYS n 
1 45  LYS n 
1 46  THR n 
1 47  MET n 
1 48  LEU n 
1 49  VAL n 
1 50  GLN n 
1 51  LYS n 
1 52  ASN n 
1 53  VAL n 
1 54  THR n 
1 55  SER n 
1 56  GLU n 
1 57  SER n 
1 58  THR n 
1 59  CYS n 
1 60  CYS n 
1 61  VAL n 
1 62  ALA n 
1 63  LYS n 
1 64  SER n 
1 65  TYR n 
1 66  ASN n 
1 67  ARG n 
1 68  VAL n 
1 69  THR n 
1 70  VAL n 
1 71  MET n 
1 72  GLY n 
1 73  GLY n 
1 74  PHE n 
1 75  LYS n 
1 76  VAL n 
1 77  GLU n 
1 78  ASN n 
1 79  HIS n 
1 80  THR n 
1 81  ALA n 
1 82  CYS n 
1 83  HIS n 
1 84  CYS n 
1 85  SER n 
1 86  THR n 
1 87  CYS n 
1 88  TYR n 
1 89  TYR n 
1 90  HIS n 
1 91  LYS n 
1 92  SER n 
2 1   SER n 
2 2   LYS n 
2 3   GLU n 
2 4   PRO n 
2 5   LEU n 
2 6   ARG n 
2 7   PRO n 
2 8   ARG n 
2 9   CYS n 
2 10  ARG n 
2 11  PRO n 
2 12  ILE n 
2 13  ASN n 
2 14  ALA n 
2 15  THR n 
2 16  LEU n 
2 17  ALA n 
2 18  VAL n 
2 19  GLU n 
2 20  LYS n 
2 21  GLU n 
2 22  GLY n 
2 23  CYS n 
2 24  PRO n 
2 25  VAL n 
2 26  CYS n 
2 27  ILE n 
2 28  THR n 
2 29  VAL n 
2 30  ASN n 
2 31  THR n 
2 32  THR n 
2 33  ILE n 
2 34  CYS n 
2 35  ALA n 
2 36  GLY n 
2 37  TYR n 
2 38  CYS n 
2 39  PRO n 
2 40  THR n 
2 41  MET n 
2 42  THR n 
2 43  ARG n 
2 44  VAL n 
2 45  LEU n 
2 46  GLN n 
2 47  GLY n 
2 48  VAL n 
2 49  LEU n 
2 50  PRO n 
2 51  ALA n 
2 52  LEU n 
2 53  PRO n 
2 54  GLN n 
2 55  VAL n 
2 56  VAL n 
2 57  CYS n 
2 58  ASN n 
2 59  TYR n 
2 60  ARG n 
2 61  ASP n 
2 62  VAL n 
2 63  ARG n 
2 64  PHE n 
2 65  GLU n 
2 66  SER n 
2 67  ILE n 
2 68  ARG n 
2 69  LEU n 
2 70  PRO n 
2 71  GLY n 
2 72  CYS n 
2 73  PRO n 
2 74  ARG n 
2 75  GLY n 
2 76  VAL n 
2 77  ASN n 
2 78  PRO n 
2 79  VAL n 
2 80  VAL n 
2 81  SER n 
2 82  TYR n 
2 83  ALA n 
2 84  VAL n 
2 85  ALA n 
2 86  LEU n 
2 87  SER n 
2 88  CYS n 
2 89  GLN n 
2 90  CYS n 
2 91  ALA n 
2 92  LEU n 
2 93  CYS n 
2 94  ARG n 
2 95  ARG n 
2 96  SER n 
2 97  THR n 
2 98  THR n 
2 99  ASP n 
2 100 CYS n 
2 101 GLY n 
2 102 GLY n 
2 103 PRO n 
2 104 LYS n 
2 105 ASP n 
2 106 HIS n 
2 107 PRO n 
2 108 LEU n 
2 109 THR n 
2 110 CYS n 
2 111 ASP n 
2 112 ASP n 
2 113 PRO n 
2 114 ARG n 
2 115 PHE n 
2 116 GLN n 
2 117 ASP n 
2 118 SER n 
2 119 SER n 
2 120 SER n 
2 121 SER n 
2 122 LYS n 
2 123 ALA n 
2 124 PRO n 
2 125 PRO n 
2 126 PRO n 
2 127 SER n 
2 128 LEU n 
2 129 PRO n 
2 130 SER n 
2 131 PRO n 
2 132 SER n 
2 133 ARG n 
2 134 LEU n 
2 135 PRO n 
2 136 GLY n 
2 137 PRO n 
2 138 SER n 
2 139 ASP n 
2 140 THR n 
2 141 PRO n 
2 142 ILE n 
2 143 LEU n 
2 144 PRO n 
2 145 GLN n 
# 
_entity_src_gen.entity_id                          1 
_entity_src_gen.pdbx_src_id                        1 
_entity_src_gen.pdbx_alt_source_flag               sample 
_entity_src_gen.pdbx_seq_type                      ? 
_entity_src_gen.pdbx_beg_seq_num                   ? 
_entity_src_gen.pdbx_end_seq_num                   ? 
_entity_src_gen.gene_src_common_name               human 
_entity_src_gen.gene_src_genus                     ? 
_entity_src_gen.pdbx_gene_src_gene                 ? 
_entity_src_gen.gene_src_species                   ? 
_entity_src_gen.gene_src_strain                    ? 
_entity_src_gen.gene_src_tissue                    ? 
_entity_src_gen.gene_src_tissue_fraction           ? 
_entity_src_gen.gene_src_details                   ? 
_entity_src_gen.pdbx_gene_src_fragment             ? 
_entity_src_gen.pdbx_gene_src_scientific_name      'Homo sapiens' 
_entity_src_gen.pdbx_gene_src_ncbi_taxonomy_id     9606 
_entity_src_gen.pdbx_gene_src_variant              ? 
_entity_src_gen.pdbx_gene_src_cell_line            ? 
_entity_src_gen.pdbx_gene_src_atcc                 ? 
_entity_src_gen.pdbx_gene_src_organ                ? 
_entity_src_gen.pdbx_gene_src_organelle            ? 
_entity_src_gen.pdbx_gene_src_cell                 ? 
_entity_src_gen.pdbx_gene_src_cellular_location    ? 
_entity_src_gen.host_org_common_name               ? 
_entity_src_gen.pdbx_host_org_scientific_name      ? 
_entity_src_gen.pdbx_host_org_ncbi_taxonomy_id     ? 
_entity_src_gen.host_org_genus                     ? 
_entity_src_gen.pdbx_host_org_gene                 ? 
_entity_src_gen.pdbx_host_org_organ                ? 
_entity_src_gen.host_org_species                   ? 
_entity_src_gen.pdbx_host_org_tissue               ? 
_entity_src_gen.pdbx_host_org_tissue_fraction      ? 
_entity_src_gen.pdbx_host_org_strain               ? 
_entity_src_gen.pdbx_host_org_variant              ? 
_entity_src_gen.pdbx_host_org_cell_line            ? 
_entity_src_gen.pdbx_host_org_atcc                 ? 
_entity_src_gen.pdbx_host_org_culture_collection   ? 
_entity_src_gen.pdbx_host_org_cell                 ? 
_entity_src_gen.pdbx_host_org_organelle            ? 
_entity_src_gen.pdbx_host_org_cellular_location    ? 
_entity_src_gen.pdbx_host_org_vector_type          ? 
_entity_src_gen.pdbx_host_org_vector               ? 
_entity_src_gen.host_org_details                   ? 
_entity_src_gen.expression_system_id               ? 
_entity_src_gen.plasmid_name                       ? 
_entity_src_gen.plasmid_details                    ? 
_entity_src_gen.pdbx_description                   ? 
# 
loop_
_chem_comp.id 
_chem_comp.type 
_chem_comp.mon_nstd_flag 
_chem_comp.name 
_chem_comp.pdbx_synonyms 
_chem_comp.formula 
_chem_comp.formula_weight 
ALA 'L-peptide linking'          y ALANINE                                  ? 'C3 H7 N O2'     89.093  
ARG 'L-peptide linking'          y ARGININE                                 ? 'C6 H15 N4 O2 1' 175.209 
ASN 'L-peptide linking'          y ASPARAGINE                               ? 'C4 H8 N2 O3'    132.118 
ASP 'L-peptide linking'          y 'ASPARTIC ACID'                          ? 'C4 H7 N O4'     133.103 
CYS 'L-peptide linking'          y CYSTEINE                                 ? 'C3 H7 N O2 S'   121.158 
GLN 'L-peptide linking'          y GLUTAMINE                                ? 'C5 H10 N2 O3'   146.144 
GLU 'L-peptide linking'          y 'GLUTAMIC ACID'                          ? 'C5 H9 N O4'     147.129 
GLY 'peptide linking'            y GLYCINE                                  ? 'C2 H5 N O2'     75.067  
HIS 'L-peptide linking'          y HISTIDINE                                ? 'C6 H10 N3 O2 1' 156.162 
HOH non-polymer                  . WATER                                    ? 'H2 O'           18.015  
ILE 'L-peptide linking'          y ISOLEUCINE                               ? 'C6 H13 N O2'    131.173 
LEU 'L-peptide linking'          y LEUCINE                                  ? 'C6 H13 N O2'    131.173 
LYS 'L-peptide linking'          y LYSINE                                   ? 'C6 H15 N2 O2 1' 147.195 
MET 'L-peptide linking'          y METHIONINE                               ? 'C5 H11 N O2 S'  149.211 
NAG 'D-saccharide, beta linking' . 2-acetamido-2-deoxy-beta-D-glucopyranose 
;N-acetyl-beta-D-glucosamine; 2-acetamido-2-deoxy-beta-D-glucose; 2-acetamido-2-deoxy-D-glucose; 2-acetamido-2-deoxy-glucose; N-ACETYL-D-GLUCOSAMINE
;
'C8 H15 N O6'    221.208 
PHE 'L-peptide linking'          y PHENYLALANINE                            ? 'C9 H11 N O2'    165.189 
PRO 'L-peptide linking'          y PROLINE                                  ? 'C5 H9 N O2'     115.130 
SER 'L-peptide linking'          y SERINE                                   ? 'C3 H7 N O3'     105.093 
THR 'L-peptide linking'          y THREONINE                                ? 'C4 H9 N O3'     119.119 
TYR 'L-peptide linking'          y TYROSINE                                 ? 'C9 H11 N O3'    181.189 
VAL 'L-peptide linking'          y VALINE                                   ? 'C5 H11 N O2'    117.146 
# 
loop_
_pdbx_chem_comp_identifier.comp_id 
_pdbx_chem_comp_identifier.type 
_pdbx_chem_comp_identifier.program 
_pdbx_chem_comp_identifier.program_version 
_pdbx_chem_comp_identifier.identifier 
NAG 'CONDENSED IUPAC CARBOHYDRATE SYMBOL' GMML     1.0 DGlcpNAcb                      
NAG 'COMMON NAME'                         GMML     1.0 N-acetyl-b-D-glucopyranosamine 
NAG 'IUPAC CARBOHYDRATE SYMBOL'           PDB-CARE 1.0 b-D-GlcpNAc                    
NAG 'SNFG CARBOHYDRATE SYMBOL'            GMML     1.0 GlcNAc                         
# 
loop_
_pdbx_poly_seq_scheme.asym_id 
_pdbx_poly_seq_scheme.entity_id 
_pdbx_poly_seq_scheme.seq_id 
_pdbx_poly_seq_scheme.mon_id 
_pdbx_poly_seq_scheme.ndb_seq_num 
_pdbx_poly_seq_scheme.pdb_seq_num 
_pdbx_poly_seq_scheme.auth_seq_num 
_pdbx_poly_seq_scheme.pdb_mon_id 
_pdbx_poly_seq_scheme.auth_mon_id 
_pdbx_poly_seq_scheme.pdb_strand_id 
_pdbx_poly_seq_scheme.pdb_ins_code 
_pdbx_poly_seq_scheme.hetero 
A 1 1   ALA 1   1   ?   ?   ?   A . n 
A 1 2   PRO 2   2   ?   ?   ?   A . n 
A 1 3   ASP 3   3   ?   ?   ?   A . n 
A 1 4   VAL 4   4   ?   ?   ?   A . n 
A 1 5   GLN 5   5   5   GLN GLN A . n 
A 1 6   ASP 6   6   6   ASP ASP A . n 
A 1 7   CYS 7   7   7   CYS CYS A . n 
A 1 8   PRO 8   8   8   PRO PRO A . n 
A 1 9   GLU 9   9   9   GLU GLU A . n 
A 1 10  CYS 10  10  10  CYS CYS A . n 
A 1 11  THR 11  11  11  THR THR A . n 
A 1 12  LEU 12  12  12  LEU LEU A . n 
A 1 13  GLN 13  13  13  GLN GLN A . n 
A 1 14  GLU 14  14  14  GLU GLU A . n 
A 1 15  ASN 15  15  15  ASN ASN A . n 
A 1 16  PRO 16  16  16  PRO PRO A . n 
A 1 17  PHE 17  17  17  PHE PHE A . n 
A 1 18  PHE 18  18  18  PHE PHE A . n 
A 1 19  SER 19  19  19  SER SER A . n 
A 1 20  GLN 20  20  20  GLN GLN A . n 
A 1 21  PRO 21  21  21  PRO PRO A . n 
A 1 22  GLY 22  22  22  GLY GLY A . n 
A 1 23  ALA 23  23  23  ALA ALA A . n 
A 1 24  PRO 24  24  24  PRO PRO A . n 
A 1 25  ILE 25  25  25  ILE ILE A . n 
A 1 26  LEU 26  26  26  LEU LEU A . n 
A 1 27  GLN 27  27  27  GLN GLN A . n 
A 1 28  CYS 28  28  28  CYS CYS A . n 
A 1 29  MET 29  29  29  MET MET A . n 
A 1 30  GLY 30  30  30  GLY GLY A . n 
A 1 31  CYS 31  31  31  CYS CYS A . n 
A 1 32  CYS 32  32  32  CYS CYS A . n 
A 1 33  PHE 33  33  33  PHE PHE A . n 
A 1 34  SER 34  34  34  SER SER A . n 
A 1 35  ARG 35  35  35  ARG ARG A . n 
A 1 36  ALA 36  36  36  ALA ALA A . n 
A 1 37  TYR 37  37  37  TYR TYR A . n 
A 1 38  PRO 38  38  38  PRO PRO A . n 
A 1 39  THR 39  39  39  THR THR A . n 
A 1 40  PRO 40  40  40  PRO PRO A . n 
A 1 41  LEU 41  41  41  LEU LEU A . n 
A 1 42  ARG 42  42  42  ARG ARG A . n 
A 1 43  SER 43  43  43  SER SER A . n 
A 1 44  LYS 44  44  44  LYS LYS A . n 
A 1 45  LYS 45  45  45  LYS LYS A . n 
A 1 46  THR 46  46  46  THR THR A . n 
A 1 47  MET 47  47  47  MET MET A . n 
A 1 48  LEU 48  48  48  LEU LEU A . n 
A 1 49  VAL 49  49  49  VAL VAL A . n 
A 1 50  GLN 50  50  50  GLN GLN A . n 
A 1 51  LYS 51  51  51  LYS LYS A . n 
A 1 52  ASN 52  52  52  ASN ASN A . n 
A 1 53  VAL 53  53  53  VAL VAL A . n 
A 1 54  THR 54  54  54  THR THR A . n 
A 1 55  SER 55  55  55  SER SER A . n 
A 1 56  GLU 56  56  56  GLU GLU A . n 
A 1 57  SER 57  57  57  SER SER A . n 
A 1 58  THR 58  58  58  THR THR A . n 
A 1 59  CYS 59  59  59  CYS CYS A . n 
A 1 60  CYS 60  60  60  CYS CYS A . n 
A 1 61  VAL 61  61  61  VAL VAL A . n 
A 1 62  ALA 62  62  62  ALA ALA A . n 
A 1 63  LYS 63  63  63  LYS LYS A . n 
A 1 64  SER 64  64  64  SER SER A . n 
A 1 65  TYR 65  65  65  TYR TYR A . n 
A 1 66  ASN 66  66  66  ASN ASN A . n 
A 1 67  ARG 67  67  67  ARG ARG A . n 
A 1 68  VAL 68  68  68  VAL VAL A . n 
A 1 69  THR 69  69  69  THR THR A . n 
A 1 70  VAL 70  70  70  VAL VAL A . n 
A 1 71  MET 71  71  71  MET MET A . n 
A 1 72  GLY 72  72  72  GLY GLY A . n 
A 1 73  GLY 73  73  73  GLY GLY A . n 
A 1 74  PHE 74  74  74  PHE PHE A . n 
A 1 75  LYS 75  75  75  LYS LYS A . n 
A 1 76  VAL 76  76  76  VAL VAL A . n 
A 1 77  GLU 77  77  77  GLU GLU A . n 
A 1 78  ASN 78  78  78  ASN ASN A . n 
A 1 79  HIS 79  79  79  HIS HIS A . n 
A 1 80  THR 80  80  80  THR THR A . n 
A 1 81  ALA 81  81  81  ALA ALA A . n 
A 1 82  CYS 82  82  82  CYS CYS A . n 
A 1 83  HIS 83  83  83  HIS HIS A . n 
A 1 84  CYS 84  84  84  CYS CYS A . n 
A 1 85  SER 85  85  85  SER SER A . n 
A 1 86  THR 86  86  86  THR THR A . n 
A 1 87  CYS 87  87  87  CYS CYS A . n 
A 1 88  TYR 88  88  88  TYR TYR A . n 
A 1 89  TYR 89  89  89  TYR TYR A . n 
A 1 90  HIS 90  90  ?   ?   ?   A . n 
A 1 91  LYS 91  91  ?   ?   ?   A . n 
A 1 92  SER 92  92  ?   ?   ?   A . n 
B 2 1   SER 1   1   ?   ?   ?   B . n 
B 2 2   LYS 2   2   2   LYS LYS B . n 
B 2 3   GLU 3   3   3   GLU GLU B . n 
B 2 4   PRO 4   4   4   PRO PRO B . n 
B 2 5   LEU 5   5   5   LEU LEU B . n 
B 2 6   ARG 6   6   6   ARG ARG B . n 
B 2 7   PRO 7   7   7   PRO PRO B . n 
B 2 8   ARG 8   8   8   ARG ARG B . n 
B 2 9   CYS 9   9   9   CYS CYS B . n 
B 2 10  ARG 10  10  10  ARG ARG B . n 
B 2 11  PRO 11  11  11  PRO PRO B . n 
B 2 12  ILE 12  12  12  ILE ILE B . n 
B 2 13  ASN 13  13  13  ASN ASN B . n 
B 2 14  ALA 14  14  14  ALA ALA B . n 
B 2 15  THR 15  15  15  THR THR B . n 
B 2 16  LEU 16  16  16  LEU LEU B . n 
B 2 17  ALA 17  17  17  ALA ALA B . n 
B 2 18  VAL 18  18  18  VAL VAL B . n 
B 2 19  GLU 19  19  19  GLU GLU B . n 
B 2 20  LYS 20  20  20  LYS LYS B . n 
B 2 21  GLU 21  21  21  GLU GLU B . n 
B 2 22  GLY 22  22  22  GLY GLY B . n 
B 2 23  CYS 23  23  23  CYS CYS B . n 
B 2 24  PRO 24  24  24  PRO PRO B . n 
B 2 25  VAL 25  25  25  VAL VAL B . n 
B 2 26  CYS 26  26  26  CYS CYS B . n 
B 2 27  ILE 27  27  27  ILE ILE B . n 
B 2 28  THR 28  28  28  THR THR B . n 
B 2 29  VAL 29  29  29  VAL VAL B . n 
B 2 30  ASN 30  30  30  ASN ASN B . n 
B 2 31  THR 31  31  31  THR THR B . n 
B 2 32  THR 32  32  32  THR THR B . n 
B 2 33  ILE 33  33  33  ILE ILE B . n 
B 2 34  CYS 34  34  34  CYS CYS B . n 
B 2 35  ALA 35  35  35  ALA ALA B . n 
B 2 36  GLY 36  36  36  GLY GLY B . n 
B 2 37  TYR 37  37  37  TYR TYR B . n 
B 2 38  CYS 38  38  38  CYS CYS B . n 
B 2 39  PRO 39  39  39  PRO PRO B . n 
B 2 40  THR 40  40  40  THR THR B . n 
B 2 41  MET 41  41  41  MET MET B . n 
B 2 42  THR 42  42  42  THR THR B . n 
B 2 43  ARG 43  43  43  ARG ARG B . n 
B 2 44  VAL 44  44  44  VAL VAL B . n 
B 2 45  LEU 45  45  45  LEU LEU B . n 
B 2 46  GLN 46  46  46  GLN GLN B . n 
B 2 47  GLY 47  47  47  GLY GLY B . n 
B 2 48  VAL 48  48  48  VAL VAL B . n 
B 2 49  LEU 49  49  49  LEU LEU B . n 
B 2 50  PRO 50  50  50  PRO PRO B . n 
B 2 51  ALA 51  51  51  ALA ALA B . n 
B 2 52  LEU 52  52  52  LEU LEU B . n 
B 2 53  PRO 53  53  53  PRO PRO B . n 
B 2 54  GLN 54  54  54  GLN GLN B . n 
B 2 55  VAL 55  55  55  VAL VAL B . n 
B 2 56  VAL 56  56  56  VAL VAL B . n 
B 2 57  CYS 57  57  57  CYS CYS B . n 
B 2 58  ASN 58  58  58  ASN ASN B . n 
B 2 59  TYR 59  59  59  TYR TYR B . n 
B 2 60  ARG 60  60  60  ARG ARG B . n 
B 2 61  ASP 61  61  61  ASP ASP B . n 
B 2 62  VAL 62  62  62  VAL VAL B . n 
B 2 63  ARG 63  63  63  ARG ARG B . n 
B 2 64  PHE 64  64  64  PHE PHE B . n 
B 2 65  GLU 65  65  65  GLU GLU B . n 
B 2 66  SER 66  66  66  SER SER B . n 
B 2 67  ILE 67  67  67  ILE ILE B . n 
B 2 68  ARG 68  68  68  ARG ARG B . n 
B 2 69  LEU 69  69  69  LEU LEU B . n 
B 2 70  PRO 70  70  70  PRO PRO B . n 
B 2 71  GLY 71  71  71  GLY GLY B . n 
B 2 72  CYS 72  72  72  CYS CYS B . n 
B 2 73  PRO 73  73  73  PRO PRO B . n 
B 2 74  ARG 74  74  74  ARG ARG B . n 
B 2 75  GLY 75  75  75  GLY GLY B . n 
B 2 76  VAL 76  76  76  VAL VAL B . n 
B 2 77  ASN 77  77  77  ASN ASN B . n 
B 2 78  PRO 78  78  78  PRO PRO B . n 
B 2 79  VAL 79  79  79  VAL VAL B . n 
B 2 80  VAL 80  80  80  VAL VAL B . n 
B 2 81  SER 81  81  81  SER SER B . n 
B 2 82  TYR 82  82  82  TYR TYR B . n 
B 2 83  ALA 83  83  83  ALA ALA B . n 
B 2 84  VAL 84  84  84  VAL VAL B . n 
B 2 85  ALA 85  85  85  ALA ALA B . n 
B 2 86  LEU 86  86  86  LEU LEU B . n 
B 2 87  SER 87  87  87  SER SER B . n 
B 2 88  CYS 88  88  88  CYS CYS B . n 
B 2 89  GLN 89  89  89  GLN GLN B . n 
B 2 90  CYS 90  90  90  CYS CYS B . n 
B 2 91  ALA 91  91  91  ALA ALA B . n 
B 2 92  LEU 92  92  92  LEU LEU B . n 
B 2 93  CYS 93  93  93  CYS CYS B . n 
B 2 94  ARG 94  94  94  ARG ARG B . n 
B 2 95  ARG 95  95  95  ARG ARG B . n 
B 2 96  SER 96  96  96  SER SER B . n 
B 2 97  THR 97  97  97  THR THR B . n 
B 2 98  THR 98  98  98  THR THR B . n 
B 2 99  ASP 99  99  99  ASP ASP B . n 
B 2 100 CYS 100 100 100 CYS CYS B . n 
B 2 101 GLY 101 101 101 GLY GLY B . n 
B 2 102 GLY 102 102 102 GLY GLY B . n 
B 2 103 PRO 103 103 103 PRO PRO B . n 
B 2 104 LYS 104 104 104 LYS LYS B . n 
B 2 105 ASP 105 105 105 ASP ASP B . n 
B 2 106 HIS 106 106 106 HIS HIS B . n 
B 2 107 PRO 107 107 107 PRO PRO B . n 
B 2 108 LEU 108 108 108 LEU LEU B . n 
B 2 109 THR 109 109 109 THR THR B . n 
B 2 110 CYS 110 110 110 CYS CYS B . n 
B 2 111 ASP 111 111 111 ASP ASP B . n 
B 2 112 ASP 112 112 ?   ?   ?   B . n 
B 2 113 PRO 113 113 ?   ?   ?   B . n 
B 2 114 ARG 114 114 ?   ?   ?   B . n 
B 2 115 PHE 115 115 ?   ?   ?   B . n 
B 2 116 GLN 116 116 ?   ?   ?   B . n 
B 2 117 ASP 117 117 ?   ?   ?   B . n 
B 2 118 SER 118 118 ?   ?   ?   B . n 
B 2 119 SER 119 119 ?   ?   ?   B . n 
B 2 120 SER 120 120 ?   ?   ?   B . n 
B 2 121 SER 121 121 ?   ?   ?   B . n 
B 2 122 LYS 122 122 ?   ?   ?   B . n 
B 2 123 ALA 123 123 ?   ?   ?   B . n 
B 2 124 PRO 124 124 ?   ?   ?   B . n 
B 2 125 PRO 125 125 ?   ?   ?   B . n 
B 2 126 PRO 126 126 ?   ?   ?   B . n 
B 2 127 SER 127 127 ?   ?   ?   B . n 
B 2 128 LEU 128 128 ?   ?   ?   B . n 
B 2 129 PRO 129 129 ?   ?   ?   B . n 
B 2 130 SER 130 130 ?   ?   ?   B . n 
B 2 131 PRO 131 131 ?   ?   ?   B . n 
B 2 132 SER 132 132 ?   ?   ?   B . n 
B 2 133 ARG 133 133 ?   ?   ?   B . n 
B 2 134 LEU 134 134 ?   ?   ?   B . n 
B 2 135 PRO 135 135 ?   ?   ?   B . n 
B 2 136 GLY 136 136 ?   ?   ?   B . n 
B 2 137 PRO 137 137 ?   ?   ?   B . n 
B 2 138 SER 138 138 ?   ?   ?   B . n 
B 2 139 ASP 139 139 ?   ?   ?   B . n 
B 2 140 THR 140 140 ?   ?   ?   B . n 
B 2 141 PRO 141 141 ?   ?   ?   B . n 
B 2 142 ILE 142 142 ?   ?   ?   B . n 
B 2 143 LEU 143 143 ?   ?   ?   B . n 
B 2 144 PRO 144 144 ?   ?   ?   B . n 
B 2 145 GLN 145 145 ?   ?   ?   B . n 
# 
loop_
_pdbx_nonpoly_scheme.asym_id 
_pdbx_nonpoly_scheme.entity_id 
_pdbx_nonpoly_scheme.mon_id 
_pdbx_nonpoly_scheme.ndb_seq_num 
_pdbx_nonpoly_scheme.pdb_seq_num 
_pdbx_nonpoly_scheme.auth_seq_num 
_pdbx_nonpoly_scheme.pdb_mon_id 
_pdbx_nonpoly_scheme.auth_mon_id 
_pdbx_nonpoly_scheme.pdb_strand_id 
_pdbx_nonpoly_scheme.pdb_ins_code 
C 3 NAG 1  93  52  NAG NAG A . 
D 3 NAG 1  94  78  NAG NAG A . 
E 4 HOH 1  302 302 HOH HOH A . 
E 4 HOH 2  307 307 HOH HOH A . 
E 4 HOH 3  309 309 HOH HOH A . 
E 4 HOH 4  313 313 HOH HOH A . 
E 4 HOH 5  319 319 HOH HOH A . 
E 4 HOH 6  320 320 HOH HOH A . 
E 4 HOH 7  321 321 HOH HOH A . 
E 4 HOH 8  323 323 HOH HOH A . 
E 4 HOH 9  325 325 HOH HOH A . 
E 4 HOH 10 326 326 HOH HOH A . 
E 4 HOH 11 331 331 HOH HOH A . 
E 4 HOH 12 334 334 HOH HOH A . 
E 4 HOH 13 338 338 HOH HOH A . 
E 4 HOH 14 339 339 HOH HOH A . 
E 4 HOH 15 343 343 HOH HOH A . 
E 4 HOH 16 345 345 HOH HOH A . 
E 4 HOH 17 346 346 HOH HOH A . 
E 4 HOH 18 347 347 HOH HOH A . 
E 4 HOH 19 348 348 HOH HOH A . 
E 4 HOH 20 350 350 HOH HOH A . 
E 4 HOH 21 353 353 HOH HOH A . 
E 4 HOH 22 355 355 HOH HOH A . 
E 4 HOH 23 356 356 HOH HOH A . 
F 4 HOH 1  301 301 HOH HOH B . 
F 4 HOH 2  303 303 HOH HOH B . 
F 4 HOH 3  304 304 HOH HOH B . 
F 4 HOH 4  305 305 HOH HOH B . 
F 4 HOH 5  306 306 HOH HOH B . 
F 4 HOH 6  308 308 HOH HOH B . 
F 4 HOH 7  310 310 HOH HOH B . 
F 4 HOH 8  311 311 HOH HOH B . 
F 4 HOH 9  312 312 HOH HOH B . 
F 4 HOH 10 314 314 HOH HOH B . 
F 4 HOH 11 315 315 HOH HOH B . 
F 4 HOH 12 316 316 HOH HOH B . 
F 4 HOH 13 317 317 HOH HOH B . 
F 4 HOH 14 318 318 HOH HOH B . 
F 4 HOH 15 322 322 HOH HOH B . 
F 4 HOH 16 324 324 HOH HOH B . 
F 4 HOH 17 327 327 HOH HOH B . 
F 4 HOH 18 328 328 HOH HOH B . 
F 4 HOH 19 329 329 HOH HOH B . 
F 4 HOH 20 330 330 HOH HOH B . 
F 4 HOH 21 332 332 HOH HOH B . 
F 4 HOH 22 333 333 HOH HOH B . 
F 4 HOH 23 335 335 HOH HOH B . 
F 4 HOH 24 336 336 HOH HOH B . 
F 4 HOH 25 337 337 HOH HOH B . 
F 4 HOH 26 340 340 HOH HOH B . 
F 4 HOH 27 341 341 HOH HOH B . 
F 4 HOH 28 342 342 HOH HOH B . 
F 4 HOH 29 344 344 HOH HOH B . 
F 4 HOH 30 349 349 HOH HOH B . 
F 4 HOH 31 351 351 HOH HOH B . 
F 4 HOH 32 352 352 HOH HOH B . 
F 4 HOH 33 354 354 HOH HOH B . 
F 4 HOH 34 357 357 HOH HOH B . 
F 4 HOH 35 358 358 HOH HOH B . 
F 4 HOH 36 359 359 HOH HOH B . 
F 4 HOH 37 360 360 HOH HOH B . 
F 4 HOH 38 361 361 HOH HOH B . 
F 4 HOH 39 362 362 HOH HOH B . 
F 4 HOH 40 363 363 HOH HOH B . 
# 
loop_
_pdbx_unobs_or_zero_occ_atoms.id 
_pdbx_unobs_or_zero_occ_atoms.PDB_model_num 
_pdbx_unobs_or_zero_occ_atoms.polymer_flag 
_pdbx_unobs_or_zero_occ_atoms.occupancy_flag 
_pdbx_unobs_or_zero_occ_atoms.auth_asym_id 
_pdbx_unobs_or_zero_occ_atoms.auth_comp_id 
_pdbx_unobs_or_zero_occ_atoms.auth_seq_id 
_pdbx_unobs_or_zero_occ_atoms.PDB_ins_code 
_pdbx_unobs_or_zero_occ_atoms.auth_atom_id 
_pdbx_unobs_or_zero_occ_atoms.label_alt_id 
_pdbx_unobs_or_zero_occ_atoms.label_asym_id 
_pdbx_unobs_or_zero_occ_atoms.label_comp_id 
_pdbx_unobs_or_zero_occ_atoms.label_seq_id 
_pdbx_unobs_or_zero_occ_atoms.label_atom_id 
1  1 Y 0 A TYR 88  ? CG  ? A TYR 88  CG  
2  1 Y 0 A TYR 88  ? CD1 ? A TYR 88  CD1 
3  1 Y 0 A TYR 88  ? CD2 ? A TYR 88  CD2 
4  1 Y 0 A TYR 88  ? CE1 ? A TYR 88  CE1 
5  1 Y 0 A TYR 88  ? CE2 ? A TYR 88  CE2 
6  1 Y 0 A TYR 88  ? CZ  ? A TYR 88  CZ  
7  1 Y 0 A TYR 88  ? OH  ? A TYR 88  OH  
8  1 Y 1 A TYR 89  ? CG  ? A TYR 89  CG  
9  1 Y 1 A TYR 89  ? CD1 ? A TYR 89  CD1 
10 1 Y 1 A TYR 89  ? CD2 ? A TYR 89  CD2 
11 1 Y 1 A TYR 89  ? CE1 ? A TYR 89  CE1 
12 1 Y 1 A TYR 89  ? CE2 ? A TYR 89  CE2 
13 1 Y 1 A TYR 89  ? CZ  ? A TYR 89  CZ  
14 1 Y 1 A TYR 89  ? OH  ? A TYR 89  OH  
15 1 Y 1 B LYS 2   ? CG  ? B LYS 2   CG  
16 1 Y 1 B LYS 2   ? CD  ? B LYS 2   CD  
17 1 Y 1 B LYS 2   ? CE  ? B LYS 2   CE  
18 1 Y 1 B LYS 2   ? NZ  ? B LYS 2   NZ  
19 1 Y 1 B ASP 111 ? CG  ? B ASP 111 CG  
20 1 Y 1 B ASP 111 ? OD1 ? B ASP 111 OD1 
21 1 Y 1 B ASP 111 ? OD2 ? B ASP 111 OD2 
# 
loop_
_software.name 
_software.classification 
_software.version 
_software.citation_id 
_software.pdbx_ordinal 
X-PLOR 'model building' . ? 1 
PROLSQ refinement       . ? 2 
X-PLOR refinement       . ? 3 
X-PLOR phasing          . ? 4 
# 
_cell.entry_id           1HCN 
_cell.length_a           85.100 
_cell.length_b           85.100 
_cell.length_c           177.700 
_cell.angle_alpha        90.00 
_cell.angle_beta         90.00 
_cell.angle_gamma        120.00 
_cell.Z_PDB              12 
_cell.pdbx_unique_axis   ? 
# 
_symmetry.entry_id                         1HCN 
_symmetry.space_group_name_H-M             'P 65 2 2' 
_symmetry.pdbx_full_space_group_name_H-M   ? 
_symmetry.cell_setting                     ? 
_symmetry.Int_Tables_number                179 
# 
_exptl.entry_id          1HCN 
_exptl.method            'X-RAY DIFFRACTION' 
_exptl.crystals_number   ? 
# 
_exptl_crystal.id                    1 
_exptl_crystal.density_meas          ? 
_exptl_crystal.density_Matthews      3.60 
_exptl_crystal.density_percent_sol   65.84 
_exptl_crystal.description           ? 
# 
_diffrn.id                     1 
_diffrn.ambient_temp           ? 
_diffrn.ambient_temp_details   ? 
_diffrn.crystal_id             1 
# 
_diffrn_radiation.diffrn_id                        1 
_diffrn_radiation.wavelength_id                    1 
_diffrn_radiation.pdbx_monochromatic_or_laue_m_l   ? 
_diffrn_radiation.monochromator                    ? 
_diffrn_radiation.pdbx_diffrn_protocol             ? 
_diffrn_radiation.pdbx_scattering_type             x-ray 
# 
_diffrn_radiation_wavelength.id           1 
_diffrn_radiation_wavelength.wavelength   . 
_diffrn_radiation_wavelength.wt           1.0 
# 
_refine.entry_id                                 1HCN 
_refine.ls_number_reflns_obs                     8876 
_refine.ls_number_reflns_all                     ? 
_refine.pdbx_ls_sigma_I                          ? 
_refine.pdbx_ls_sigma_F                          3.0 
_refine.pdbx_data_cutoff_high_absF               ? 
_refine.pdbx_data_cutoff_low_absF                ? 
_refine.pdbx_data_cutoff_high_rms_absF           ? 
_refine.ls_d_res_low                             5.0 
_refine.ls_d_res_high                            2.6 
_refine.ls_percent_reflns_obs                    ? 
_refine.ls_R_factor_obs                          0.199 
_refine.ls_R_factor_all                          ? 
_refine.ls_R_factor_R_work                       0.199 
_refine.ls_R_factor_R_free                       ? 
_refine.ls_R_factor_R_free_error                 ? 
_refine.ls_R_factor_R_free_error_details         ? 
_refine.ls_percent_reflns_R_free                 ? 
_refine.ls_number_reflns_R_free                  ? 
_refine.ls_number_parameters                     ? 
_refine.ls_number_restraints                     ? 
_refine.occupancy_min                            ? 
_refine.occupancy_max                            ? 
_refine.B_iso_mean                               ? 
_refine.aniso_B[1][1]                            ? 
_refine.aniso_B[2][2]                            ? 
_refine.aniso_B[3][3]                            ? 
_refine.aniso_B[1][2]                            ? 
_refine.aniso_B[1][3]                            ? 
_refine.aniso_B[2][3]                            ? 
_refine.solvent_model_details                    ? 
_refine.solvent_model_param_ksol                 ? 
_refine.solvent_model_param_bsol                 ? 
_refine.pdbx_ls_cross_valid_method               ? 
_refine.details                                  
;HOH 301 MIGHT BE SO4, BUT NO ATTEMPT WAS MADE TO MODEL
IT AS S04.
;
_refine.pdbx_starting_model                      ? 
_refine.pdbx_method_to_determine_struct          ? 
_refine.pdbx_isotropic_thermal_model             ? 
_refine.pdbx_stereochemistry_target_values       ? 
_refine.pdbx_stereochem_target_val_spec_case     ? 
_refine.pdbx_R_Free_selection_details            ? 
_refine.pdbx_overall_ESU_R                       ? 
_refine.pdbx_overall_ESU_R_Free                  ? 
_refine.overall_SU_ML                            ? 
_refine.overall_SU_B                             ? 
_refine.pdbx_refine_id                           'X-RAY DIFFRACTION' 
_refine.pdbx_diffrn_id                           1 
_refine.pdbx_TLS_residual_ADP_flag               ? 
_refine.correlation_coeff_Fo_to_Fc               ? 
_refine.correlation_coeff_Fo_to_Fc_free          ? 
_refine.pdbx_solvent_vdw_probe_radii             ? 
_refine.pdbx_solvent_ion_probe_radii             ? 
_refine.pdbx_solvent_shrinkage_radii             ? 
_refine.pdbx_overall_phase_error                 ? 
_refine.overall_SU_R_Cruickshank_DPI             ? 
_refine.pdbx_overall_SU_R_free_Cruickshank_DPI   ? 
_refine.pdbx_overall_SU_R_Blow_DPI               ? 
_refine.pdbx_overall_SU_R_free_Blow_DPI          ? 
# 
_refine_hist.pdbx_refine_id                   'X-RAY DIFFRACTION' 
_refine_hist.cycle_id                         LAST 
_refine_hist.pdbx_number_atoms_protein        1462 
_refine_hist.pdbx_number_atoms_nucleic_acid   0 
_refine_hist.pdbx_number_atoms_ligand         28 
_refine_hist.number_atoms_solvent             63 
_refine_hist.number_atoms_total               1553 
_refine_hist.d_res_high                       2.6 
_refine_hist.d_res_low                        5.0 
# 
loop_
_refine_ls_restr.type 
_refine_ls_restr.dev_ideal 
_refine_ls_restr.dev_ideal_target 
_refine_ls_restr.weight 
_refine_ls_restr.number 
_refine_ls_restr.pdbx_refine_id 
_refine_ls_restr.pdbx_restraint_function 
x_bond_d                0.017 ?     ? ? 'X-RAY DIFFRACTION' ? 
x_bond_d_na             ?     ?     ? ? 'X-RAY DIFFRACTION' ? 
x_bond_d_prot           ?     ?     ? ? 'X-RAY DIFFRACTION' ? 
x_angle_d               ?     ?     ? ? 'X-RAY DIFFRACTION' ? 
x_angle_d_na            ?     ?     ? ? 'X-RAY DIFFRACTION' ? 
x_angle_d_prot          ?     ?     ? ? 'X-RAY DIFFRACTION' ? 
x_angle_deg             2.3   ?     ? ? 'X-RAY DIFFRACTION' ? 
x_angle_deg_na          ?     ?     ? ? 'X-RAY DIFFRACTION' ? 
x_angle_deg_prot        ?     ?     ? ? 'X-RAY DIFFRACTION' ? 
x_dihedral_angle_d      ?     ?     ? ? 'X-RAY DIFFRACTION' ? 
x_dihedral_angle_d_na   ?     ?     ? ? 'X-RAY DIFFRACTION' ? 
x_dihedral_angle_d_prot ?     ?     ? ? 'X-RAY DIFFRACTION' ? 
x_improper_angle_d      ?     ?     ? ? 'X-RAY DIFFRACTION' ? 
x_improper_angle_d_na   ?     ?     ? ? 'X-RAY DIFFRACTION' ? 
x_improper_angle_d_prot ?     ?     ? ? 'X-RAY DIFFRACTION' ? 
x_mcbond_it             4.498 1.000 ? ? 'X-RAY DIFFRACTION' ? 
x_mcangle_it            6.832 1.500 ? ? 'X-RAY DIFFRACTION' ? 
x_scbond_it             5.124 1.500 ? ? 'X-RAY DIFFRACTION' ? 
x_scangle_it            7.713 2.000 ? ? 'X-RAY DIFFRACTION' ? 
# 
_struct.entry_id                  1HCN 
_struct.title                     
'STRUCTURE OF HUMAN CHORIONIC GONADOTROPIN AT 2.6 ANGSTROMS RESOLUTION FROM MAD ANALYSIS OF THE SELENOMETHIONYL PROTEIN' 
_struct.pdbx_model_details        ? 
_struct.pdbx_CASP_flag            ? 
_struct.pdbx_model_type_details   ? 
# 
_struct_keywords.entry_id        1HCN 
_struct_keywords.pdbx_keywords   HORMONE 
_struct_keywords.text            HORMONE 
# 
loop_
_struct_asym.id 
_struct_asym.pdbx_blank_PDB_chainid_flag 
_struct_asym.pdbx_modified 
_struct_asym.entity_id 
_struct_asym.details 
A N N 1 ? 
B N N 2 ? 
C N N 3 ? 
D N N 3 ? 
E N N 4 ? 
F N N 4 ? 
# 
loop_
_struct_ref.id 
_struct_ref.db_name 
_struct_ref.db_code 
_struct_ref.entity_id 
_struct_ref.pdbx_db_accession 
_struct_ref.pdbx_align_begin 
_struct_ref.pdbx_seq_one_letter_code 
_struct_ref.pdbx_db_isoform 
1 UNP GLHA_HUMAN 1 P01215 1 
;MDYYRKYAAIFLVTLSVFLHVLHSAPDVQDCPECTLQENPFFSQPGAPILQCMGCCFSRAYPTPLRSKKTMLVQKNVTSE
STCCVAKSYNRVTVMGGFKVENHTACHCSTCYYHKS
;
? 
2 UNP CGHB_HUMAN 2 P01233 1 
;MEMFQGLLLLLLLSMGGTWASKEPLRPRCRPINATLAVEKEGCPVCITVNTTICAGYCPTMTRVLQGVLPALPQVVCNYR
DVRFESIRLPGCPRGVNPVVSYAVALSCQCALCRRSTTDCGGPKDHPLTCDDPRFQDSSSSKAPPPSLPSPSRLPGPSDT
PILPQ
;
? 
# 
loop_
_struct_ref_seq.align_id 
_struct_ref_seq.ref_id 
_struct_ref_seq.pdbx_PDB_id_code 
_struct_ref_seq.pdbx_strand_id 
_struct_ref_seq.seq_align_beg 
_struct_ref_seq.pdbx_seq_align_beg_ins_code 
_struct_ref_seq.seq_align_end 
_struct_ref_seq.pdbx_seq_align_end_ins_code 
_struct_ref_seq.pdbx_db_accession 
_struct_ref_seq.db_align_beg 
_struct_ref_seq.pdbx_db_align_beg_ins_code 
_struct_ref_seq.db_align_end 
_struct_ref_seq.pdbx_db_align_end_ins_code 
_struct_ref_seq.pdbx_auth_seq_align_beg 
_struct_ref_seq.pdbx_auth_seq_align_end 
1 1 1HCN A 1 ? 92  ? P01215 25 ? 116 ? 1 92  
2 2 1HCN B 1 ? 145 ? P01233 21 ? 165 ? 1 145 
# 
loop_
_pdbx_struct_assembly.id 
_pdbx_struct_assembly.details 
_pdbx_struct_assembly.method_details 
_pdbx_struct_assembly.oligomeric_details 
_pdbx_struct_assembly.oligomeric_count 
1 author_and_software_defined_assembly PISA dimeric    2 
2 software_defined_assembly            PISA tetrameric 4 
# 
loop_
_pdbx_struct_assembly_prop.biol_id 
_pdbx_struct_assembly_prop.type 
_pdbx_struct_assembly_prop.value 
_pdbx_struct_assembly_prop.details 
1 'ABSA (A^2)' 4510  ? 
1 MORE         -11   ? 
1 'SSA (A^2)'  11090 ? 
2 'ABSA (A^2)' 11330 ? 
2 MORE         -45   ? 
2 'SSA (A^2)'  19860 ? 
# 
loop_
_pdbx_struct_assembly_gen.assembly_id 
_pdbx_struct_assembly_gen.oper_expression 
_pdbx_struct_assembly_gen.asym_id_list 
1 1   A,B,C,D,E,F 
2 1,2 A,B,C,D,E,F 
# 
loop_
_pdbx_struct_oper_list.id 
_pdbx_struct_oper_list.type 
_pdbx_struct_oper_list.name 
_pdbx_struct_oper_list.symmetry_operation 
_pdbx_struct_oper_list.matrix[1][1] 
_pdbx_struct_oper_list.matrix[1][2] 
_pdbx_struct_oper_list.matrix[1][3] 
_pdbx_struct_oper_list.vector[1] 
_pdbx_struct_oper_list.matrix[2][1] 
_pdbx_struct_oper_list.matrix[2][2] 
_pdbx_struct_oper_list.matrix[2][3] 
_pdbx_struct_oper_list.vector[2] 
_pdbx_struct_oper_list.matrix[3][1] 
_pdbx_struct_oper_list.matrix[3][2] 
_pdbx_struct_oper_list.matrix[3][3] 
_pdbx_struct_oper_list.vector[3] 
1 'identity operation'         1_555  x,y,z            1.0000000000  0.0000000000 0.0000000000 0.0000000000 0.0000000000 1.0000000000 0.0000000000 0.0000000000  0.0000000000 0.0000000000 1.0000000000  0.0000000000   
2 'crystal symmetry operation' 10_665 -y+1,-x+1,-z+1/6 -0.0998600240 0.9949789724 0.0066947811 4.5436949003 0.9949789724 0.0998102316 0.0074001450 -3.8267642004 0.0066947811 0.0074001450 -0.9999502076 -42.1838301367 
# 
_struct_biol.id   1 
# 
_struct_conf.conf_type_id            HELX_P 
_struct_conf.id                      HELX_P1 
_struct_conf.pdbx_PDB_helix_id       A1 
_struct_conf.beg_label_comp_id       PRO 
_struct_conf.beg_label_asym_id       A 
_struct_conf.beg_label_seq_id        40 
_struct_conf.pdbx_beg_PDB_ins_code   ? 
_struct_conf.end_label_comp_id       MET 
_struct_conf.end_label_asym_id       A 
_struct_conf.end_label_seq_id        47 
_struct_conf.pdbx_end_PDB_ins_code   ? 
_struct_conf.beg_auth_comp_id        PRO 
_struct_conf.beg_auth_asym_id        A 
_struct_conf.beg_auth_seq_id         40 
_struct_conf.end_auth_comp_id        MET 
_struct_conf.end_auth_asym_id        A 
_struct_conf.end_auth_seq_id         47 
_struct_conf.pdbx_PDB_helix_class    1 
_struct_conf.details                 ? 
_struct_conf.pdbx_PDB_helix_length   8 
# 
_struct_conf_type.id          HELX_P 
_struct_conf_type.criteria    ? 
_struct_conf_type.reference   ? 
# 
loop_
_struct_conn.id 
_struct_conn.conn_type_id 
_struct_conn.pdbx_leaving_atom_flag 
_struct_conn.pdbx_PDB_id 
_struct_conn.ptnr1_label_asym_id 
_struct_conn.ptnr1_label_comp_id 
_struct_conn.ptnr1_label_seq_id 
_struct_conn.ptnr1_label_atom_id 
_struct_conn.pdbx_ptnr1_label_alt_id 
_struct_conn.pdbx_ptnr1_PDB_ins_code 
_struct_conn.pdbx_ptnr1_standard_comp_id 
_struct_conn.ptnr1_symmetry 
_struct_conn.ptnr2_label_asym_id 
_struct_conn.ptnr2_label_comp_id 
_struct_conn.ptnr2_label_seq_id 
_struct_conn.ptnr2_label_atom_id 
_struct_conn.pdbx_ptnr2_label_alt_id 
_struct_conn.pdbx_ptnr2_PDB_ins_code 
_struct_conn.ptnr1_auth_asym_id 
_struct_conn.ptnr1_auth_comp_id 
_struct_conn.ptnr1_auth_seq_id 
_struct_conn.ptnr2_auth_asym_id 
_struct_conn.ptnr2_auth_comp_id 
_struct_conn.ptnr2_auth_seq_id 
_struct_conn.ptnr2_symmetry 
_struct_conn.pdbx_ptnr3_label_atom_id 
_struct_conn.pdbx_ptnr3_label_seq_id 
_struct_conn.pdbx_ptnr3_label_comp_id 
_struct_conn.pdbx_ptnr3_label_asym_id 
_struct_conn.pdbx_ptnr3_label_alt_id 
_struct_conn.pdbx_ptnr3_PDB_ins_code 
_struct_conn.details 
_struct_conn.pdbx_dist_value 
_struct_conn.pdbx_value_order 
_struct_conn.pdbx_role 
disulf1  disulf ?   ? A CYS 7  SG  ? ? ? 1_555 A CYS 31  SG ? ? A CYS 7  A CYS 31  1_555 ? ? ? ? ? ? ? 2.014 ? ?               
disulf2  disulf ?   ? A CYS 10 SG  ? ? ? 1_555 A CYS 60  SG ? ? A CYS 10 A CYS 60  1_555 ? ? ? ? ? ? ? 2.032 ? ?               
disulf3  disulf ?   ? A CYS 28 SG  ? ? ? 1_555 A CYS 82  SG ? ? A CYS 28 A CYS 82  1_555 ? ? ? ? ? ? ? 2.006 ? ?               
disulf4  disulf ?   ? A CYS 32 SG  ? ? ? 1_555 A CYS 84  SG ? ? A CYS 32 A CYS 84  1_555 ? ? ? ? ? ? ? 2.015 ? ?               
disulf5  disulf ?   ? A CYS 59 SG  ? ? ? 1_555 A CYS 87  SG ? ? A CYS 59 A CYS 87  1_555 ? ? ? ? ? ? ? 2.023 ? ?               
disulf6  disulf ?   ? B CYS 9  SG  ? ? ? 1_555 B CYS 57  SG ? ? B CYS 9  B CYS 57  1_555 ? ? ? ? ? ? ? 2.051 ? ?               
disulf7  disulf ?   ? B CYS 23 SG  ? ? ? 1_555 B CYS 72  SG ? ? B CYS 23 B CYS 72  1_555 ? ? ? ? ? ? ? 2.049 ? ?               
disulf8  disulf ?   ? B CYS 26 SG  ? ? ? 1_555 B CYS 110 SG ? ? B CYS 26 B CYS 110 1_555 ? ? ? ? ? ? ? 2.031 ? ?               
disulf9  disulf ?   ? B CYS 34 SG  ? ? ? 1_555 B CYS 88  SG ? ? B CYS 34 B CYS 88  1_555 ? ? ? ? ? ? ? 2.039 ? ?               
disulf10 disulf ?   ? B CYS 38 SG  ? ? ? 1_555 B CYS 90  SG ? ? B CYS 38 B CYS 90  1_555 ? ? ? ? ? ? ? 2.017 ? ?               
disulf11 disulf ?   ? B CYS 93 SG  ? ? ? 1_555 B CYS 100 SG ? ? B CYS 93 B CYS 100 1_555 ? ? ? ? ? ? ? 2.030 ? ?               
covale1  covale one ? A ASN 52 ND2 ? ? ? 1_555 C NAG .   C1 ? ? A ASN 52 A NAG 93  1_555 ? ? ? ? ? ? ? 1.448 ? N-Glycosylation 
covale2  covale one ? A ASN 78 ND2 ? ? ? 1_555 D NAG .   C1 ? ? A ASN 78 A NAG 94  1_555 ? ? ? ? ? ? ? 1.447 ? N-Glycosylation 
# 
loop_
_struct_conn_type.id 
_struct_conn_type.criteria 
_struct_conn_type.reference 
disulf ? ? 
covale ? ? 
# 
loop_
_pdbx_modification_feature.ordinal 
_pdbx_modification_feature.label_comp_id 
_pdbx_modification_feature.label_asym_id 
_pdbx_modification_feature.label_seq_id 
_pdbx_modification_feature.label_alt_id 
_pdbx_modification_feature.modified_residue_label_comp_id 
_pdbx_modification_feature.modified_residue_label_asym_id 
_pdbx_modification_feature.modified_residue_label_seq_id 
_pdbx_modification_feature.modified_residue_label_alt_id 
_pdbx_modification_feature.auth_comp_id 
_pdbx_modification_feature.auth_asym_id 
_pdbx_modification_feature.auth_seq_id 
_pdbx_modification_feature.PDB_ins_code 
_pdbx_modification_feature.symmetry 
_pdbx_modification_feature.modified_residue_auth_comp_id 
_pdbx_modification_feature.modified_residue_auth_asym_id 
_pdbx_modification_feature.modified_residue_auth_seq_id 
_pdbx_modification_feature.modified_residue_PDB_ins_code 
_pdbx_modification_feature.modified_residue_symmetry 
_pdbx_modification_feature.comp_id_linking_atom 
_pdbx_modification_feature.modified_residue_id_linking_atom 
_pdbx_modification_feature.modified_residue_id 
_pdbx_modification_feature.ref_pcm_id 
_pdbx_modification_feature.ref_comp_id 
_pdbx_modification_feature.type 
_pdbx_modification_feature.category 
1  NAG C .  ? ASN A 52  ? NAG A 93 ? 1_555 ASN A 52  ? 1_555 C1 ND2 ASN 1 NAG N-Glycosylation Carbohydrate       
2  NAG D .  ? ASN A 78  ? NAG A 94 ? 1_555 ASN A 78  ? 1_555 C1 ND2 ASN 1 NAG N-Glycosylation Carbohydrate       
3  CYS A 7  ? CYS A 31  ? CYS A 7  ? 1_555 CYS A 31  ? 1_555 SG SG  .   . .   None            'Disulfide bridge' 
4  CYS A 10 ? CYS A 60  ? CYS A 10 ? 1_555 CYS A 60  ? 1_555 SG SG  .   . .   None            'Disulfide bridge' 
5  CYS A 28 ? CYS A 82  ? CYS A 28 ? 1_555 CYS A 82  ? 1_555 SG SG  .   . .   None            'Disulfide bridge' 
6  CYS A 32 ? CYS A 84  ? CYS A 32 ? 1_555 CYS A 84  ? 1_555 SG SG  .   . .   None            'Disulfide bridge' 
7  CYS A 59 ? CYS A 87  ? CYS A 59 ? 1_555 CYS A 87  ? 1_555 SG SG  .   . .   None            'Disulfide bridge' 
8  CYS B 9  ? CYS B 57  ? CYS B 9  ? 1_555 CYS B 57  ? 1_555 SG SG  .   . .   None            'Disulfide bridge' 
9  CYS B 23 ? CYS B 72  ? CYS B 23 ? 1_555 CYS B 72  ? 1_555 SG SG  .   . .   None            'Disulfide bridge' 
10 CYS B 26 ? CYS B 110 ? CYS B 26 ? 1_555 CYS B 110 ? 1_555 SG SG  .   . .   None            'Disulfide bridge' 
11 CYS B 34 ? CYS B 88  ? CYS B 34 ? 1_555 CYS B 88  ? 1_555 SG SG  .   . .   None            'Disulfide bridge' 
12 CYS B 38 ? CYS B 90  ? CYS B 38 ? 1_555 CYS B 90  ? 1_555 SG SG  .   . .   None            'Disulfide bridge' 
13 CYS B 93 ? CYS B 100 ? CYS B 93 ? 1_555 CYS B 100 ? 1_555 SG SG  .   . .   None            'Disulfide bridge' 
# 
_struct_mon_prot_cis.pdbx_id                1 
_struct_mon_prot_cis.label_comp_id          LEU 
_struct_mon_prot_cis.label_seq_id           49 
_struct_mon_prot_cis.label_asym_id          B 
_struct_mon_prot_cis.label_alt_id           . 
_struct_mon_prot_cis.pdbx_PDB_ins_code      ? 
_struct_mon_prot_cis.auth_comp_id           LEU 
_struct_mon_prot_cis.auth_seq_id            49 
_struct_mon_prot_cis.auth_asym_id           B 
_struct_mon_prot_cis.pdbx_label_comp_id_2   PRO 
_struct_mon_prot_cis.pdbx_label_seq_id_2    50 
_struct_mon_prot_cis.pdbx_label_asym_id_2   B 
_struct_mon_prot_cis.pdbx_PDB_ins_code_2    ? 
_struct_mon_prot_cis.pdbx_auth_comp_id_2    PRO 
_struct_mon_prot_cis.pdbx_auth_seq_id_2     50 
_struct_mon_prot_cis.pdbx_auth_asym_id_2    B 
_struct_mon_prot_cis.pdbx_PDB_model_num     1 
_struct_mon_prot_cis.pdbx_omega_angle       0.20 
# 
loop_
_struct_sheet.id 
_struct_sheet.type 
_struct_sheet.number_strands 
_struct_sheet.details 
S1 ? 3 ? 
S2 ? 5 ? 
# 
loop_
_struct_sheet_order.sheet_id 
_struct_sheet_order.range_id_1 
_struct_sheet_order.range_id_2 
_struct_sheet_order.offset 
_struct_sheet_order.sense 
S1 1 2 ? anti-parallel 
S1 2 3 ? anti-parallel 
S2 1 2 ? anti-parallel 
S2 2 3 ? anti-parallel 
S2 3 4 ? anti-parallel 
S2 4 5 ? parallel      
# 
loop_
_struct_sheet_range.sheet_id 
_struct_sheet_range.id 
_struct_sheet_range.beg_label_comp_id 
_struct_sheet_range.beg_label_asym_id 
_struct_sheet_range.beg_label_seq_id 
_struct_sheet_range.pdbx_beg_PDB_ins_code 
_struct_sheet_range.end_label_comp_id 
_struct_sheet_range.end_label_asym_id 
_struct_sheet_range.end_label_seq_id 
_struct_sheet_range.pdbx_end_PDB_ins_code 
_struct_sheet_range.beg_auth_comp_id 
_struct_sheet_range.beg_auth_asym_id 
_struct_sheet_range.beg_auth_seq_id 
_struct_sheet_range.end_auth_comp_id 
_struct_sheet_range.end_auth_asym_id 
_struct_sheet_range.end_auth_seq_id 
S1 1 PRO A 8  ? ASN A 15  ? PRO A 8  ASN A 15  
S1 2 ILE A 25 ? CYS A 32  ? ILE A 25 CYS A 32  
S1 3 CYS B 38 ? THR B 40  ? CYS B 38 THR B 40  
S2 1 PRO B 7  ? VAL B 18  ? PRO B 7  VAL B 18  
S2 2 ILE B 27 ? TYR B 37  ? ILE B 27 TYR B 37  
S2 3 PHE A 33 ? THR A 39  ? PHE A 33 THR A 39  
S2 4 ASN A 52 ? THR A 58  ? ASN A 52 THR A 58  
S2 5 ASP B 99 ? GLY B 101 ? ASP B 99 GLY B 101 
# 
loop_
_pdbx_struct_sheet_hbond.sheet_id 
_pdbx_struct_sheet_hbond.range_id_1 
_pdbx_struct_sheet_hbond.range_id_2 
_pdbx_struct_sheet_hbond.range_1_label_atom_id 
_pdbx_struct_sheet_hbond.range_1_label_comp_id 
_pdbx_struct_sheet_hbond.range_1_label_asym_id 
_pdbx_struct_sheet_hbond.range_1_label_seq_id 
_pdbx_struct_sheet_hbond.range_1_PDB_ins_code 
_pdbx_struct_sheet_hbond.range_1_auth_atom_id 
_pdbx_struct_sheet_hbond.range_1_auth_comp_id 
_pdbx_struct_sheet_hbond.range_1_auth_asym_id 
_pdbx_struct_sheet_hbond.range_1_auth_seq_id 
_pdbx_struct_sheet_hbond.range_2_label_atom_id 
_pdbx_struct_sheet_hbond.range_2_label_comp_id 
_pdbx_struct_sheet_hbond.range_2_label_asym_id 
_pdbx_struct_sheet_hbond.range_2_label_seq_id 
_pdbx_struct_sheet_hbond.range_2_PDB_ins_code 
_pdbx_struct_sheet_hbond.range_2_auth_atom_id 
_pdbx_struct_sheet_hbond.range_2_auth_comp_id 
_pdbx_struct_sheet_hbond.range_2_auth_asym_id 
_pdbx_struct_sheet_hbond.range_2_auth_seq_id 
S1 1 2 N ASN A 15 ? N ASN A 15 O ILE A 25 ? O ILE A 25 
S1 2 3 N GLY A 30 ? N GLY A 30 O THR B 40 ? O THR B 40 
S2 1 2 N VAL B 18 ? N VAL B 18 O ILE B 27 ? O ILE B 27 
S2 2 3 N GLY B 36 ? N GLY B 36 O SER A 34 ? O SER A 34 
S2 3 4 N THR A 39 ? N THR A 39 O ASN A 52 ? O ASN A 52 
S2 4 5 O VAL A 53 ? O VAL A 53 N ASP B 99 ? N ASP B 99 
# 
_pdbx_entry_details.entry_id                   1HCN 
_pdbx_entry_details.compound_details           ? 
_pdbx_entry_details.source_details             ? 
_pdbx_entry_details.nonpolymer_details         ? 
_pdbx_entry_details.sequence_details           ? 
_pdbx_entry_details.has_ligand_of_interest     ? 
_pdbx_entry_details.has_protein_modification   Y 
# 
loop_
_pdbx_validate_rmsd_angle.id 
_pdbx_validate_rmsd_angle.PDB_model_num 
_pdbx_validate_rmsd_angle.auth_atom_id_1 
_pdbx_validate_rmsd_angle.auth_asym_id_1 
_pdbx_validate_rmsd_angle.auth_comp_id_1 
_pdbx_validate_rmsd_angle.auth_seq_id_1 
_pdbx_validate_rmsd_angle.PDB_ins_code_1 
_pdbx_validate_rmsd_angle.label_alt_id_1 
_pdbx_validate_rmsd_angle.auth_atom_id_2 
_pdbx_validate_rmsd_angle.auth_asym_id_2 
_pdbx_validate_rmsd_angle.auth_comp_id_2 
_pdbx_validate_rmsd_angle.auth_seq_id_2 
_pdbx_validate_rmsd_angle.PDB_ins_code_2 
_pdbx_validate_rmsd_angle.label_alt_id_2 
_pdbx_validate_rmsd_angle.auth_atom_id_3 
_pdbx_validate_rmsd_angle.auth_asym_id_3 
_pdbx_validate_rmsd_angle.auth_comp_id_3 
_pdbx_validate_rmsd_angle.auth_seq_id_3 
_pdbx_validate_rmsd_angle.PDB_ins_code_3 
_pdbx_validate_rmsd_angle.label_alt_id_3 
_pdbx_validate_rmsd_angle.angle_value 
_pdbx_validate_rmsd_angle.angle_target_value 
_pdbx_validate_rmsd_angle.angle_deviation 
_pdbx_validate_rmsd_angle.angle_standard_deviation 
_pdbx_validate_rmsd_angle.linker_flag 
1 1 CG A MET 29  ? ? SD A MET 29  ? ? CE A MET 29  ? ? 120.72 100.20 20.52  1.60 N 
2 1 CG A MET 47  ? ? SD A MET 47  ? ? CE A MET 47  ? ? 89.81  100.20 -10.39 1.60 N 
3 1 C  B GLU 3   ? ? N  B PRO 4   ? ? CA B PRO 4   ? ? 128.80 119.30 9.50   1.50 Y 
4 1 CG B MET 41  ? ? SD B MET 41  ? ? CE B MET 41  ? ? 85.94  100.20 -14.26 1.60 N 
5 1 C  B HIS 106 ? ? N  B PRO 107 ? ? CA B PRO 107 ? ? 134.47 119.30 15.17  1.50 Y 
6 1 C  B HIS 106 ? ? N  B PRO 107 ? ? CD B PRO 107 ? ? 115.35 128.40 -13.05 2.10 Y 
# 
loop_
_pdbx_validate_torsion.id 
_pdbx_validate_torsion.PDB_model_num 
_pdbx_validate_torsion.auth_comp_id 
_pdbx_validate_torsion.auth_asym_id 
_pdbx_validate_torsion.auth_seq_id 
_pdbx_validate_torsion.PDB_ins_code 
_pdbx_validate_torsion.label_alt_id 
_pdbx_validate_torsion.phi 
_pdbx_validate_torsion.psi 
1  1 PRO A 16  ? ? -67.66  3.00    
2  1 PHE A 74  ? ? -3.67   93.39   
3  1 TYR A 88  ? ? 32.91   158.51  
4  1 PRO B 4   ? ? -13.76  -29.40  
5  1 LEU B 5   ? ? 88.85   -50.54  
6  1 CYS B 9   ? ? -31.91  112.01  
7  1 MET B 41  ? ? -172.48 122.99  
8  1 ASP B 61  ? ? 72.30   95.23   
9  1 PRO B 73  ? ? -68.97  -147.18 
10 1 ARG B 74  ? ? -63.32  -105.52 
11 1 PRO B 103 ? ? -33.54  138.05  
12 1 HIS B 106 ? ? 16.64   89.57   
# 
loop_
_pdbx_struct_mod_residue.id 
_pdbx_struct_mod_residue.label_asym_id 
_pdbx_struct_mod_residue.label_comp_id 
_pdbx_struct_mod_residue.label_seq_id 
_pdbx_struct_mod_residue.auth_asym_id 
_pdbx_struct_mod_residue.auth_comp_id 
_pdbx_struct_mod_residue.auth_seq_id 
_pdbx_struct_mod_residue.PDB_ins_code 
_pdbx_struct_mod_residue.parent_comp_id 
_pdbx_struct_mod_residue.details 
1 A ASN 52 A ASN 52 ? ASN 'GLYCOSYLATION SITE' 
2 A ASN 78 A ASN 78 ? ASN 'GLYCOSYLATION SITE' 
# 
loop_
_pdbx_unobs_or_zero_occ_residues.id 
_pdbx_unobs_or_zero_occ_residues.PDB_model_num 
_pdbx_unobs_or_zero_occ_residues.polymer_flag 
_pdbx_unobs_or_zero_occ_residues.occupancy_flag 
_pdbx_unobs_or_zero_occ_residues.auth_asym_id 
_pdbx_unobs_or_zero_occ_residues.auth_comp_id 
_pdbx_unobs_or_zero_occ_residues.auth_seq_id 
_pdbx_unobs_or_zero_occ_residues.PDB_ins_code 
_pdbx_unobs_or_zero_occ_residues.label_asym_id 
_pdbx_unobs_or_zero_occ_residues.label_comp_id 
_pdbx_unobs_or_zero_occ_residues.label_seq_id 
1  1 Y 1 A ALA 1   ? A ALA 1   
2  1 Y 1 A PRO 2   ? A PRO 2   
3  1 Y 1 A ASP 3   ? A ASP 3   
4  1 Y 1 A VAL 4   ? A VAL 4   
5  1 Y 1 A HIS 90  ? A HIS 90  
6  1 Y 1 A LYS 91  ? A LYS 91  
7  1 Y 1 A SER 92  ? A SER 92  
8  1 Y 1 B SER 1   ? B SER 1   
9  1 Y 1 B ASP 112 ? B ASP 112 
10 1 Y 1 B PRO 113 ? B PRO 113 
11 1 Y 1 B ARG 114 ? B ARG 114 
12 1 Y 1 B PHE 115 ? B PHE 115 
13 1 Y 1 B GLN 116 ? B GLN 116 
14 1 Y 1 B ASP 117 ? B ASP 117 
15 1 Y 1 B SER 118 ? B SER 118 
16 1 Y 1 B SER 119 ? B SER 119 
17 1 Y 1 B SER 120 ? B SER 120 
18 1 Y 1 B SER 121 ? B SER 121 
19 1 Y 1 B LYS 122 ? B LYS 122 
20 1 Y 1 B ALA 123 ? B ALA 123 
21 1 Y 1 B PRO 124 ? B PRO 124 
22 1 Y 1 B PRO 125 ? B PRO 125 
23 1 Y 1 B PRO 126 ? B PRO 126 
24 1 Y 1 B SER 127 ? B SER 127 
25 1 Y 1 B LEU 128 ? B LEU 128 
26 1 Y 1 B PRO 129 ? B PRO 129 
27 1 Y 1 B SER 130 ? B SER 130 
28 1 Y 1 B PRO 131 ? B PRO 131 
29 1 Y 1 B SER 132 ? B SER 132 
30 1 Y 1 B ARG 133 ? B ARG 133 
31 1 Y 1 B LEU 134 ? B LEU 134 
32 1 Y 1 B PRO 135 ? B PRO 135 
33 1 Y 1 B GLY 136 ? B GLY 136 
34 1 Y 1 B PRO 137 ? B PRO 137 
35 1 Y 1 B SER 138 ? B SER 138 
36 1 Y 1 B ASP 139 ? B ASP 139 
37 1 Y 1 B THR 140 ? B THR 140 
38 1 Y 1 B PRO 141 ? B PRO 141 
39 1 Y 1 B ILE 142 ? B ILE 142 
40 1 Y 1 B LEU 143 ? B LEU 143 
41 1 Y 1 B PRO 144 ? B PRO 144 
42 1 Y 1 B GLN 145 ? B GLN 145 
# 
loop_
_chem_comp_atom.comp_id 
_chem_comp_atom.atom_id 
_chem_comp_atom.type_symbol 
_chem_comp_atom.pdbx_aromatic_flag 
_chem_comp_atom.pdbx_stereo_config 
_chem_comp_atom.pdbx_ordinal 
ALA N    N N N 1   
ALA CA   C N S 2   
ALA C    C N N 3   
ALA O    O N N 4   
ALA CB   C N N 5   
ALA OXT  O N N 6   
ALA H    H N N 7   
ALA H2   H N N 8   
ALA HA   H N N 9   
ALA HB1  H N N 10  
ALA HB2  H N N 11  
ALA HB3  H N N 12  
ALA HXT  H N N 13  
ARG N    N N N 14  
ARG CA   C N S 15  
ARG C    C N N 16  
ARG O    O N N 17  
ARG CB   C N N 18  
ARG CG   C N N 19  
ARG CD   C N N 20  
ARG NE   N N N 21  
ARG CZ   C N N 22  
ARG NH1  N N N 23  
ARG NH2  N N N 24  
ARG OXT  O N N 25  
ARG H    H N N 26  
ARG H2   H N N 27  
ARG HA   H N N 28  
ARG HB2  H N N 29  
ARG HB3  H N N 30  
ARG HG2  H N N 31  
ARG HG3  H N N 32  
ARG HD2  H N N 33  
ARG HD3  H N N 34  
ARG HE   H N N 35  
ARG HH11 H N N 36  
ARG HH12 H N N 37  
ARG HH21 H N N 38  
ARG HH22 H N N 39  
ARG HXT  H N N 40  
ASN N    N N N 41  
ASN CA   C N S 42  
ASN C    C N N 43  
ASN O    O N N 44  
ASN CB   C N N 45  
ASN CG   C N N 46  
ASN OD1  O N N 47  
ASN ND2  N N N 48  
ASN OXT  O N N 49  
ASN H    H N N 50  
ASN H2   H N N 51  
ASN HA   H N N 52  
ASN HB2  H N N 53  
ASN HB3  H N N 54  
ASN HD21 H N N 55  
ASN HD22 H N N 56  
ASN HXT  H N N 57  
ASP N    N N N 58  
ASP CA   C N S 59  
ASP C    C N N 60  
ASP O    O N N 61  
ASP CB   C N N 62  
ASP CG   C N N 63  
ASP OD1  O N N 64  
ASP OD2  O N N 65  
ASP OXT  O N N 66  
ASP H    H N N 67  
ASP H2   H N N 68  
ASP HA   H N N 69  
ASP HB2  H N N 70  
ASP HB3  H N N 71  
ASP HD2  H N N 72  
ASP HXT  H N N 73  
CYS N    N N N 74  
CYS CA   C N R 75  
CYS C    C N N 76  
CYS O    O N N 77  
CYS CB   C N N 78  
CYS SG   S N N 79  
CYS OXT  O N N 80  
CYS H    H N N 81  
CYS H2   H N N 82  
CYS HA   H N N 83  
CYS HB2  H N N 84  
CYS HB3  H N N 85  
CYS HG   H N N 86  
CYS HXT  H N N 87  
GLN N    N N N 88  
GLN CA   C N S 89  
GLN C    C N N 90  
GLN O    O N N 91  
GLN CB   C N N 92  
GLN CG   C N N 93  
GLN CD   C N N 94  
GLN OE1  O N N 95  
GLN NE2  N N N 96  
GLN OXT  O N N 97  
GLN H    H N N 98  
GLN H2   H N N 99  
GLN HA   H N N 100 
GLN HB2  H N N 101 
GLN HB3  H N N 102 
GLN HG2  H N N 103 
GLN HG3  H N N 104 
GLN HE21 H N N 105 
GLN HE22 H N N 106 
GLN HXT  H N N 107 
GLU N    N N N 108 
GLU CA   C N S 109 
GLU C    C N N 110 
GLU O    O N N 111 
GLU CB   C N N 112 
GLU CG   C N N 113 
GLU CD   C N N 114 
GLU OE1  O N N 115 
GLU OE2  O N N 116 
GLU OXT  O N N 117 
GLU H    H N N 118 
GLU H2   H N N 119 
GLU HA   H N N 120 
GLU HB2  H N N 121 
GLU HB3  H N N 122 
GLU HG2  H N N 123 
GLU HG3  H N N 124 
GLU HE2  H N N 125 
GLU HXT  H N N 126 
GLY N    N N N 127 
GLY CA   C N N 128 
GLY C    C N N 129 
GLY O    O N N 130 
GLY OXT  O N N 131 
GLY H    H N N 132 
GLY H2   H N N 133 
GLY HA2  H N N 134 
GLY HA3  H N N 135 
GLY HXT  H N N 136 
HIS N    N N N 137 
HIS CA   C N S 138 
HIS C    C N N 139 
HIS O    O N N 140 
HIS CB   C N N 141 
HIS CG   C Y N 142 
HIS ND1  N Y N 143 
HIS CD2  C Y N 144 
HIS CE1  C Y N 145 
HIS NE2  N Y N 146 
HIS OXT  O N N 147 
HIS H    H N N 148 
HIS H2   H N N 149 
HIS HA   H N N 150 
HIS HB2  H N N 151 
HIS HB3  H N N 152 
HIS HD1  H N N 153 
HIS HD2  H N N 154 
HIS HE1  H N N 155 
HIS HE2  H N N 156 
HIS HXT  H N N 157 
HOH O    O N N 158 
HOH H1   H N N 159 
HOH H2   H N N 160 
ILE N    N N N 161 
ILE CA   C N S 162 
ILE C    C N N 163 
ILE O    O N N 164 
ILE CB   C N S 165 
ILE CG1  C N N 166 
ILE CG2  C N N 167 
ILE CD1  C N N 168 
ILE OXT  O N N 169 
ILE H    H N N 170 
ILE H2   H N N 171 
ILE HA   H N N 172 
ILE HB   H N N 173 
ILE HG12 H N N 174 
ILE HG13 H N N 175 
ILE HG21 H N N 176 
ILE HG22 H N N 177 
ILE HG23 H N N 178 
ILE HD11 H N N 179 
ILE HD12 H N N 180 
ILE HD13 H N N 181 
ILE HXT  H N N 182 
LEU N    N N N 183 
LEU CA   C N S 184 
LEU C    C N N 185 
LEU O    O N N 186 
LEU CB   C N N 187 
LEU CG   C N N 188 
LEU CD1  C N N 189 
LEU CD2  C N N 190 
LEU OXT  O N N 191 
LEU H    H N N 192 
LEU H2   H N N 193 
LEU HA   H N N 194 
LEU HB2  H N N 195 
LEU HB3  H N N 196 
LEU HG   H N N 197 
LEU HD11 H N N 198 
LEU HD12 H N N 199 
LEU HD13 H N N 200 
LEU HD21 H N N 201 
LEU HD22 H N N 202 
LEU HD23 H N N 203 
LEU HXT  H N N 204 
LYS N    N N N 205 
LYS CA   C N S 206 
LYS C    C N N 207 
LYS O    O N N 208 
LYS CB   C N N 209 
LYS CG   C N N 210 
LYS CD   C N N 211 
LYS CE   C N N 212 
LYS NZ   N N N 213 
LYS OXT  O N N 214 
LYS H    H N N 215 
LYS H2   H N N 216 
LYS HA   H N N 217 
LYS HB2  H N N 218 
LYS HB3  H N N 219 
LYS HG2  H N N 220 
LYS HG3  H N N 221 
LYS HD2  H N N 222 
LYS HD3  H N N 223 
LYS HE2  H N N 224 
LYS HE3  H N N 225 
LYS HZ1  H N N 226 
LYS HZ2  H N N 227 
LYS HZ3  H N N 228 
LYS HXT  H N N 229 
MET N    N N N 230 
MET CA   C N S 231 
MET C    C N N 232 
MET O    O N N 233 
MET CB   C N N 234 
MET CG   C N N 235 
MET SD   S N N 236 
MET CE   C N N 237 
MET OXT  O N N 238 
MET H    H N N 239 
MET H2   H N N 240 
MET HA   H N N 241 
MET HB2  H N N 242 
MET HB3  H N N 243 
MET HG2  H N N 244 
MET HG3  H N N 245 
MET HE1  H N N 246 
MET HE2  H N N 247 
MET HE3  H N N 248 
MET HXT  H N N 249 
NAG C1   C N R 250 
NAG C2   C N R 251 
NAG C3   C N R 252 
NAG C4   C N S 253 
NAG C5   C N R 254 
NAG C6   C N N 255 
NAG C7   C N N 256 
NAG C8   C N N 257 
NAG N2   N N N 258 
NAG O1   O N N 259 
NAG O3   O N N 260 
NAG O4   O N N 261 
NAG O5   O N N 262 
NAG O6   O N N 263 
NAG O7   O N N 264 
NAG H1   H N N 265 
NAG H2   H N N 266 
NAG H3   H N N 267 
NAG H4   H N N 268 
NAG H5   H N N 269 
NAG H61  H N N 270 
NAG H62  H N N 271 
NAG H81  H N N 272 
NAG H82  H N N 273 
NAG H83  H N N 274 
NAG HN2  H N N 275 
NAG HO1  H N N 276 
NAG HO3  H N N 277 
NAG HO4  H N N 278 
NAG HO6  H N N 279 
PHE N    N N N 280 
PHE CA   C N S 281 
PHE C    C N N 282 
PHE O    O N N 283 
PHE CB   C N N 284 
PHE CG   C Y N 285 
PHE CD1  C Y N 286 
PHE CD2  C Y N 287 
PHE CE1  C Y N 288 
PHE CE2  C Y N 289 
PHE CZ   C Y N 290 
PHE OXT  O N N 291 
PHE H    H N N 292 
PHE H2   H N N 293 
PHE HA   H N N 294 
PHE HB2  H N N 295 
PHE HB3  H N N 296 
PHE HD1  H N N 297 
PHE HD2  H N N 298 
PHE HE1  H N N 299 
PHE HE2  H N N 300 
PHE HZ   H N N 301 
PHE HXT  H N N 302 
PRO N    N N N 303 
PRO CA   C N S 304 
PRO C    C N N 305 
PRO O    O N N 306 
PRO CB   C N N 307 
PRO CG   C N N 308 
PRO CD   C N N 309 
PRO OXT  O N N 310 
PRO H    H N N 311 
PRO HA   H N N 312 
PRO HB2  H N N 313 
PRO HB3  H N N 314 
PRO HG2  H N N 315 
PRO HG3  H N N 316 
PRO HD2  H N N 317 
PRO HD3  H N N 318 
PRO HXT  H N N 319 
SER N    N N N 320 
SER CA   C N S 321 
SER C    C N N 322 
SER O    O N N 323 
SER CB   C N N 324 
SER OG   O N N 325 
SER OXT  O N N 326 
SER H    H N N 327 
SER H2   H N N 328 
SER HA   H N N 329 
SER HB2  H N N 330 
SER HB3  H N N 331 
SER HG   H N N 332 
SER HXT  H N N 333 
THR N    N N N 334 
THR CA   C N S 335 
THR C    C N N 336 
THR O    O N N 337 
THR CB   C N R 338 
THR OG1  O N N 339 
THR CG2  C N N 340 
THR OXT  O N N 341 
THR H    H N N 342 
THR H2   H N N 343 
THR HA   H N N 344 
THR HB   H N N 345 
THR HG1  H N N 346 
THR HG21 H N N 347 
THR HG22 H N N 348 
THR HG23 H N N 349 
THR HXT  H N N 350 
TYR N    N N N 351 
TYR CA   C N S 352 
TYR C    C N N 353 
TYR O    O N N 354 
TYR CB   C N N 355 
TYR CG   C Y N 356 
TYR CD1  C Y N 357 
TYR CD2  C Y N 358 
TYR CE1  C Y N 359 
TYR CE2  C Y N 360 
TYR CZ   C Y N 361 
TYR OH   O N N 362 
TYR OXT  O N N 363 
TYR H    H N N 364 
TYR H2   H N N 365 
TYR HA   H N N 366 
TYR HB2  H N N 367 
TYR HB3  H N N 368 
TYR HD1  H N N 369 
TYR HD2  H N N 370 
TYR HE1  H N N 371 
TYR HE2  H N N 372 
TYR HH   H N N 373 
TYR HXT  H N N 374 
VAL N    N N N 375 
VAL CA   C N S 376 
VAL C    C N N 377 
VAL O    O N N 378 
VAL CB   C N N 379 
VAL CG1  C N N 380 
VAL CG2  C N N 381 
VAL OXT  O N N 382 
VAL H    H N N 383 
VAL H2   H N N 384 
VAL HA   H N N 385 
VAL HB   H N N 386 
VAL HG11 H N N 387 
VAL HG12 H N N 388 
VAL HG13 H N N 389 
VAL HG21 H N N 390 
VAL HG22 H N N 391 
VAL HG23 H N N 392 
VAL HXT  H N N 393 
# 
loop_
_chem_comp_bond.comp_id 
_chem_comp_bond.atom_id_1 
_chem_comp_bond.atom_id_2 
_chem_comp_bond.value_order 
_chem_comp_bond.pdbx_aromatic_flag 
_chem_comp_bond.pdbx_stereo_config 
_chem_comp_bond.pdbx_ordinal 
ALA N   CA   sing N N 1   
ALA N   H    sing N N 2   
ALA N   H2   sing N N 3   
ALA CA  C    sing N N 4   
ALA CA  CB   sing N N 5   
ALA CA  HA   sing N N 6   
ALA C   O    doub N N 7   
ALA C   OXT  sing N N 8   
ALA CB  HB1  sing N N 9   
ALA CB  HB2  sing N N 10  
ALA CB  HB3  sing N N 11  
ALA OXT HXT  sing N N 12  
ARG N   CA   sing N N 13  
ARG N   H    sing N N 14  
ARG N   H2   sing N N 15  
ARG CA  C    sing N N 16  
ARG CA  CB   sing N N 17  
ARG CA  HA   sing N N 18  
ARG C   O    doub N N 19  
ARG C   OXT  sing N N 20  
ARG CB  CG   sing N N 21  
ARG CB  HB2  sing N N 22  
ARG CB  HB3  sing N N 23  
ARG CG  CD   sing N N 24  
ARG CG  HG2  sing N N 25  
ARG CG  HG3  sing N N 26  
ARG CD  NE   sing N N 27  
ARG CD  HD2  sing N N 28  
ARG CD  HD3  sing N N 29  
ARG NE  CZ   sing N N 30  
ARG NE  HE   sing N N 31  
ARG CZ  NH1  sing N N 32  
ARG CZ  NH2  doub N N 33  
ARG NH1 HH11 sing N N 34  
ARG NH1 HH12 sing N N 35  
ARG NH2 HH21 sing N N 36  
ARG NH2 HH22 sing N N 37  
ARG OXT HXT  sing N N 38  
ASN N   CA   sing N N 39  
ASN N   H    sing N N 40  
ASN N   H2   sing N N 41  
ASN CA  C    sing N N 42  
ASN CA  CB   sing N N 43  
ASN CA  HA   sing N N 44  
ASN C   O    doub N N 45  
ASN C   OXT  sing N N 46  
ASN CB  CG   sing N N 47  
ASN CB  HB2  sing N N 48  
ASN CB  HB3  sing N N 49  
ASN CG  OD1  doub N N 50  
ASN CG  ND2  sing N N 51  
ASN ND2 HD21 sing N N 52  
ASN ND2 HD22 sing N N 53  
ASN OXT HXT  sing N N 54  
ASP N   CA   sing N N 55  
ASP N   H    sing N N 56  
ASP N   H2   sing N N 57  
ASP CA  C    sing N N 58  
ASP CA  CB   sing N N 59  
ASP CA  HA   sing N N 60  
ASP C   O    doub N N 61  
ASP C   OXT  sing N N 62  
ASP CB  CG   sing N N 63  
ASP CB  HB2  sing N N 64  
ASP CB  HB3  sing N N 65  
ASP CG  OD1  doub N N 66  
ASP CG  OD2  sing N N 67  
ASP OD2 HD2  sing N N 68  
ASP OXT HXT  sing N N 69  
CYS N   CA   sing N N 70  
CYS N   H    sing N N 71  
CYS N   H2   sing N N 72  
CYS CA  C    sing N N 73  
CYS CA  CB   sing N N 74  
CYS CA  HA   sing N N 75  
CYS C   O    doub N N 76  
CYS C   OXT  sing N N 77  
CYS CB  SG   sing N N 78  
CYS CB  HB2  sing N N 79  
CYS CB  HB3  sing N N 80  
CYS SG  HG   sing N N 81  
CYS OXT HXT  sing N N 82  
GLN N   CA   sing N N 83  
GLN N   H    sing N N 84  
GLN N   H2   sing N N 85  
GLN CA  C    sing N N 86  
GLN CA  CB   sing N N 87  
GLN CA  HA   sing N N 88  
GLN C   O    doub N N 89  
GLN C   OXT  sing N N 90  
GLN CB  CG   sing N N 91  
GLN CB  HB2  sing N N 92  
GLN CB  HB3  sing N N 93  
GLN CG  CD   sing N N 94  
GLN CG  HG2  sing N N 95  
GLN CG  HG3  sing N N 96  
GLN CD  OE1  doub N N 97  
GLN CD  NE2  sing N N 98  
GLN NE2 HE21 sing N N 99  
GLN NE2 HE22 sing N N 100 
GLN OXT HXT  sing N N 101 
GLU N   CA   sing N N 102 
GLU N   H    sing N N 103 
GLU N   H2   sing N N 104 
GLU CA  C    sing N N 105 
GLU CA  CB   sing N N 106 
GLU CA  HA   sing N N 107 
GLU C   O    doub N N 108 
GLU C   OXT  sing N N 109 
GLU CB  CG   sing N N 110 
GLU CB  HB2  sing N N 111 
GLU CB  HB3  sing N N 112 
GLU CG  CD   sing N N 113 
GLU CG  HG2  sing N N 114 
GLU CG  HG3  sing N N 115 
GLU CD  OE1  doub N N 116 
GLU CD  OE2  sing N N 117 
GLU OE2 HE2  sing N N 118 
GLU OXT HXT  sing N N 119 
GLY N   CA   sing N N 120 
GLY N   H    sing N N 121 
GLY N   H2   sing N N 122 
GLY CA  C    sing N N 123 
GLY CA  HA2  sing N N 124 
GLY CA  HA3  sing N N 125 
GLY C   O    doub N N 126 
GLY C   OXT  sing N N 127 
GLY OXT HXT  sing N N 128 
HIS N   CA   sing N N 129 
HIS N   H    sing N N 130 
HIS N   H2   sing N N 131 
HIS CA  C    sing N N 132 
HIS CA  CB   sing N N 133 
HIS CA  HA   sing N N 134 
HIS C   O    doub N N 135 
HIS C   OXT  sing N N 136 
HIS CB  CG   sing N N 137 
HIS CB  HB2  sing N N 138 
HIS CB  HB3  sing N N 139 
HIS CG  ND1  sing Y N 140 
HIS CG  CD2  doub Y N 141 
HIS ND1 CE1  doub Y N 142 
HIS ND1 HD1  sing N N 143 
HIS CD2 NE2  sing Y N 144 
HIS CD2 HD2  sing N N 145 
HIS CE1 NE2  sing Y N 146 
HIS CE1 HE1  sing N N 147 
HIS NE2 HE2  sing N N 148 
HIS OXT HXT  sing N N 149 
HOH O   H1   sing N N 150 
HOH O   H2   sing N N 151 
ILE N   CA   sing N N 152 
ILE N   H    sing N N 153 
ILE N   H2   sing N N 154 
ILE CA  C    sing N N 155 
ILE CA  CB   sing N N 156 
ILE CA  HA   sing N N 157 
ILE C   O    doub N N 158 
ILE C   OXT  sing N N 159 
ILE CB  CG1  sing N N 160 
ILE CB  CG2  sing N N 161 
ILE CB  HB   sing N N 162 
ILE CG1 CD1  sing N N 163 
ILE CG1 HG12 sing N N 164 
ILE CG1 HG13 sing N N 165 
ILE CG2 HG21 sing N N 166 
ILE CG2 HG22 sing N N 167 
ILE CG2 HG23 sing N N 168 
ILE CD1 HD11 sing N N 169 
ILE CD1 HD12 sing N N 170 
ILE CD1 HD13 sing N N 171 
ILE OXT HXT  sing N N 172 
LEU N   CA   sing N N 173 
LEU N   H    sing N N 174 
LEU N   H2   sing N N 175 
LEU CA  C    sing N N 176 
LEU CA  CB   sing N N 177 
LEU CA  HA   sing N N 178 
LEU C   O    doub N N 179 
LEU C   OXT  sing N N 180 
LEU CB  CG   sing N N 181 
LEU CB  HB2  sing N N 182 
LEU CB  HB3  sing N N 183 
LEU CG  CD1  sing N N 184 
LEU CG  CD2  sing N N 185 
LEU CG  HG   sing N N 186 
LEU CD1 HD11 sing N N 187 
LEU CD1 HD12 sing N N 188 
LEU CD1 HD13 sing N N 189 
LEU CD2 HD21 sing N N 190 
LEU CD2 HD22 sing N N 191 
LEU CD2 HD23 sing N N 192 
LEU OXT HXT  sing N N 193 
LYS N   CA   sing N N 194 
LYS N   H    sing N N 195 
LYS N   H2   sing N N 196 
LYS CA  C    sing N N 197 
LYS CA  CB   sing N N 198 
LYS CA  HA   sing N N 199 
LYS C   O    doub N N 200 
LYS C   OXT  sing N N 201 
LYS CB  CG   sing N N 202 
LYS CB  HB2  sing N N 203 
LYS CB  HB3  sing N N 204 
LYS CG  CD   sing N N 205 
LYS CG  HG2  sing N N 206 
LYS CG  HG3  sing N N 207 
LYS CD  CE   sing N N 208 
LYS CD  HD2  sing N N 209 
LYS CD  HD3  sing N N 210 
LYS CE  NZ   sing N N 211 
LYS CE  HE2  sing N N 212 
LYS CE  HE3  sing N N 213 
LYS NZ  HZ1  sing N N 214 
LYS NZ  HZ2  sing N N 215 
LYS NZ  HZ3  sing N N 216 
LYS OXT HXT  sing N N 217 
MET N   CA   sing N N 218 
MET N   H    sing N N 219 
MET N   H2   sing N N 220 
MET CA  C    sing N N 221 
MET CA  CB   sing N N 222 
MET CA  HA   sing N N 223 
MET C   O    doub N N 224 
MET C   OXT  sing N N 225 
MET CB  CG   sing N N 226 
MET CB  HB2  sing N N 227 
MET CB  HB3  sing N N 228 
MET CG  SD   sing N N 229 
MET CG  HG2  sing N N 230 
MET CG  HG3  sing N N 231 
MET SD  CE   sing N N 232 
MET CE  HE1  sing N N 233 
MET CE  HE2  sing N N 234 
MET CE  HE3  sing N N 235 
MET OXT HXT  sing N N 236 
NAG C1  C2   sing N N 237 
NAG C1  O1   sing N N 238 
NAG C1  O5   sing N N 239 
NAG C1  H1   sing N N 240 
NAG C2  C3   sing N N 241 
NAG C2  N2   sing N N 242 
NAG C2  H2   sing N N 243 
NAG C3  C4   sing N N 244 
NAG C3  O3   sing N N 245 
NAG C3  H3   sing N N 246 
NAG C4  C5   sing N N 247 
NAG C4  O4   sing N N 248 
NAG C4  H4   sing N N 249 
NAG C5  C6   sing N N 250 
NAG C5  O5   sing N N 251 
NAG C5  H5   sing N N 252 
NAG C6  O6   sing N N 253 
NAG C6  H61  sing N N 254 
NAG C6  H62  sing N N 255 
NAG C7  C8   sing N N 256 
NAG C7  N2   sing N N 257 
NAG C7  O7   doub N N 258 
NAG C8  H81  sing N N 259 
NAG C8  H82  sing N N 260 
NAG C8  H83  sing N N 261 
NAG N2  HN2  sing N N 262 
NAG O1  HO1  sing N N 263 
NAG O3  HO3  sing N N 264 
NAG O4  HO4  sing N N 265 
NAG O6  HO6  sing N N 266 
PHE N   CA   sing N N 267 
PHE N   H    sing N N 268 
PHE N   H2   sing N N 269 
PHE CA  C    sing N N 270 
PHE CA  CB   sing N N 271 
PHE CA  HA   sing N N 272 
PHE C   O    doub N N 273 
PHE C   OXT  sing N N 274 
PHE CB  CG   sing N N 275 
PHE CB  HB2  sing N N 276 
PHE CB  HB3  sing N N 277 
PHE CG  CD1  doub Y N 278 
PHE CG  CD2  sing Y N 279 
PHE CD1 CE1  sing Y N 280 
PHE CD1 HD1  sing N N 281 
PHE CD2 CE2  doub Y N 282 
PHE CD2 HD2  sing N N 283 
PHE CE1 CZ   doub Y N 284 
PHE CE1 HE1  sing N N 285 
PHE CE2 CZ   sing Y N 286 
PHE CE2 HE2  sing N N 287 
PHE CZ  HZ   sing N N 288 
PHE OXT HXT  sing N N 289 
PRO N   CA   sing N N 290 
PRO N   CD   sing N N 291 
PRO N   H    sing N N 292 
PRO CA  C    sing N N 293 
PRO CA  CB   sing N N 294 
PRO CA  HA   sing N N 295 
PRO C   O    doub N N 296 
PRO C   OXT  sing N N 297 
PRO CB  CG   sing N N 298 
PRO CB  HB2  sing N N 299 
PRO CB  HB3  sing N N 300 
PRO CG  CD   sing N N 301 
PRO CG  HG2  sing N N 302 
PRO CG  HG3  sing N N 303 
PRO CD  HD2  sing N N 304 
PRO CD  HD3  sing N N 305 
PRO OXT HXT  sing N N 306 
SER N   CA   sing N N 307 
SER N   H    sing N N 308 
SER N   H2   sing N N 309 
SER CA  C    sing N N 310 
SER CA  CB   sing N N 311 
SER CA  HA   sing N N 312 
SER C   O    doub N N 313 
SER C   OXT  sing N N 314 
SER CB  OG   sing N N 315 
SER CB  HB2  sing N N 316 
SER CB  HB3  sing N N 317 
SER OG  HG   sing N N 318 
SER OXT HXT  sing N N 319 
THR N   CA   sing N N 320 
THR N   H    sing N N 321 
THR N   H2   sing N N 322 
THR CA  C    sing N N 323 
THR CA  CB   sing N N 324 
THR CA  HA   sing N N 325 
THR C   O    doub N N 326 
THR C   OXT  sing N N 327 
THR CB  OG1  sing N N 328 
THR CB  CG2  sing N N 329 
THR CB  HB   sing N N 330 
THR OG1 HG1  sing N N 331 
THR CG2 HG21 sing N N 332 
THR CG2 HG22 sing N N 333 
THR CG2 HG23 sing N N 334 
THR OXT HXT  sing N N 335 
TYR N   CA   sing N N 336 
TYR N   H    sing N N 337 
TYR N   H2   sing N N 338 
TYR CA  C    sing N N 339 
TYR CA  CB   sing N N 340 
TYR CA  HA   sing N N 341 
TYR C   O    doub N N 342 
TYR C   OXT  sing N N 343 
TYR CB  CG   sing N N 344 
TYR CB  HB2  sing N N 345 
TYR CB  HB3  sing N N 346 
TYR CG  CD1  doub Y N 347 
TYR CG  CD2  sing Y N 348 
TYR CD1 CE1  sing Y N 349 
TYR CD1 HD1  sing N N 350 
TYR CD2 CE2  doub Y N 351 
TYR CD2 HD2  sing N N 352 
TYR CE1 CZ   doub Y N 353 
TYR CE1 HE1  sing N N 354 
TYR CE2 CZ   sing Y N 355 
TYR CE2 HE2  sing N N 356 
TYR CZ  OH   sing N N 357 
TYR OH  HH   sing N N 358 
TYR OXT HXT  sing N N 359 
VAL N   CA   sing N N 360 
VAL N   H    sing N N 361 
VAL N   H2   sing N N 362 
VAL CA  C    sing N N 363 
VAL CA  CB   sing N N 364 
VAL CA  HA   sing N N 365 
VAL C   O    doub N N 366 
VAL C   OXT  sing N N 367 
VAL CB  CG1  sing N N 368 
VAL CB  CG2  sing N N 369 
VAL CB  HB   sing N N 370 
VAL CG1 HG11 sing N N 371 
VAL CG1 HG12 sing N N 372 
VAL CG1 HG13 sing N N 373 
VAL CG2 HG21 sing N N 374 
VAL CG2 HG22 sing N N 375 
VAL CG2 HG23 sing N N 376 
VAL OXT HXT  sing N N 377 
# 
_atom_sites.entry_id                    1HCN 
_atom_sites.fract_transf_matrix[1][1]   0.01173110 
_atom_sites.fract_transf_matrix[1][2]   -0.00141882 
_atom_sites.fract_transf_matrix[1][3]   -0.00666909 
_atom_sites.fract_transf_matrix[2][1]   0.00262822 
_atom_sites.fract_transf_matrix[2][2]   -0.01148138 
_atom_sites.fract_transf_matrix[2][3]   -0.00673707 
_atom_sites.fract_transf_matrix[3][1]   -0.00236486 
_atom_sites.fract_transf_matrix[3][2]   0.00217054 
_atom_sites.fract_transf_matrix[3][3]   -0.00462162 
_atom_sites.fract_transf_vector[1]      0.287762 
_atom_sites.fract_transf_vector[2]      0.372168 
_atom_sites.fract_transf_vector[3]      -0.004627 
# 
_atom_sites_footnote.id     1 
_atom_sites_footnote.text   'CIS PROLINE - PRO B    50' 
# 
loop_
_atom_type.symbol 
C 
N 
O 
S 
# 
loop_
_atom_site.group_PDB 
_atom_site.id 
_atom_site.type_symbol 
_atom_site.label_atom_id 
_atom_site.label_alt_id 
_atom_site.label_comp_id 
_atom_site.label_asym_id 
_atom_site.label_entity_id 
_atom_site.label_seq_id 
_atom_site.pdbx_PDB_ins_code 
_atom_site.Cartn_x 
_atom_site.Cartn_y 
_atom_site.Cartn_z 
_atom_site.occupancy 
_atom_site.B_iso_or_equiv 
_atom_site.pdbx_formal_charge 
_atom_site.auth_seq_id 
_atom_site.auth_comp_id 
_atom_site.auth_asym_id 
_atom_site.auth_atom_id 
_atom_site.pdbx_PDB_model_num 
ATOM   1    N N   . GLN A 1 5   ? 15.783  5.690   -2.960  1.00 61.37 ? 5   GLN A N   1 
ATOM   2    C CA  . GLN A 1 5   ? 15.598  6.369   -4.266  1.00 55.75 ? 5   GLN A CA  1 
ATOM   3    C C   . GLN A 1 5   ? 14.337  7.228   -4.204  1.00 50.74 ? 5   GLN A C   1 
ATOM   4    O O   . GLN A 1 5   ? 13.719  7.386   -3.153  1.00 49.21 ? 5   GLN A O   1 
ATOM   5    C CB  . GLN A 1 5   ? 15.494  5.316   -5.383  1.00 57.96 ? 5   GLN A CB  1 
ATOM   6    C CG  . GLN A 1 5   ? 15.770  5.825   -6.806  1.00 64.84 ? 5   GLN A CG  1 
ATOM   7    C CD  . GLN A 1 5   ? 17.120  6.537   -6.951  1.00 70.43 ? 5   GLN A CD  1 
ATOM   8    O OE1 . GLN A 1 5   ? 17.259  7.709   -6.592  1.00 71.38 ? 5   GLN A OE1 1 
ATOM   9    N NE2 . GLN A 1 5   ? 18.114  5.827   -7.475  1.00 72.14 ? 5   GLN A NE2 1 
ATOM   10   N N   . ASP A 1 6   ? 13.998  7.831   -5.325  1.00 50.94 ? 6   ASP A N   1 
ATOM   11   C CA  . ASP A 1 6   ? 12.811  8.643   -5.436  1.00 46.49 ? 6   ASP A CA  1 
ATOM   12   C C   . ASP A 1 6   ? 11.964  7.997   -6.528  1.00 46.83 ? 6   ASP A C   1 
ATOM   13   O O   . ASP A 1 6   ? 12.490  7.442   -7.489  1.00 57.70 ? 6   ASP A O   1 
ATOM   14   C CB  . ASP A 1 6   ? 13.192  10.055  -5.844  1.00 41.45 ? 6   ASP A CB  1 
ATOM   15   C CG  . ASP A 1 6   ? 12.019  10.990  -5.835  1.00 46.03 ? 6   ASP A CG  1 
ATOM   16   O OD1 . ASP A 1 6   ? 10.924  10.601  -5.389  1.00 48.19 ? 6   ASP A OD1 1 
ATOM   17   O OD2 . ASP A 1 6   ? 12.183  12.136  -6.269  1.00 55.91 ? 6   ASP A OD2 1 
ATOM   18   N N   . CYS A 1 7   ? 10.656  8.050   -6.372  1.00 37.56 ? 7   CYS A N   1 
ATOM   19   C CA  . CYS A 1 7   ? 9.767   7.475   -7.348  1.00 34.90 ? 7   CYS A CA  1 
ATOM   20   C C   . CYS A 1 7   ? 9.070   8.642   -8.076  1.00 31.89 ? 7   CYS A C   1 
ATOM   21   O O   . CYS A 1 7   ? 8.816   9.693   -7.477  1.00 35.13 ? 7   CYS A O   1 
ATOM   22   C CB  . CYS A 1 7   ? 8.757   6.602   -6.608  1.00 37.63 ? 7   CYS A CB  1 
ATOM   23   S SG  . CYS A 1 7   ? 7.926   5.330   -7.609  1.00 50.08 ? 7   CYS A SG  1 
ATOM   24   N N   . PRO A 1 8   ? 8.862   8.520   -9.396  1.00 24.42 ? 8   PRO A N   1 
ATOM   25   C CA  . PRO A 1 8   ? 8.204   9.530   -10.249 1.00 23.93 ? 8   PRO A CA  1 
ATOM   26   C C   . PRO A 1 8   ? 6.709   9.826   -9.987  1.00 25.92 ? 8   PRO A C   1 
ATOM   27   O O   . PRO A 1 8   ? 5.864   8.934   -9.844  1.00 30.19 ? 8   PRO A O   1 
ATOM   28   C CB  . PRO A 1 8   ? 8.437   9.001   -11.662 1.00 22.24 ? 8   PRO A CB  1 
ATOM   29   C CG  . PRO A 1 8   ? 8.719   7.533   -11.470 1.00 26.56 ? 8   PRO A CG  1 
ATOM   30   C CD  . PRO A 1 8   ? 9.550   7.516   -10.216 1.00 23.77 ? 8   PRO A CD  1 
ATOM   31   N N   . GLU A 1 9   ? 6.387   11.105  -9.945  1.00 27.29 ? 9   GLU A N   1 
ATOM   32   C CA  . GLU A 1 9   ? 5.022   11.556  -9.683  1.00 32.30 ? 9   GLU A CA  1 
ATOM   33   C C   . GLU A 1 9   ? 3.981   10.899  -10.584 1.00 37.43 ? 9   GLU A C   1 
ATOM   34   O O   . GLU A 1 9   ? 4.268   10.544  -11.719 1.00 43.80 ? 9   GLU A O   1 
ATOM   35   C CB  . GLU A 1 9   ? 4.990   13.081  -9.818  1.00 25.77 ? 9   GLU A CB  1 
ATOM   36   C CG  . GLU A 1 9   ? 3.659   13.699  -10.099 1.00 29.18 ? 9   GLU A CG  1 
ATOM   37   C CD  . GLU A 1 9   ? 3.771   15.210  -10.252 1.00 38.00 ? 9   GLU A CD  1 
ATOM   38   O OE1 . GLU A 1 9   ? 4.687   15.685  -10.957 1.00 37.23 ? 9   GLU A OE1 1 
ATOM   39   O OE2 . GLU A 1 9   ? 2.942   15.938  -9.661  1.00 46.19 ? 9   GLU A OE2 1 
ATOM   40   N N   . CYS A 1 10  ? 2.790   10.658  -10.050 1.00 46.64 ? 10  CYS A N   1 
ATOM   41   C CA  . CYS A 1 10  ? 1.703   10.062  -10.841 1.00 43.03 ? 10  CYS A CA  1 
ATOM   42   C C   . CYS A 1 10  ? 1.373   11.224  -11.756 1.00 45.74 ? 10  CYS A C   1 
ATOM   43   O O   . CYS A 1 10  ? 1.199   12.345  -11.275 1.00 52.90 ? 10  CYS A O   1 
ATOM   44   C CB  . CYS A 1 10  ? 0.497   9.705   -9.939  1.00 35.79 ? 10  CYS A CB  1 
ATOM   45   S SG  . CYS A 1 10  ? -0.953  8.913   -10.729 1.00 37.96 ? 10  CYS A SG  1 
ATOM   46   N N   . THR A 1 11  ? 1.423   10.992  -13.063 1.00 42.81 ? 11  THR A N   1 
ATOM   47   C CA  . THR A 1 11  ? 1.135   12.033  -14.048 1.00 38.07 ? 11  THR A CA  1 
ATOM   48   C C   . THR A 1 11  ? 0.898   11.353  -15.390 1.00 33.64 ? 11  THR A C   1 
ATOM   49   O O   . THR A 1 11  ? 1.172   10.161  -15.516 1.00 29.73 ? 11  THR A O   1 
ATOM   50   C CB  . THR A 1 11  ? 2.335   12.956  -14.200 1.00 36.24 ? 11  THR A CB  1 
ATOM   51   O OG1 . THR A 1 11  ? 3.529   12.189  -14.011 1.00 41.22 ? 11  THR A OG1 1 
ATOM   52   C CG2 . THR A 1 11  ? 2.284   14.111  -13.220 1.00 28.50 ? 11  THR A CG2 1 
ATOM   53   N N   . LEU A 1 12  ? 0.411   12.106  -16.387 1.00 30.94 ? 12  LEU A N   1 
ATOM   54   C CA  . LEU A 1 12  ? 0.144   11.548  -17.724 1.00 22.60 ? 12  LEU A CA  1 
ATOM   55   C C   . LEU A 1 12  ? 1.425   11.247  -18.438 1.00 22.07 ? 12  LEU A C   1 
ATOM   56   O O   . LEU A 1 12  ? 2.400   11.975  -18.331 1.00 21.91 ? 12  LEU A O   1 
ATOM   57   C CB  . LEU A 1 12  ? -0.654  12.498  -18.602 1.00 11.19 ? 12  LEU A CB  1 
ATOM   58   C CG  . LEU A 1 12  ? -1.972  12.948  -18.026 1.00 19.83 ? 12  LEU A CG  1 
ATOM   59   C CD1 . LEU A 1 12  ? -2.423  14.201  -18.754 1.00 21.42 ? 12  LEU A CD1 1 
ATOM   60   C CD2 . LEU A 1 12  ? -2.983  11.827  -18.107 1.00 8.85  ? 12  LEU A CD2 1 
ATOM   61   N N   . GLN A 1 13  ? 1.390   10.182  -19.210 1.00 29.55 ? 13  GLN A N   1 
ATOM   62   C CA  . GLN A 1 13  ? 2.537   9.767   -19.978 1.00 39.21 ? 13  GLN A CA  1 
ATOM   63   C C   . GLN A 1 13  ? 2.113   9.481   -21.408 1.00 43.07 ? 13  GLN A C   1 
ATOM   64   O O   . GLN A 1 13  ? 0.941   9.210   -21.703 1.00 40.74 ? 13  GLN A O   1 
ATOM   65   C CB  . GLN A 1 13  ? 3.148   8.518   -19.371 1.00 44.01 ? 13  GLN A CB  1 
ATOM   66   C CG  . GLN A 1 13  ? 3.532   8.715   -17.960 1.00 49.67 ? 13  GLN A CG  1 
ATOM   67   C CD  . GLN A 1 13  ? 4.362   9.949   -17.811 1.00 54.91 ? 13  GLN A CD  1 
ATOM   68   O OE1 . GLN A 1 13  ? 5.161   10.274  -18.682 1.00 53.42 ? 13  GLN A OE1 1 
ATOM   69   N NE2 . GLN A 1 13  ? 4.174   10.658  -16.709 1.00 65.96 ? 13  GLN A NE2 1 
ATOM   70   N N   . GLU A 1 14  ? 3.086   9.550   -22.298 1.00 45.24 ? 14  GLU A N   1 
ATOM   71   C CA  . GLU A 1 14  ? 2.854   9.295   -23.698 1.00 46.41 ? 14  GLU A CA  1 
ATOM   72   C C   . GLU A 1 14  ? 2.901   7.788   -23.899 1.00 43.73 ? 14  GLU A C   1 
ATOM   73   O O   . GLU A 1 14  ? 3.944   7.172   -23.667 1.00 46.69 ? 14  GLU A O   1 
ATOM   74   C CB  . GLU A 1 14  ? 3.983   9.948   -24.494 1.00 49.92 ? 14  GLU A CB  1 
ATOM   75   C CG  . GLU A 1 14  ? 3.763   9.987   -25.990 1.00 58.13 ? 14  GLU A CG  1 
ATOM   76   C CD  . GLU A 1 14  ? 2.668   10.955  -26.386 1.00 62.97 ? 14  GLU A CD  1 
ATOM   77   O OE1 . GLU A 1 14  ? 1.940   11.461  -25.496 1.00 62.41 ? 14  GLU A OE1 1 
ATOM   78   O OE2 . GLU A 1 14  ? 2.545   11.219  -27.599 1.00 63.59 ? 14  GLU A OE2 1 
ATOM   79   N N   . ASN A 1 15  ? 1.785   7.163   -24.242 1.00 37.27 ? 15  ASN A N   1 
ATOM   80   C CA  . ASN A 1 15  ? 1.852   5.728   -24.488 1.00 37.47 ? 15  ASN A CA  1 
ATOM   81   C C   . ASN A 1 15  ? 2.511   5.704   -25.851 1.00 38.16 ? 15  ASN A C   1 
ATOM   82   O O   . ASN A 1 15  ? 1.875   5.983   -26.853 1.00 47.10 ? 15  ASN A O   1 
ATOM   83   C CB  . ASN A 1 15  ? 0.473   5.094   -24.545 1.00 35.19 ? 15  ASN A CB  1 
ATOM   84   C CG  . ASN A 1 15  ? 0.537   3.607   -24.809 1.00 41.20 ? 15  ASN A CG  1 
ATOM   85   O OD1 . ASN A 1 15  ? 1.147   3.149   -25.787 1.00 36.12 ? 15  ASN A OD1 1 
ATOM   86   N ND2 . ASN A 1 15  ? -0.098  2.839   -23.944 1.00 45.32 ? 15  ASN A ND2 1 
ATOM   87   N N   . PRO A 1 16  ? 3.792   5.339   -25.916 1.00 41.56 ? 16  PRO A N   1 
ATOM   88   C CA  . PRO A 1 16  ? 4.518   5.310   -27.189 1.00 41.58 ? 16  PRO A CA  1 
ATOM   89   C C   . PRO A 1 16  ? 4.100   4.272   -28.211 1.00 45.48 ? 16  PRO A C   1 
ATOM   90   O O   . PRO A 1 16  ? 4.692   4.195   -29.274 1.00 50.87 ? 16  PRO A O   1 
ATOM   91   C CB  . PRO A 1 16  ? 5.949   5.077   -26.740 1.00 38.65 ? 16  PRO A CB  1 
ATOM   92   C CG  . PRO A 1 16  ? 5.752   4.123   -25.625 1.00 40.06 ? 16  PRO A CG  1 
ATOM   93   C CD  . PRO A 1 16  ? 4.594   4.708   -24.851 1.00 36.04 ? 16  PRO A CD  1 
ATOM   94   N N   . PHE A 1 17  ? 3.071   3.494   -27.927 1.00 43.70 ? 17  PHE A N   1 
ATOM   95   C CA  . PHE A 1 17  ? 2.679   2.470   -28.876 1.00 41.36 ? 17  PHE A CA  1 
ATOM   96   C C   . PHE A 1 17  ? 1.314   2.652   -29.460 1.00 40.74 ? 17  PHE A C   1 
ATOM   97   O O   . PHE A 1 17  ? 0.931   1.918   -30.368 1.00 43.80 ? 17  PHE A O   1 
ATOM   98   C CB  . PHE A 1 17  ? 2.796   1.110   -28.208 1.00 41.08 ? 17  PHE A CB  1 
ATOM   99   C CG  . PHE A 1 17  ? 4.165   0.840   -27.691 1.00 44.94 ? 17  PHE A CG  1 
ATOM   100  C CD1 . PHE A 1 17  ? 5.158   0.411   -28.546 1.00 39.87 ? 17  PHE A CD1 1 
ATOM   101  C CD2 . PHE A 1 17  ? 4.483   1.113   -26.364 1.00 52.21 ? 17  PHE A CD2 1 
ATOM   102  C CE1 . PHE A 1 17  ? 6.422   0.270   -28.106 1.00 46.58 ? 17  PHE A CE1 1 
ATOM   103  C CE2 . PHE A 1 17  ? 5.766   0.972   -25.905 1.00 49.21 ? 17  PHE A CE2 1 
ATOM   104  C CZ  . PHE A 1 17  ? 6.737   0.552   -26.774 1.00 52.49 ? 17  PHE A CZ  1 
ATOM   105  N N   . PHE A 1 18  ? 0.558   3.579   -28.883 1.00 38.29 ? 18  PHE A N   1 
ATOM   106  C CA  . PHE A 1 18  ? -0.791  3.874   -29.332 1.00 37.18 ? 18  PHE A CA  1 
ATOM   107  C C   . PHE A 1 18  ? -0.845  5.310   -29.784 1.00 43.04 ? 18  PHE A C   1 
ATOM   108  O O   . PHE A 1 18  ? -1.884  5.790   -30.244 1.00 43.16 ? 18  PHE A O   1 
ATOM   109  C CB  . PHE A 1 18  ? -1.769  3.682   -28.196 1.00 40.23 ? 18  PHE A CB  1 
ATOM   110  C CG  . PHE A 1 18  ? -1.945  2.262   -27.794 1.00 43.13 ? 18  PHE A CG  1 
ATOM   111  C CD1 . PHE A 1 18  ? -2.155  1.285   -28.758 1.00 41.59 ? 18  PHE A CD1 1 
ATOM   112  C CD2 . PHE A 1 18  ? -1.924  1.903   -26.454 1.00 43.41 ? 18  PHE A CD2 1 
ATOM   113  C CE1 . PHE A 1 18  ? -2.340  -0.022  -28.405 1.00 46.62 ? 18  PHE A CE1 1 
ATOM   114  C CE2 . PHE A 1 18  ? -2.110  0.600   -26.091 1.00 47.85 ? 18  PHE A CE2 1 
ATOM   115  C CZ  . PHE A 1 18  ? -2.321  -0.373  -27.071 1.00 48.71 ? 18  PHE A CZ  1 
ATOM   116  N N   . SER A 1 19  ? 0.267   6.007   -29.566 1.00 42.61 ? 19  SER A N   1 
ATOM   117  C CA  . SER A 1 19  ? 0.410   7.390   -29.959 1.00 44.44 ? 19  SER A CA  1 
ATOM   118  C C   . SER A 1 19  ? 0.892   7.560   -31.404 1.00 49.69 ? 19  SER A C   1 
ATOM   119  O O   . SER A 1 19  ? 1.945   7.033   -31.804 1.00 51.99 ? 19  SER A O   1 
ATOM   120  C CB  . SER A 1 19  ? 1.369   8.107   -29.019 1.00 38.49 ? 19  SER A CB  1 
ATOM   121  O OG  . SER A 1 19  ? 0.760   8.304   -27.764 1.00 38.02 ? 19  SER A OG  1 
ATOM   122  N N   . GLN A 1 20  ? 0.118   8.335   -32.157 1.00 51.23 ? 20  GLN A N   1 
ATOM   123  C CA  . GLN A 1 20  ? 0.418   8.676   -33.534 1.00 49.29 ? 20  GLN A CA  1 
ATOM   124  C C   . GLN A 1 20  ? 0.633   10.173  -33.530 1.00 48.17 ? 20  GLN A C   1 
ATOM   125  O O   . GLN A 1 20  ? 0.031   10.888  -32.729 1.00 47.45 ? 20  GLN A O   1 
ATOM   126  C CB  . GLN A 1 20  ? -0.762  8.381   -34.435 1.00 54.79 ? 20  GLN A CB  1 
ATOM   127  C CG  . GLN A 1 20  ? -0.472  7.285   -35.419 1.00 61.95 ? 20  GLN A CG  1 
ATOM   128  C CD  . GLN A 1 20  ? -0.733  5.932   -34.835 1.00 65.49 ? 20  GLN A CD  1 
ATOM   129  O OE1 . GLN A 1 20  ? -0.037  5.489   -33.907 1.00 65.22 ? 20  GLN A OE1 1 
ATOM   130  N NE2 . GLN A 1 20  ? -1.776  5.275   -35.338 1.00 62.93 ? 20  GLN A NE2 1 
ATOM   131  N N   . PRO A 1 21  ? 1.509   10.672  -34.409 1.00 48.47 ? 21  PRO A N   1 
ATOM   132  C CA  . PRO A 1 21  ? 1.779   12.104  -34.478 1.00 46.97 ? 21  PRO A CA  1 
ATOM   133  C C   . PRO A 1 21  ? 0.477   12.881  -34.602 1.00 49.93 ? 21  PRO A C   1 
ATOM   134  O O   . PRO A 1 21  ? -0.435  12.469  -35.329 1.00 52.85 ? 21  PRO A O   1 
ATOM   135  C CB  . PRO A 1 21  ? 2.613   12.202  -35.736 1.00 46.57 ? 21  PRO A CB  1 
ATOM   136  C CG  . PRO A 1 21  ? 3.405   10.941  -35.685 1.00 45.58 ? 21  PRO A CG  1 
ATOM   137  C CD  . PRO A 1 21  ? 2.336   9.948   -35.385 1.00 47.74 ? 21  PRO A CD  1 
ATOM   138  N N   . GLY A 1 22  ? 0.363   13.959  -33.830 1.00 48.78 ? 22  GLY A N   1 
ATOM   139  C CA  . GLY A 1 22  ? -0.838  14.772  -33.854 1.00 44.99 ? 22  GLY A CA  1 
ATOM   140  C C   . GLY A 1 22  ? -1.907  14.197  -32.943 1.00 51.38 ? 22  GLY A C   1 
ATOM   141  O O   . GLY A 1 22  ? -2.861  14.886  -32.552 1.00 55.30 ? 22  GLY A O   1 
ATOM   142  N N   . ALA A 1 23  ? -1.729  12.941  -32.553 1.00 50.14 ? 23  ALA A N   1 
ATOM   143  C CA  . ALA A 1 23  ? -2.689  12.286  -31.691 1.00 51.01 ? 23  ALA A CA  1 
ATOM   144  C C   . ALA A 1 23  ? -1.986  11.352  -30.716 1.00 52.18 ? 23  ALA A C   1 
ATOM   145  O O   . ALA A 1 23  ? -1.778  10.171  -30.994 1.00 56.85 ? 23  ALA A O   1 
ATOM   146  C CB  . ALA A 1 23  ? -3.709  11.530  -32.536 1.00 47.03 ? 23  ALA A CB  1 
ATOM   147  N N   . PRO A 1 24  ? -1.579  11.884  -29.562 1.00 50.65 ? 24  PRO A N   1 
ATOM   148  C CA  . PRO A 1 24  ? -0.895  11.114  -28.523 1.00 49.88 ? 24  PRO A CA  1 
ATOM   149  C C   . PRO A 1 24  ? -1.918  10.372  -27.690 1.00 46.70 ? 24  PRO A C   1 
ATOM   150  O O   . PRO A 1 24  ? -3.038  10.860  -27.516 1.00 48.96 ? 24  PRO A O   1 
ATOM   151  C CB  . PRO A 1 24  ? -0.284  12.206  -27.633 1.00 51.11 ? 24  PRO A CB  1 
ATOM   152  C CG  . PRO A 1 24  ? -0.358  13.446  -28.432 1.00 56.33 ? 24  PRO A CG  1 
ATOM   153  C CD  . PRO A 1 24  ? -1.632  13.300  -29.195 1.00 52.79 ? 24  PRO A CD  1 
ATOM   154  N N   . ILE A 1 25  ? -1.597  9.159   -27.267 1.00 41.07 ? 25  ILE A N   1 
ATOM   155  C CA  . ILE A 1 25  ? -2.487  8.457   -26.351 1.00 42.61 ? 25  ILE A CA  1 
ATOM   156  C C   . ILE A 1 25  ? -1.823  8.600   -24.987 1.00 40.66 ? 25  ILE A C   1 
ATOM   157  O O   . ILE A 1 25  ? -0.657  8.224   -24.795 1.00 38.20 ? 25  ILE A O   1 
ATOM   158  C CB  . ILE A 1 25  ? -2.734  7.003   -26.742 1.00 41.02 ? 25  ILE A CB  1 
ATOM   159  C CG1 . ILE A 1 25  ? -3.842  6.989   -27.774 1.00 40.79 ? 25  ILE A CG1 1 
ATOM   160  C CG2 . ILE A 1 25  ? -3.209  6.195   -25.544 1.00 39.46 ? 25  ILE A CG2 1 
ATOM   161  C CD1 . ILE A 1 25  ? -5.040  7.849   -27.336 1.00 39.83 ? 25  ILE A CD1 1 
ATOM   162  N N   . LEU A 1 26  ? -2.512  9.294   -24.098 1.00 41.70 ? 26  LEU A N   1 
ATOM   163  C CA  . LEU A 1 26  ? -1.991  9.559   -22.768 1.00 44.83 ? 26  LEU A CA  1 
ATOM   164  C C   . LEU A 1 26  ? -2.364  8.524   -21.706 1.00 41.12 ? 26  LEU A C   1 
ATOM   165  O O   . LEU A 1 26  ? -3.510  8.058   -21.626 1.00 41.92 ? 26  LEU A O   1 
ATOM   166  C CB  . LEU A 1 26  ? -2.369  10.986  -22.358 1.00 42.85 ? 26  LEU A CB  1 
ATOM   167  C CG  . LEU A 1 26  ? -1.836  12.025  -23.356 1.00 39.69 ? 26  LEU A CG  1 
ATOM   168  C CD1 . LEU A 1 26  ? -2.208  13.407  -22.921 1.00 40.01 ? 26  LEU A CD1 1 
ATOM   169  C CD2 . LEU A 1 26  ? -0.327  11.906  -23.471 1.00 38.32 ? 26  LEU A CD2 1 
ATOM   170  N N   . GLN A 1 27  ? -1.379  8.163   -20.894 1.00 40.62 ? 27  GLN A N   1 
ATOM   171  C CA  . GLN A 1 27  ? -1.581  7.164   -19.857 1.00 44.38 ? 27  GLN A CA  1 
ATOM   172  C C   . GLN A 1 27  ? -1.079  7.608   -18.491 1.00 41.06 ? 27  GLN A C   1 
ATOM   173  O O   . GLN A 1 27  ? 0.065   8.062   -18.379 1.00 42.82 ? 27  GLN A O   1 
ATOM   174  C CB  . GLN A 1 27  ? -0.866  5.868   -20.251 1.00 43.04 ? 27  GLN A CB  1 
ATOM   175  C CG  . GLN A 1 27  ? -1.148  4.673   -19.335 1.00 48.28 ? 27  GLN A CG  1 
ATOM   176  C CD  . GLN A 1 27  ? -0.328  3.443   -19.708 1.00 50.78 ? 27  GLN A CD  1 
ATOM   177  O OE1 . GLN A 1 27  ? 0.769   3.560   -20.265 1.00 53.31 ? 27  GLN A OE1 1 
ATOM   178  N NE2 . GLN A 1 27  ? -0.867  2.257   -19.430 1.00 46.62 ? 27  GLN A NE2 1 
ATOM   179  N N   . CYS A 1 28  ? -1.965  7.593   -17.490 1.00 33.90 ? 28  CYS A N   1 
ATOM   180  C CA  . CYS A 1 28  ? -1.582  7.915   -16.104 1.00 33.22 ? 28  CYS A CA  1 
ATOM   181  C C   . CYS A 1 28  ? -0.594  6.865   -15.593 1.00 30.24 ? 28  CYS A C   1 
ATOM   182  O O   . CYS A 1 28  ? -0.884  5.657   -15.595 1.00 23.19 ? 28  CYS A O   1 
ATOM   183  C CB  . CYS A 1 28  ? -2.794  7.882   -15.198 1.00 35.72 ? 28  CYS A CB  1 
ATOM   184  S SG  . CYS A 1 28  ? -3.781  9.373   -15.354 1.00 40.98 ? 28  CYS A SG  1 
ATOM   185  N N   . MET A 1 29  ? 0.578   7.328   -15.197 1.00 31.01 ? 29  MET A N   1 
ATOM   186  C CA  . MET A 1 29  ? 1.618   6.458   -14.695 1.00 42.01 ? 29  MET A CA  1 
ATOM   187  C C   . MET A 1 29  ? 2.352   7.256   -13.644 1.00 46.76 ? 29  MET A C   1 
ATOM   188  O O   . MET A 1 29  ? 2.548   8.469   -13.807 1.00 49.79 ? 29  MET A O   1 
ATOM   189  C CB  . MET A 1 29  ? 2.605   6.106   -15.802 1.00 43.22 ? 29  MET A CB  1 
ATOM   190  C CG  . MET A 1 29  ? 2.042   5.309   -16.928 1.00 47.44 ? 29  MET A CG  1 
ATOM   191  S SD  . MET A 1 29  ? 3.633   4.962   -17.995 1.00 61.60 ? 29  MET A SD  1 
ATOM   192  C CE  . MET A 1 29  ? 5.243   5.941   -17.693 1.00 50.76 ? 29  MET A CE  1 
ATOM   193  N N   . GLY A 1 30  ? 2.745   6.601   -12.562 1.00 49.57 ? 30  GLY A N   1 
ATOM   194  C CA  . GLY A 1 30  ? 3.476   7.324   -11.537 1.00 51.81 ? 30  GLY A CA  1 
ATOM   195  C C   . GLY A 1 30  ? 3.526   6.622   -10.206 1.00 45.61 ? 30  GLY A C   1 
ATOM   196  O O   . GLY A 1 30  ? 3.199   5.443   -10.108 1.00 45.39 ? 30  GLY A O   1 
ATOM   197  N N   . CYS A 1 31  ? 3.904   7.358   -9.174  1.00 38.14 ? 31  CYS A N   1 
ATOM   198  C CA  . CYS A 1 31  ? 3.992   6.776   -7.861  1.00 32.14 ? 31  CYS A CA  1 
ATOM   199  C C   . CYS A 1 31  ? 3.061   7.421   -6.884  1.00 32.59 ? 31  CYS A C   1 
ATOM   200  O O   . CYS A 1 31  ? 2.809   8.629   -6.921  1.00 37.20 ? 31  CYS A O   1 
ATOM   201  C CB  . CYS A 1 31  ? 5.397   6.908   -7.362  1.00 38.15 ? 31  CYS A CB  1 
ATOM   202  S SG  . CYS A 1 31  ? 6.565   6.394   -8.643  1.00 44.99 ? 31  CYS A SG  1 
ATOM   203  N N   . CYS A 1 32  ? 2.499   6.589   -6.035  1.00 36.43 ? 32  CYS A N   1 
ATOM   204  C CA  . CYS A 1 32  ? 1.610   7.060   -4.995  1.00 36.30 ? 32  CYS A CA  1 
ATOM   205  C C   . CYS A 1 32  ? 2.088   6.470   -3.656  1.00 33.54 ? 32  CYS A C   1 
ATOM   206  O O   . CYS A 1 32  ? 3.055   5.688   -3.593  1.00 31.82 ? 32  CYS A O   1 
ATOM   207  C CB  . CYS A 1 32  ? 0.170   6.681   -5.331  1.00 34.14 ? 32  CYS A CB  1 
ATOM   208  S SG  . CYS A 1 32  ? -0.466  7.591   -6.771  1.00 36.05 ? 32  CYS A SG  1 
ATOM   209  N N   . PHE A 1 33  ? 1.440   6.859   -2.581  1.00 31.59 ? 33  PHE A N   1 
ATOM   210  C CA  . PHE A 1 33  ? 1.870   6.385   -1.294  1.00 35.31 ? 33  PHE A CA  1 
ATOM   211  C C   . PHE A 1 33  ? 1.190   5.149   -0.720  1.00 38.93 ? 33  PHE A C   1 
ATOM   212  O O   . PHE A 1 33  ? -0.040  4.986   -0.791  1.00 40.78 ? 33  PHE A O   1 
ATOM   213  C CB  . PHE A 1 33  ? 1.774   7.534   -0.293  1.00 36.05 ? 33  PHE A CB  1 
ATOM   214  C CG  . PHE A 1 33  ? 2.274   7.183   1.059   1.00 32.41 ? 33  PHE A CG  1 
ATOM   215  C CD1 . PHE A 1 33  ? 3.629   7.123   1.305   1.00 32.75 ? 33  PHE A CD1 1 
ATOM   216  C CD2 . PHE A 1 33  ? 1.388   6.894   2.081   1.00 27.01 ? 33  PHE A CD2 1 
ATOM   217  C CE1 . PHE A 1 33  ? 4.084   6.783   2.535   1.00 30.06 ? 33  PHE A CE1 1 
ATOM   218  C CE2 . PHE A 1 33  ? 1.832   6.552   3.309   1.00 23.45 ? 33  PHE A CE2 1 
ATOM   219  C CZ  . PHE A 1 33  ? 3.179   6.496   3.542   1.00 31.00 ? 33  PHE A CZ  1 
ATOM   220  N N   . SER A 1 34  ? 1.996   4.293   -0.105  1.00 37.23 ? 34  SER A N   1 
ATOM   221  C CA  . SER A 1 34  ? 1.449   3.126   0.556   1.00 33.73 ? 34  SER A CA  1 
ATOM   222  C C   . SER A 1 34  ? 2.285   2.779   1.790   1.00 38.48 ? 34  SER A C   1 
ATOM   223  O O   . SER A 1 34  ? 3.511   2.989   1.830   1.00 43.65 ? 34  SER A O   1 
ATOM   224  C CB  . SER A 1 34  ? 1.339   1.943   -0.398  1.00 30.93 ? 34  SER A CB  1 
ATOM   225  O OG  . SER A 1 34  ? 2.589   1.590   -0.953  1.00 28.65 ? 34  SER A OG  1 
ATOM   226  N N   . ARG A 1 35  ? 1.619   2.276   2.812   1.00 31.52 ? 35  ARG A N   1 
ATOM   227  C CA  . ARG A 1 35  ? 2.301   1.909   4.019   1.00 25.11 ? 35  ARG A CA  1 
ATOM   228  C C   . ARG A 1 35  ? 1.788   0.529   4.369   1.00 29.70 ? 35  ARG A C   1 
ATOM   229  O O   . ARG A 1 35  ? 0.671   0.154   3.990   1.00 32.21 ? 35  ARG A O   1 
ATOM   230  C CB  . ARG A 1 35  ? 2.001   2.930   5.122   1.00 21.34 ? 35  ARG A CB  1 
ATOM   231  C CG  . ARG A 1 35  ? 0.621   2.828   5.661   1.00 20.39 ? 35  ARG A CG  1 
ATOM   232  C CD  . ARG A 1 35  ? -0.017  4.164   5.915   1.00 27.54 ? 35  ARG A CD  1 
ATOM   233  N NE  . ARG A 1 35  ? 0.545   4.899   7.030   1.00 24.40 ? 35  ARG A NE  1 
ATOM   234  C CZ  . ARG A 1 35  ? -0.196  5.578   7.899   1.00 30.90 ? 35  ARG A CZ  1 
ATOM   235  N NH1 . ARG A 1 35  ? -1.507  5.597   7.763   1.00 27.42 ? 35  ARG A NH1 1 
ATOM   236  N NH2 . ARG A 1 35  ? 0.367   6.267   8.893   1.00 37.11 ? 35  ARG A NH2 1 
ATOM   237  N N   . ALA A 1 36  ? 2.631   -0.252  5.030   1.00 31.75 ? 36  ALA A N   1 
ATOM   238  C CA  . ALA A 1 36  ? 2.286   -1.593  5.442   1.00 35.94 ? 36  ALA A CA  1 
ATOM   239  C C   . ALA A 1 36  ? 2.779   -1.666  6.861   1.00 33.91 ? 36  ALA A C   1 
ATOM   240  O O   . ALA A 1 36  ? 3.911   -1.304  7.134   1.00 37.49 ? 36  ALA A O   1 
ATOM   241  C CB  . ALA A 1 36  ? 3.015   -2.621  4.580   1.00 40.19 ? 36  ALA A CB  1 
ATOM   242  N N   . TYR A 1 37  ? 1.921   -2.142  7.749   1.00 33.80 ? 37  TYR A N   1 
ATOM   243  C CA  . TYR A 1 37  ? 2.214   -2.263  9.162   1.00 29.44 ? 37  TYR A CA  1 
ATOM   244  C C   . TYR A 1 37  ? 1.474   -3.453  9.792   1.00 32.72 ? 37  TYR A C   1 
ATOM   245  O O   . TYR A 1 37  ? 0.524   -3.981  9.206   1.00 26.29 ? 37  TYR A O   1 
ATOM   246  C CB  . TYR A 1 37  ? 1.807   -0.971  9.849   1.00 29.28 ? 37  TYR A CB  1 
ATOM   247  C CG  . TYR A 1 37  ? 0.400   -0.521  9.547   1.00 32.16 ? 37  TYR A CG  1 
ATOM   248  C CD1 . TYR A 1 37  ? -0.694  -1.207  10.060  1.00 31.50 ? 37  TYR A CD1 1 
ATOM   249  C CD2 . TYR A 1 37  ? 0.164   0.607   8.760   1.00 31.70 ? 37  TYR A CD2 1 
ATOM   250  C CE1 . TYR A 1 37  ? -1.984  -0.781  9.799   1.00 35.19 ? 37  TYR A CE1 1 
ATOM   251  C CE2 . TYR A 1 37  ? -1.118  1.032   8.493   1.00 31.23 ? 37  TYR A CE2 1 
ATOM   252  C CZ  . TYR A 1 37  ? -2.181  0.341   9.017   1.00 30.77 ? 37  TYR A CZ  1 
ATOM   253  O OH  . TYR A 1 37  ? -3.440  0.787   8.758   1.00 30.02 ? 37  TYR A OH  1 
ATOM   254  N N   . PRO A 1 38  ? 1.908   -3.899  10.991  1.00 33.48 ? 38  PRO A N   1 
ATOM   255  C CA  . PRO A 1 38  ? 1.254   -5.029  11.657  1.00 26.15 ? 38  PRO A CA  1 
ATOM   256  C C   . PRO A 1 38  ? -0.149  -4.595  11.939  1.00 27.03 ? 38  PRO A C   1 
ATOM   257  O O   . PRO A 1 38  ? -0.346  -3.544  12.545  1.00 29.75 ? 38  PRO A O   1 
ATOM   258  C CB  . PRO A 1 38  ? 2.028   -5.153  12.962  1.00 26.86 ? 38  PRO A CB  1 
ATOM   259  C CG  . PRO A 1 38  ? 3.370   -4.613  12.621  1.00 32.37 ? 38  PRO A CG  1 
ATOM   260  C CD  . PRO A 1 38  ? 3.024   -3.398  11.810  1.00 31.46 ? 38  PRO A CD  1 
ATOM   261  N N   . THR A 1 39  ? -1.128  -5.388  11.517  1.00 29.19 ? 39  THR A N   1 
ATOM   262  C CA  . THR A 1 39  ? -2.519  -5.019  11.749  1.00 29.40 ? 39  THR A CA  1 
ATOM   263  C C   . THR A 1 39  ? -2.883  -4.865  13.212  1.00 33.39 ? 39  THR A C   1 
ATOM   264  O O   . THR A 1 39  ? -2.526  -5.681  14.058  1.00 38.62 ? 39  THR A O   1 
ATOM   265  C CB  . THR A 1 39  ? -3.528  -5.964  11.017  1.00 26.08 ? 39  THR A CB  1 
ATOM   266  O OG1 . THR A 1 39  ? -4.746  -6.093  11.760  1.00 25.21 ? 39  THR A OG1 1 
ATOM   267  C CG2 . THR A 1 39  ? -2.949  -7.255  10.783  1.00 18.48 ? 39  THR A CG2 1 
ATOM   268  N N   . PRO A 1 40  ? -3.464  -3.717  13.546  1.00 34.27 ? 40  PRO A N   1 
ATOM   269  C CA  . PRO A 1 40  ? -3.900  -3.385  14.898  1.00 37.26 ? 40  PRO A CA  1 
ATOM   270  C C   . PRO A 1 40  ? -4.852  -4.442  15.454  1.00 36.95 ? 40  PRO A C   1 
ATOM   271  O O   . PRO A 1 40  ? -5.619  -5.027  14.706  1.00 40.17 ? 40  PRO A O   1 
ATOM   272  C CB  . PRO A 1 40  ? -4.620  -2.062  14.675  1.00 31.54 ? 40  PRO A CB  1 
ATOM   273  C CG  . PRO A 1 40  ? -3.700  -1.401  13.716  1.00 32.16 ? 40  PRO A CG  1 
ATOM   274  C CD  . PRO A 1 40  ? -3.422  -2.506  12.709  1.00 31.74 ? 40  PRO A CD  1 
ATOM   275  N N   . LEU A 1 41  ? -4.794  -4.671  16.765  1.00 42.79 ? 41  LEU A N   1 
ATOM   276  C CA  . LEU A 1 41  ? -5.664  -5.638  17.453  1.00 40.98 ? 41  LEU A CA  1 
ATOM   277  C C   . LEU A 1 41  ? -7.116  -5.256  17.166  1.00 35.44 ? 41  LEU A C   1 
ATOM   278  O O   . LEU A 1 41  ? -7.968  -6.112  16.971  1.00 32.89 ? 41  LEU A O   1 
ATOM   279  C CB  . LEU A 1 41  ? -5.416  -5.576  18.962  1.00 36.16 ? 41  LEU A CB  1 
ATOM   280  C CG  . LEU A 1 41  ? -5.758  -6.720  19.928  1.00 29.33 ? 41  LEU A CG  1 
ATOM   281  C CD1 . LEU A 1 41  ? -6.397  -6.065  21.147  1.00 27.37 ? 41  LEU A CD1 1 
ATOM   282  C CD2 . LEU A 1 41  ? -6.656  -7.799  19.325  1.00 24.45 ? 41  LEU A CD2 1 
ATOM   283  N N   . ARG A 1 42  ? -7.367  -3.955  17.161  1.00 31.77 ? 42  ARG A N   1 
ATOM   284  C CA  . ARG A 1 42  ? -8.674  -3.383  16.873  1.00 38.50 ? 42  ARG A CA  1 
ATOM   285  C C   . ARG A 1 42  ? -9.168  -4.041  15.582  1.00 39.44 ? 42  ARG A C   1 
ATOM   286  O O   . ARG A 1 42  ? -10.210 -4.693  15.553  1.00 39.89 ? 42  ARG A O   1 
ATOM   287  C CB  . ARG A 1 42  ? -8.476  -1.886  16.634  1.00 48.88 ? 42  ARG A CB  1 
ATOM   288  C CG  . ARG A 1 42  ? -9.660  -0.993  16.868  1.00 59.68 ? 42  ARG A CG  1 
ATOM   289  C CD  . ARG A 1 42  ? -9.553  0.197   15.920  1.00 73.86 ? 42  ARG A CD  1 
ATOM   290  N NE  . ARG A 1 42  ? -8.295  0.943   16.064  1.00 85.01 ? 42  ARG A NE  1 
ATOM   291  C CZ  . ARG A 1 42  ? -7.995  2.059   15.393  1.00 88.89 ? 42  ARG A CZ  1 
ATOM   292  N NH1 . ARG A 1 42  ? -8.851  2.565   14.506  1.00 89.61 ? 42  ARG A NH1 1 
ATOM   293  N NH2 . ARG A 1 42  ? -6.879  2.723   15.674  1.00 88.61 ? 42  ARG A NH2 1 
ATOM   294  N N   . SER A 1 43  ? -8.336  -3.932  14.549  1.00 37.00 ? 43  SER A N   1 
ATOM   295  C CA  . SER A 1 43  ? -8.578  -4.483  13.216  1.00 35.10 ? 43  SER A CA  1 
ATOM   296  C C   . SER A 1 43  ? -8.845  -5.985  13.329  1.00 33.02 ? 43  SER A C   1 
ATOM   297  O O   . SER A 1 43  ? -9.789  -6.498  12.743  1.00 30.99 ? 43  SER A O   1 
ATOM   298  C CB  . SER A 1 43  ? -7.313  -4.246  12.361  1.00 40.91 ? 43  SER A CB  1 
ATOM   299  O OG  . SER A 1 43  ? -7.561  -4.024  10.977  1.00 48.85 ? 43  SER A OG  1 
ATOM   300  N N   . LYS A 1 44  ? -8.020  -6.669  14.123  1.00 36.65 ? 44  LYS A N   1 
ATOM   301  C CA  . LYS A 1 44  ? -8.100  -8.112  14.330  1.00 34.16 ? 44  LYS A CA  1 
ATOM   302  C C   . LYS A 1 44  ? -9.423  -8.604  14.870  1.00 29.70 ? 44  LYS A C   1 
ATOM   303  O O   . LYS A 1 44  ? -9.827  -9.727  14.581  1.00 29.82 ? 44  LYS A O   1 
ATOM   304  C CB  . LYS A 1 44  ? -6.981  -8.583  15.253  1.00 38.54 ? 44  LYS A CB  1 
ATOM   305  C CG  . LYS A 1 44  ? -5.566  -8.337  14.732  1.00 44.51 ? 44  LYS A CG  1 
ATOM   306  C CD  . LYS A 1 44  ? -4.565  -9.260  15.420  1.00 47.37 ? 44  LYS A CD  1 
ATOM   307  C CE  . LYS A 1 44  ? -3.138  -8.908  15.086  1.00 47.41 ? 44  LYS A CE  1 
ATOM   308  N NZ  . LYS A 1 44  ? -2.705  -7.709  15.861  1.00 53.54 ? 44  LYS A NZ  1 
ATOM   309  N N   . LYS A 1 45  ? -10.101 -7.763  15.637  1.00 30.39 ? 45  LYS A N   1 
ATOM   310  C CA  . LYS A 1 45  ? -11.397 -8.112  16.222  1.00 37.66 ? 45  LYS A CA  1 
ATOM   311  C C   . LYS A 1 45  ? -12.563 -7.818  15.278  1.00 40.19 ? 45  LYS A C   1 
ATOM   312  O O   . LYS A 1 45  ? -13.724 -7.996  15.669  1.00 39.92 ? 45  LYS A O   1 
ATOM   313  C CB  . LYS A 1 45  ? -11.628 -7.342  17.532  1.00 44.40 ? 45  LYS A CB  1 
ATOM   314  C CG  . LYS A 1 45  ? -10.757 -7.766  18.705  1.00 44.68 ? 45  LYS A CG  1 
ATOM   315  C CD  . LYS A 1 45  ? -11.133 -9.136  19.217  1.00 44.00 ? 45  LYS A CD  1 
ATOM   316  C CE  . LYS A 1 45  ? -9.979  -9.722  20.037  1.00 46.60 ? 45  LYS A CE  1 
ATOM   317  N NZ  . LYS A 1 45  ? -8.825  -10.093 19.163  1.00 44.28 ? 45  LYS A NZ  1 
ATOM   318  N N   . THR A 1 46  ? -12.264 -7.250  14.106  1.00 37.60 ? 46  THR A N   1 
ATOM   319  C CA  . THR A 1 46  ? -13.281 -6.939  13.105  1.00 31.67 ? 46  THR A CA  1 
ATOM   320  C C   . THR A 1 46  ? -13.141 -7.841  11.893  1.00 32.84 ? 46  THR A C   1 
ATOM   321  O O   . THR A 1 46  ? -14.104 -8.096  11.210  1.00 37.84 ? 46  THR A O   1 
ATOM   322  C CB  . THR A 1 46  ? -13.199 -5.527  12.626  1.00 28.38 ? 46  THR A CB  1 
ATOM   323  O OG1 . THR A 1 46  ? -12.022 -5.366  11.826  1.00 40.45 ? 46  THR A OG1 1 
ATOM   324  C CG2 . THR A 1 46  ? -13.156 -4.578  13.800  1.00 27.99 ? 46  THR A CG2 1 
ATOM   325  N N   . MET A 1 47  ? -11.941 -8.318  11.620  1.00 33.04 ? 47  MET A N   1 
ATOM   326  C CA  . MET A 1 47  ? -11.719 -9.207  10.484  1.00 39.33 ? 47  MET A CA  1 
ATOM   327  C C   . MET A 1 47  ? -12.157 -10.649 10.740  1.00 35.86 ? 47  MET A C   1 
ATOM   328  O O   . MET A 1 47  ? -11.997 -11.152 11.828  1.00 43.63 ? 47  MET A O   1 
ATOM   329  C CB  . MET A 1 47  ? -10.231 -9.245  10.143  1.00 42.72 ? 47  MET A CB  1 
ATOM   330  C CG  . MET A 1 47  ? -9.560  -7.912  10.184  1.00 49.92 ? 47  MET A CG  1 
ATOM   331  S SD  . MET A 1 47  ? -7.762  -8.490  9.996   1.00 55.30 ? 47  MET A SD  1 
ATOM   332  C CE  . MET A 1 47  ? -7.265  -6.743  9.442   1.00 51.97 ? 47  MET A CE  1 
ATOM   333  N N   . LEU A 1 48  ? -12.632 -11.329 9.708   1.00 36.89 ? 48  LEU A N   1 
ATOM   334  C CA  . LEU A 1 48  ? -13.014 -12.727 9.831   1.00 37.58 ? 48  LEU A CA  1 
ATOM   335  C C   . LEU A 1 48  ? -11.740 -13.528 9.558   1.00 40.49 ? 48  LEU A C   1 
ATOM   336  O O   . LEU A 1 48  ? -11.436 -14.490 10.251  1.00 52.66 ? 48  LEU A O   1 
ATOM   337  C CB  . LEU A 1 48  ? -14.074 -13.098 8.811   1.00 35.96 ? 48  LEU A CB  1 
ATOM   338  C CG  . LEU A 1 48  ? -14.818 -14.427 8.961   1.00 34.94 ? 48  LEU A CG  1 
ATOM   339  C CD1 . LEU A 1 48  ? -15.447 -14.730 7.612   1.00 41.25 ? 48  LEU A CD1 1 
ATOM   340  C CD2 . LEU A 1 48  ? -13.931 -15.581 9.346   1.00 33.38 ? 48  LEU A CD2 1 
ATOM   341  N N   . VAL A 1 49  ? -11.052 -13.210 8.474   1.00 40.29 ? 49  VAL A N   1 
ATOM   342  C CA  . VAL A 1 49  ? -9.799  -13.884 8.185   1.00 34.94 ? 49  VAL A CA  1 
ATOM   343  C C   . VAL A 1 49  ? -8.730  -12.941 8.710   1.00 36.27 ? 49  VAL A C   1 
ATOM   344  O O   . VAL A 1 49  ? -8.637  -11.783 8.285   1.00 33.85 ? 49  VAL A O   1 
ATOM   345  C CB  . VAL A 1 49  ? -9.574  -14.124 6.682   1.00 29.41 ? 49  VAL A CB  1 
ATOM   346  C CG1 . VAL A 1 49  ? -8.143  -14.523 6.429   1.00 22.92 ? 49  VAL A CG1 1 
ATOM   347  C CG2 . VAL A 1 49  ? -10.472 -15.215 6.198   1.00 27.09 ? 49  VAL A CG2 1 
ATOM   348  N N   . GLN A 1 50  ? -8.021  -13.406 9.728   1.00 32.72 ? 50  GLN A N   1 
ATOM   349  C CA  . GLN A 1 50  ? -6.961  -12.631 10.320  1.00 29.04 ? 50  GLN A CA  1 
ATOM   350  C C   . GLN A 1 50  ? -5.885  -12.613 9.264   1.00 30.89 ? 50  GLN A C   1 
ATOM   351  O O   . GLN A 1 50  ? -5.685  -13.608 8.547   1.00 35.82 ? 50  GLN A O   1 
ATOM   352  C CB  . GLN A 1 50  ? -6.430  -13.333 11.567  1.00 31.26 ? 50  GLN A CB  1 
ATOM   353  C CG  . GLN A 1 50  ? -7.506  -13.669 12.564  1.00 30.74 ? 50  GLN A CG  1 
ATOM   354  C CD  . GLN A 1 50  ? -7.988  -12.449 13.265  1.00 27.92 ? 50  GLN A CD  1 
ATOM   355  O OE1 . GLN A 1 50  ? -7.185  -11.728 13.826  1.00 29.20 ? 50  GLN A OE1 1 
ATOM   356  N NE2 . GLN A 1 50  ? -9.298  -12.183 13.213  1.00 22.20 ? 50  GLN A NE2 1 
ATOM   357  N N   . LYS A 1 51  ? -5.236  -11.469 9.142   1.00 25.64 ? 51  LYS A N   1 
ATOM   358  C CA  . LYS A 1 51  ? -4.159  -11.258 8.200   1.00 28.14 ? 51  LYS A CA  1 
ATOM   359  C C   . LYS A 1 51  ? -3.221  -10.469 9.076   1.00 21.74 ? 51  LYS A C   1 
ATOM   360  O O   . LYS A 1 51  ? -3.638  -9.525  9.709   1.00 15.25 ? 51  LYS A O   1 
ATOM   361  C CB  . LYS A 1 51  ? -4.683  -10.430 7.015   1.00 34.40 ? 51  LYS A CB  1 
ATOM   362  C CG  . LYS A 1 51  ? -5.730  -11.204 6.189   1.00 36.30 ? 51  LYS A CG  1 
ATOM   363  C CD  . LYS A 1 51  ? -6.775  -10.284 5.541   1.00 44.19 ? 51  LYS A CD  1 
ATOM   364  C CE  . LYS A 1 51  ? -7.864  -11.103 4.878   1.00 40.23 ? 51  LYS A CE  1 
ATOM   365  N NZ  . LYS A 1 51  ? -7.281  -12.287 4.169   1.00 41.35 ? 51  LYS A NZ  1 
ATOM   366  N N   . ASN A 1 52  ? -1.974  -10.886 9.167   1.00 23.18 ? 52  ASN A N   1 
ATOM   367  C CA  . ASN A 1 52  ? -1.035  -10.213 10.059  1.00 23.96 ? 52  ASN A CA  1 
ATOM   368  C C   . ASN A 1 52  ? -0.593  -8.824  9.721   1.00 28.84 ? 52  ASN A C   1 
ATOM   369  O O   . ASN A 1 52  ? -0.195  -8.079  10.604  1.00 37.14 ? 52  ASN A O   1 
ATOM   370  C CB  . ASN A 1 52  ? 0.199   -11.045 10.226  1.00 27.84 ? 52  ASN A CB  1 
ATOM   371  C CG  . ASN A 1 52  ? 0.927   -11.218 8.951   1.00 33.98 ? 52  ASN A CG  1 
ATOM   372  O OD1 . ASN A 1 52  ? 0.332   -11.550 7.938   1.00 44.84 ? 52  ASN A OD1 1 
ATOM   373  N ND2 . ASN A 1 52  ? 2.227   -10.996 8.990   1.00 46.14 ? 52  ASN A ND2 1 
ATOM   374  N N   . VAL A 1 53  ? -0.595  -8.477  8.447   1.00 36.22 ? 53  VAL A N   1 
ATOM   375  C CA  . VAL A 1 53  ? -0.165  -7.150  8.043   1.00 26.29 ? 53  VAL A CA  1 
ATOM   376  C C   . VAL A 1 53  ? -1.328  -6.421  7.423   1.00 27.93 ? 53  VAL A C   1 
ATOM   377  O O   . VAL A 1 53  ? -2.204  -7.058  6.829   1.00 26.10 ? 53  VAL A O   1 
ATOM   378  C CB  . VAL A 1 53  ? 0.956   -7.248  7.027   1.00 20.97 ? 53  VAL A CB  1 
ATOM   379  C CG1 . VAL A 1 53  ? 1.334   -5.893  6.532   1.00 15.08 ? 53  VAL A CG1 1 
ATOM   380  C CG2 . VAL A 1 53  ? 2.152   -7.981  7.634   1.00 20.77 ? 53  VAL A CG2 1 
ATOM   381  N N   . THR A 1 54  ? -1.406  -5.112  7.674   1.00 29.86 ? 54  THR A N   1 
ATOM   382  C CA  . THR A 1 54  ? -2.437  -4.271  7.084   1.00 25.50 ? 54  THR A CA  1 
ATOM   383  C C   . THR A 1 54  ? -1.790  -3.346  6.074   1.00 27.32 ? 54  THR A C   1 
ATOM   384  O O   . THR A 1 54  ? -0.834  -2.629  6.385   1.00 25.11 ? 54  THR A O   1 
ATOM   385  C CB  . THR A 1 54  ? -3.159  -3.446  8.094   1.00 19.88 ? 54  THR A CB  1 
ATOM   386  O OG1 . THR A 1 54  ? -4.171  -4.248  8.699   1.00 33.52 ? 54  THR A OG1 1 
ATOM   387  C CG2 . THR A 1 54  ? -3.872  -2.318  7.412   1.00 30.44 ? 54  THR A CG2 1 
ATOM   388  N N   . SER A 1 55  ? -2.258  -3.411  4.840   1.00 32.44 ? 55  SER A N   1 
ATOM   389  C CA  . SER A 1 55  ? -1.698  -2.547  3.817   1.00 38.11 ? 55  SER A CA  1 
ATOM   390  C C   . SER A 1 55  ? -2.610  -1.395  3.512   1.00 33.58 ? 55  SER A C   1 
ATOM   391  O O   . SER A 1 55  ? -3.815  -1.580  3.309   1.00 35.27 ? 55  SER A O   1 
ATOM   392  C CB  . SER A 1 55  ? -1.445  -3.312  2.516   1.00 44.94 ? 55  SER A CB  1 
ATOM   393  O OG  . SER A 1 55  ? -1.226  -2.412  1.434   1.00 41.96 ? 55  SER A OG  1 
ATOM   394  N N   . GLU A 1 56  ? -2.040  -0.204  3.531   1.00 33.50 ? 56  GLU A N   1 
ATOM   395  C CA  . GLU A 1 56  ? -2.773  1.000   3.163   1.00 38.93 ? 56  GLU A CA  1 
ATOM   396  C C   . GLU A 1 56  ? -2.111  1.573   1.897   1.00 39.21 ? 56  GLU A C   1 
ATOM   397  O O   . GLU A 1 56  ? -0.894  1.788   1.887   1.00 39.71 ? 56  GLU A O   1 
ATOM   398  C CB  . GLU A 1 56  ? -2.683  2.029   4.265   1.00 37.37 ? 56  GLU A CB  1 
ATOM   399  C CG  . GLU A 1 56  ? -3.612  1.786   5.418   1.00 44.73 ? 56  GLU A CG  1 
ATOM   400  C CD  . GLU A 1 56  ? -3.711  3.003   6.308   1.00 51.49 ? 56  GLU A CD  1 
ATOM   401  O OE1 . GLU A 1 56  ? -3.383  4.124   5.852   1.00 54.17 ? 56  GLU A OE1 1 
ATOM   402  O OE2 . GLU A 1 56  ? -4.110  2.852   7.473   1.00 56.59 ? 56  GLU A OE2 1 
ATOM   403  N N   . SER A 1 57  ? -2.862  1.752   0.809   1.00 40.13 ? 57  SER A N   1 
ATOM   404  C CA  . SER A 1 57  ? -2.254  2.337   -0.399  1.00 34.57 ? 57  SER A CA  1 
ATOM   405  C C   . SER A 1 57  ? -3.168  3.182   -1.263  1.00 32.02 ? 57  SER A C   1 
ATOM   406  O O   . SER A 1 57  ? -4.325  3.437   -0.936  1.00 30.53 ? 57  SER A O   1 
ATOM   407  C CB  . SER A 1 57  ? -1.656  1.262   -1.295  1.00 24.85 ? 57  SER A CB  1 
ATOM   408  O OG  . SER A 1 57  ? -2.666  0.366   -1.695  1.00 18.25 ? 57  SER A OG  1 
ATOM   409  N N   . THR A 1 58  ? -2.579  3.632   -2.362  1.00 28.88 ? 58  THR A N   1 
ATOM   410  C CA  . THR A 1 58  ? -3.220  4.407   -3.401  1.00 23.46 ? 58  THR A CA  1 
ATOM   411  C C   . THR A 1 58  ? -2.388  4.024   -4.636  1.00 26.76 ? 58  THR A C   1 
ATOM   412  O O   . THR A 1 58  ? -1.218  3.685   -4.507  1.00 24.90 ? 58  THR A O   1 
ATOM   413  C CB  . THR A 1 58  ? -3.000  5.854   -3.179  1.00 22.71 ? 58  THR A CB  1 
ATOM   414  O OG1 . THR A 1 58  ? -1.587  6.073   -3.123  1.00 26.06 ? 58  THR A OG1 1 
ATOM   415  C CG2 . THR A 1 58  ? -3.657  6.327   -1.891  1.00 15.19 ? 58  THR A CG2 1 
ATOM   416  N N   . CYS A 1 59  ? -2.999  3.994   -5.811  1.00 32.27 ? 59  CYS A N   1 
ATOM   417  C CA  . CYS A 1 59  ? -2.287  3.684   -7.038  1.00 33.07 ? 59  CYS A CA  1 
ATOM   418  C C   . CYS A 1 59  ? -2.489  4.800   -8.048  1.00 31.32 ? 59  CYS A C   1 
ATOM   419  O O   . CYS A 1 59  ? -3.404  5.625   -7.893  1.00 24.29 ? 59  CYS A O   1 
ATOM   420  C CB  . CYS A 1 59  ? -2.762  2.358   -7.602  1.00 36.84 ? 59  CYS A CB  1 
ATOM   421  S SG  . CYS A 1 59  ? -2.184  1.002   -6.545  1.00 40.01 ? 59  CYS A SG  1 
ATOM   422  N N   . CYS A 1 60  ? -1.554  4.887   -8.998  1.00 29.47 ? 60  CYS A N   1 
ATOM   423  C CA  . CYS A 1 60  ? -1.602  5.892   -10.065 1.00 29.47 ? 60  CYS A CA  1 
ATOM   424  C C   . CYS A 1 60  ? -2.741  5.482   -10.972 1.00 26.42 ? 60  CYS A C   1 
ATOM   425  O O   . CYS A 1 60  ? -2.655  4.483   -11.674 1.00 34.36 ? 60  CYS A O   1 
ATOM   426  C CB  . CYS A 1 60  ? -0.296  5.915   -10.819 1.00 27.44 ? 60  CYS A CB  1 
ATOM   427  S SG  . CYS A 1 60  ? -0.144  7.400   -11.818 1.00 33.34 ? 60  CYS A SG  1 
ATOM   428  N N   . VAL A 1 61  ? -3.815  6.257   -10.917 1.00 24.83 ? 61  VAL A N   1 
ATOM   429  C CA  . VAL A 1 61  ? -5.050  5.995   -11.629 1.00 18.15 ? 61  VAL A CA  1 
ATOM   430  C C   . VAL A 1 61  ? -5.582  7.257   -12.377 1.00 26.96 ? 61  VAL A C   1 
ATOM   431  O O   . VAL A 1 61  ? -5.347  8.399   -11.949 1.00 28.02 ? 61  VAL A O   1 
ATOM   432  C CB  . VAL A 1 61  ? -6.007  5.544   -10.544 1.00 19.36 ? 61  VAL A CB  1 
ATOM   433  C CG1 . VAL A 1 61  ? -7.079  6.557   -10.277 1.00 18.46 ? 61  VAL A CG1 1 
ATOM   434  C CG2 . VAL A 1 61  ? -6.507  4.175   -10.802 1.00 24.76 ? 61  VAL A CG2 1 
ATOM   435  N N   . ALA A 1 62  ? -6.307  7.071   -13.479 1.00 30.80 ? 62  ALA A N   1 
ATOM   436  C CA  . ALA A 1 62  ? -6.838  8.226   -14.230 1.00 29.46 ? 62  ALA A CA  1 
ATOM   437  C C   . ALA A 1 62  ? -8.062  8.862   -13.598 1.00 29.49 ? 62  ALA A C   1 
ATOM   438  O O   . ALA A 1 62  ? -9.091  8.211   -13.442 1.00 30.70 ? 62  ALA A O   1 
ATOM   439  C CB  . ALA A 1 62  ? -7.154  7.847   -15.657 1.00 27.02 ? 62  ALA A CB  1 
ATOM   440  N N   . LYS A 1 63  ? -7.955  10.140  -13.251 1.00 33.21 ? 63  LYS A N   1 
ATOM   441  C CA  . LYS A 1 63  ? -9.074  10.886  -12.663 1.00 40.87 ? 63  LYS A CA  1 
ATOM   442  C C   . LYS A 1 63  ? -10.141 11.048  -13.754 1.00 47.80 ? 63  LYS A C   1 
ATOM   443  O O   . LYS A 1 63  ? -11.342 11.081  -13.477 1.00 51.61 ? 63  LYS A O   1 
ATOM   444  C CB  . LYS A 1 63  ? -8.563  12.255  -12.148 1.00 38.03 ? 63  LYS A CB  1 
ATOM   445  C CG  . LYS A 1 63  ? -9.556  13.425  -12.076 1.00 36.75 ? 63  LYS A CG  1 
ATOM   446  C CD  . LYS A 1 63  ? -10.370 13.492  -10.806 1.00 42.62 ? 63  LYS A CD  1 
ATOM   447  C CE  . LYS A 1 63  ? -11.554 12.508  -10.835 1.00 52.13 ? 63  LYS A CE  1 
ATOM   448  N NZ  . LYS A 1 63  ? -12.622 12.749  -9.778  1.00 57.74 ? 63  LYS A NZ  1 
ATOM   449  N N   . SER A 1 64  ? -9.690  11.015  -15.002 1.00 50.06 ? 64  SER A N   1 
ATOM   450  C CA  . SER A 1 64  ? -10.566 11.183  -16.142 1.00 47.74 ? 64  SER A CA  1 
ATOM   451  C C   . SER A 1 64  ? -9.869  10.657  -17.386 1.00 51.20 ? 64  SER A C   1 
ATOM   452  O O   . SER A 1 64  ? -8.677  10.908  -17.570 1.00 52.88 ? 64  SER A O   1 
ATOM   453  C CB  . SER A 1 64  ? -10.855 12.673  -16.292 1.00 51.05 ? 64  SER A CB  1 
ATOM   454  O OG  . SER A 1 64  ? -9.729  13.444  -15.875 1.00 49.55 ? 64  SER A OG  1 
ATOM   455  N N   . TYR A 1 65  ? -10.609 9.961   -18.247 1.00 55.05 ? 65  TYR A N   1 
ATOM   456  C CA  . TYR A 1 65  ? -10.059 9.391   -19.492 1.00 58.91 ? 65  TYR A CA  1 
ATOM   457  C C   . TYR A 1 65  ? -11.106 9.481   -20.644 1.00 59.58 ? 65  TYR A C   1 
ATOM   458  O O   . TYR A 1 65  ? -12.266 9.822   -20.393 1.00 64.75 ? 65  TYR A O   1 
ATOM   459  C CB  . TYR A 1 65  ? -9.656  7.922   -19.253 1.00 56.47 ? 65  TYR A CB  1 
ATOM   460  C CG  . TYR A 1 65  ? -10.851 7.034   -18.999 1.00 58.78 ? 65  TYR A CG  1 
ATOM   461  C CD1 . TYR A 1 65  ? -11.567 6.482   -20.055 1.00 59.14 ? 65  TYR A CD1 1 
ATOM   462  C CD2 . TYR A 1 65  ? -11.332 6.841   -17.716 1.00 59.65 ? 65  TYR A CD2 1 
ATOM   463  C CE1 . TYR A 1 65  ? -12.720 5.782   -19.836 1.00 58.95 ? 65  TYR A CE1 1 
ATOM   464  C CE2 . TYR A 1 65  ? -12.491 6.138   -17.493 1.00 59.66 ? 65  TYR A CE2 1 
ATOM   465  C CZ  . TYR A 1 65  ? -13.180 5.617   -18.556 1.00 58.63 ? 65  TYR A CZ  1 
ATOM   466  O OH  . TYR A 1 65  ? -14.362 4.956   -18.339 1.00 64.45 ? 65  TYR A OH  1 
ATOM   467  N N   . ASN A 1 66  ? -10.709 9.152   -21.880 1.00 54.35 ? 66  ASN A N   1 
ATOM   468  C CA  . ASN A 1 66  ? -11.623 9.190   -23.038 1.00 46.26 ? 66  ASN A CA  1 
ATOM   469  C C   . ASN A 1 66  ? -11.567 7.914   -23.826 1.00 42.17 ? 66  ASN A C   1 
ATOM   470  O O   . ASN A 1 66  ? -10.531 7.621   -24.414 1.00 38.68 ? 66  ASN A O   1 
ATOM   471  C CB  . ASN A 1 66  ? -11.241 10.279  -24.048 1.00 46.12 ? 66  ASN A CB  1 
ATOM   472  C CG  . ASN A 1 66  ? -11.556 11.679  -23.577 1.00 51.89 ? 66  ASN A CG  1 
ATOM   473  O OD1 . ASN A 1 66  ? -12.600 11.948  -22.974 1.00 54.98 ? 66  ASN A OD1 1 
ATOM   474  N ND2 . ASN A 1 66  ? -10.662 12.599  -23.895 1.00 48.72 ? 66  ASN A ND2 1 
ATOM   475  N N   . ARG A 1 67  ? -12.666 7.166   -23.873 1.00 43.80 ? 67  ARG A N   1 
ATOM   476  C CA  . ARG A 1 67  ? -12.705 5.941   -24.675 1.00 45.22 ? 67  ARG A CA  1 
ATOM   477  C C   . ARG A 1 67  ? -12.475 6.427   -26.130 1.00 48.68 ? 67  ARG A C   1 
ATOM   478  O O   . ARG A 1 67  ? -13.160 7.327   -26.625 1.00 39.52 ? 67  ARG A O   1 
ATOM   479  C CB  . ARG A 1 67  ? -14.046 5.228   -24.499 1.00 45.83 ? 67  ARG A CB  1 
ATOM   480  C CG  . ARG A 1 67  ? -14.285 4.786   -23.055 1.00 56.27 ? 67  ARG A CG  1 
ATOM   481  C CD  . ARG A 1 67  ? -15.705 4.279   -22.797 1.00 64.98 ? 67  ARG A CD  1 
ATOM   482  N NE  . ARG A 1 67  ? -15.994 4.108   -21.365 1.00 67.83 ? 67  ARG A NE  1 
ATOM   483  C CZ  . ARG A 1 67  ? -16.924 4.794   -20.691 1.00 65.06 ? 67  ARG A CZ  1 
ATOM   484  N NH1 . ARG A 1 67  ? -17.668 5.709   -21.303 1.00 60.45 ? 67  ARG A NH1 1 
ATOM   485  N NH2 . ARG A 1 67  ? -17.111 4.566   -19.396 1.00 61.35 ? 67  ARG A NH2 1 
ATOM   486  N N   . VAL A 1 68  ? -11.498 5.832   -26.800 1.00 49.34 ? 68  VAL A N   1 
ATOM   487  C CA  . VAL A 1 68  ? -11.108 6.261   -28.119 1.00 44.12 ? 68  VAL A CA  1 
ATOM   488  C C   . VAL A 1 68  ? -10.533 5.084   -28.909 1.00 50.12 ? 68  VAL A C   1 
ATOM   489  O O   . VAL A 1 68  ? -9.700  4.366   -28.369 1.00 55.01 ? 68  VAL A O   1 
ATOM   490  C CB  . VAL A 1 68  ? -10.035 7.354   -27.883 1.00 45.65 ? 68  VAL A CB  1 
ATOM   491  C CG1 . VAL A 1 68  ? -8.878  7.271   -28.842 1.00 50.20 ? 68  VAL A CG1 1 
ATOM   492  C CG2 . VAL A 1 68  ? -10.671 8.701   -27.921 1.00 48.02 ? 68  VAL A CG2 1 
ATOM   493  N N   . THR A 1 69  ? -11.009 4.829   -30.136 1.00 54.85 ? 69  THR A N   1 
ATOM   494  C CA  . THR A 1 69  ? -10.429 3.740   -30.950 1.00 56.30 ? 69  THR A CA  1 
ATOM   495  C C   . THR A 1 69  ? -9.279  4.300   -31.787 1.00 51.95 ? 69  THR A C   1 
ATOM   496  O O   . THR A 1 69  ? -9.311  5.454   -32.227 1.00 53.83 ? 69  THR A O   1 
ATOM   497  C CB  . THR A 1 69  ? -11.452 2.970   -31.809 1.00 60.16 ? 69  THR A CB  1 
ATOM   498  O OG1 . THR A 1 69  ? -11.639 1.663   -31.244 1.00 66.95 ? 69  THR A OG1 1 
ATOM   499  C CG2 . THR A 1 69  ? -10.947 2.781   -33.229 1.00 62.29 ? 69  THR A CG2 1 
ATOM   500  N N   . VAL A 1 70  ? -8.301  3.464   -32.092 1.00 49.81 ? 70  VAL A N   1 
ATOM   501  C CA  . VAL A 1 70  ? -7.139  3.986   -32.768 1.00 46.28 ? 70  VAL A CA  1 
ATOM   502  C C   . VAL A 1 70  ? -6.295  2.932   -33.512 1.00 46.24 ? 70  VAL A C   1 
ATOM   503  O O   . VAL A 1 70  ? -6.289  1.749   -33.163 1.00 43.60 ? 70  VAL A O   1 
ATOM   504  C CB  . VAL A 1 70  ? -6.321  4.744   -31.670 1.00 45.54 ? 70  VAL A CB  1 
ATOM   505  C CG1 . VAL A 1 70  ? -5.137  3.933   -31.162 1.00 41.48 ? 70  VAL A CG1 1 
ATOM   506  C CG2 . VAL A 1 70  ? -5.976  6.111   -32.110 1.00 48.89 ? 70  VAL A CG2 1 
ATOM   507  N N   . MET A 1 71  ? -5.598  3.390   -34.554 1.00 49.40 ? 71  MET A N   1 
ATOM   508  C CA  . MET A 1 71  ? -4.724  2.558   -35.395 1.00 48.34 ? 71  MET A CA  1 
ATOM   509  C C   . MET A 1 71  ? -5.522  1.391   -35.944 1.00 47.11 ? 71  MET A C   1 
ATOM   510  O O   . MET A 1 71  ? -5.103  0.229   -35.885 1.00 44.08 ? 71  MET A O   1 
ATOM   511  C CB  . MET A 1 71  ? -3.520  2.065   -34.588 1.00 52.14 ? 71  MET A CB  1 
ATOM   512  C CG  . MET A 1 71  ? -3.031  3.087   -33.565 1.00 55.42 ? 71  MET A CG  1 
ATOM   513  S SD  . MET A 1 71  ? -1.243  3.182   -32.905 1.00 56.06 ? 71  MET A SD  1 
ATOM   514  C CE  . MET A 1 71  ? -1.385  1.476   -32.130 1.00 53.63 ? 71  MET A CE  1 
ATOM   515  N N   . GLY A 1 72  ? -6.655  1.727   -36.542 1.00 44.18 ? 72  GLY A N   1 
ATOM   516  C CA  . GLY A 1 72  ? -7.536  0.709   -37.054 1.00 49.81 ? 72  GLY A CA  1 
ATOM   517  C C   . GLY A 1 72  ? -8.359  0.226   -35.871 1.00 54.91 ? 72  GLY A C   1 
ATOM   518  O O   . GLY A 1 72  ? -9.258  0.935   -35.386 1.00 51.46 ? 72  GLY A O   1 
ATOM   519  N N   . GLY A 1 73  ? -7.964  -0.926  -35.333 1.00 53.99 ? 73  GLY A N   1 
ATOM   520  C CA  . GLY A 1 73  ? -8.676  -1.520  -34.218 1.00 51.53 ? 73  GLY A CA  1 
ATOM   521  C C   . GLY A 1 73  ? -8.637  -0.856  -32.855 1.00 47.41 ? 73  GLY A C   1 
ATOM   522  O O   . GLY A 1 73  ? -9.572  -0.156  -32.475 1.00 52.43 ? 73  GLY A O   1 
ATOM   523  N N   . PHE A 1 74  ? -7.547  -1.083  -32.130 1.00 45.14 ? 74  PHE A N   1 
ATOM   524  C CA  . PHE A 1 74  ? -7.334  -0.606  -30.750 1.00 40.37 ? 74  PHE A CA  1 
ATOM   525  C C   . PHE A 1 74  ? -8.331  0.279   -30.035 1.00 42.77 ? 74  PHE A C   1 
ATOM   526  O O   . PHE A 1 74  ? -8.332  1.503   -30.170 1.00 37.89 ? 74  PHE A O   1 
ATOM   527  C CB  . PHE A 1 74  ? -5.924  -0.056  -30.554 1.00 37.14 ? 74  PHE A CB  1 
ATOM   528  C CG  . PHE A 1 74  ? -4.851  -1.020  -30.939 1.00 33.42 ? 74  PHE A CG  1 
ATOM   529  C CD1 . PHE A 1 74  ? -4.939  -2.333  -30.590 1.00 32.34 ? 74  PHE A CD1 1 
ATOM   530  C CD2 . PHE A 1 74  ? -3.787  -0.618  -31.691 1.00 35.44 ? 74  PHE A CD2 1 
ATOM   531  C CE1 . PHE A 1 74  ? -3.989  -3.217  -30.986 1.00 37.07 ? 74  PHE A CE1 1 
ATOM   532  C CE2 . PHE A 1 74  ? -2.837  -1.507  -32.090 1.00 36.30 ? 74  PHE A CE2 1 
ATOM   533  C CZ  . PHE A 1 74  ? -2.939  -2.803  -31.738 1.00 35.26 ? 74  PHE A CZ  1 
ATOM   534  N N   . LYS A 1 75  ? -9.212  -0.375  -29.294 1.00 47.20 ? 75  LYS A N   1 
ATOM   535  C CA  . LYS A 1 75  ? -10.182 0.333   -28.495 1.00 52.62 ? 75  LYS A CA  1 
ATOM   536  C C   . LYS A 1 75  ? -9.304  0.599   -27.280 1.00 52.61 ? 75  LYS A C   1 
ATOM   537  O O   . LYS A 1 75  ? -8.838  -0.332  -26.610 1.00 54.95 ? 75  LYS A O   1 
ATOM   538  C CB  . LYS A 1 75  ? -11.376 -0.575  -28.189 1.00 61.54 ? 75  LYS A CB  1 
ATOM   539  C CG  . LYS A 1 75  ? -12.548 -0.379  -29.174 1.00 70.62 ? 75  LYS A CG  1 
ATOM   540  C CD  . LYS A 1 75  ? -13.657 -1.401  -28.963 1.00 79.33 ? 75  LYS A CD  1 
ATOM   541  C CE  . LYS A 1 75  ? -13.323 -2.742  -29.634 1.00 84.99 ? 75  LYS A CE  1 
ATOM   542  N NZ  . LYS A 1 75  ? -12.061 -3.399  -29.157 1.00 85.34 ? 75  LYS A NZ  1 
ATOM   543  N N   . VAL A 1 76  ? -8.990  1.869   -27.081 1.00 49.20 ? 76  VAL A N   1 
ATOM   544  C CA  . VAL A 1 76  ? -8.093  2.311   -26.024 1.00 44.82 ? 76  VAL A CA  1 
ATOM   545  C C   . VAL A 1 76  ? -8.771  3.462   -25.289 1.00 48.81 ? 76  VAL A C   1 
ATOM   546  O O   . VAL A 1 76  ? -9.934  3.755   -25.548 1.00 54.32 ? 76  VAL A O   1 
ATOM   547  C CB  . VAL A 1 76  ? -6.764  2.800   -26.705 1.00 44.15 ? 76  VAL A CB  1 
ATOM   548  C CG1 . VAL A 1 76  ? -6.887  4.264   -27.193 1.00 45.19 ? 76  VAL A CG1 1 
ATOM   549  C CG2 . VAL A 1 76  ? -5.558  2.554   -25.842 1.00 29.77 ? 76  VAL A CG2 1 
ATOM   550  N N   . GLU A 1 77  ? -8.100  4.047   -24.306 1.00 52.52 ? 77  GLU A N   1 
ATOM   551  C CA  . GLU A 1 77  ? -8.670  5.194   -23.613 1.00 52.97 ? 77  GLU A CA  1 
ATOM   552  C C   . GLU A 1 77  ? -7.615  6.247   -23.389 1.00 51.16 ? 77  GLU A C   1 
ATOM   553  O O   . GLU A 1 77  ? -6.443  5.931   -23.241 1.00 54.27 ? 77  GLU A O   1 
ATOM   554  C CB  . GLU A 1 77  ? -9.397  4.828   -22.318 1.00 56.57 ? 77  GLU A CB  1 
ATOM   555  C CG  . GLU A 1 77  ? -8.682  3.973   -21.320 1.00 55.93 ? 77  GLU A CG  1 
ATOM   556  C CD  . GLU A 1 77  ? -9.666  3.339   -20.323 1.00 61.62 ? 77  GLU A CD  1 
ATOM   557  O OE1 . GLU A 1 77  ? -10.902 3.550   -20.432 1.00 57.01 ? 77  GLU A OE1 1 
ATOM   558  O OE2 . GLU A 1 77  ? -9.203  2.598   -19.431 1.00 70.34 ? 77  GLU A OE2 1 
ATOM   559  N N   . ASN A 1 78  ? -8.031  7.503   -23.395 1.00 44.01 ? 78  ASN A N   1 
ATOM   560  C CA  . ASN A 1 78  ? -7.094  8.578   -23.248 1.00 44.31 ? 78  ASN A CA  1 
ATOM   561  C C   . ASN A 1 78  ? -7.142  9.194   -21.871 1.00 52.84 ? 78  ASN A C   1 
ATOM   562  O O   . ASN A 1 78  ? -8.089  9.923   -21.528 1.00 56.45 ? 78  ASN A O   1 
ATOM   563  C CB  . ASN A 1 78  ? -7.388  9.643   -24.281 1.00 46.87 ? 78  ASN A CB  1 
ATOM   564  C CG  . ASN A 1 78  ? -6.148  10.143  -24.969 1.00 50.21 ? 78  ASN A CG  1 
ATOM   565  O OD1 . ASN A 1 78  ? -5.025  9.726   -24.678 1.00 43.78 ? 78  ASN A OD1 1 
ATOM   566  N ND2 . ASN A 1 78  ? -6.381  10.997  -25.956 1.00 57.64 ? 78  ASN A ND2 1 
ATOM   567  N N   . HIS A 1 79  ? -6.119  8.900   -21.074 1.00 48.77 ? 79  HIS A N   1 
ATOM   568  C CA  . HIS A 1 79  ? -6.035  9.447   -19.739 1.00 41.86 ? 79  HIS A CA  1 
ATOM   569  C C   . HIS A 1 79  ? -5.826  10.958  -19.879 1.00 40.60 ? 79  HIS A C   1 
ATOM   570  O O   . HIS A 1 79  ? -4.895  11.419  -20.524 1.00 37.38 ? 79  HIS A O   1 
ATOM   571  C CB  . HIS A 1 79  ? -4.931  8.728   -18.963 1.00 36.83 ? 79  HIS A CB  1 
ATOM   572  C CG  . HIS A 1 79  ? -5.251  7.286   -18.696 1.00 39.34 ? 79  HIS A CG  1 
ATOM   573  N ND1 . HIS A 1 79  ? -4.331  6.376   -18.218 1.00 40.10 ? 79  HIS A ND1 1 
ATOM   574  C CD2 . HIS A 1 79  ? -6.398  6.593   -18.884 1.00 41.59 ? 79  HIS A CD2 1 
ATOM   575  C CE1 . HIS A 1 79  ? -4.892  5.185   -18.127 1.00 39.85 ? 79  HIS A CE1 1 
ATOM   576  N NE2 . HIS A 1 79  ? -6.148  5.284   -18.525 1.00 42.53 ? 79  HIS A NE2 1 
ATOM   577  N N   . THR A 1 80  ? -6.782  11.710  -19.354 1.00 42.64 ? 80  THR A N   1 
ATOM   578  C CA  . THR A 1 80  ? -6.777  13.164  -19.416 1.00 46.63 ? 80  THR A CA  1 
ATOM   579  C C   . THR A 1 80  ? -6.281  13.843  -18.130 1.00 48.76 ? 80  THR A C   1 
ATOM   580  O O   . THR A 1 80  ? -5.953  15.030  -18.119 1.00 45.03 ? 80  THR A O   1 
ATOM   581  C CB  . THR A 1 80  ? -8.210  13.656  -19.740 1.00 48.07 ? 80  THR A CB  1 
ATOM   582  O OG1 . THR A 1 80  ? -9.052  13.428  -18.610 1.00 44.54 ? 80  THR A OG1 1 
ATOM   583  C CG2 . THR A 1 80  ? -8.797  12.871  -20.940 1.00 46.71 ? 80  THR A CG2 1 
ATOM   584  N N   . ALA A 1 81  ? -6.317  13.101  -17.029 1.00 56.80 ? 81  ALA A N   1 
ATOM   585  C CA  . ALA A 1 81  ? -5.887  13.605  -15.722 1.00 55.42 ? 81  ALA A CA  1 
ATOM   586  C C   . ALA A 1 81  ? -5.589  12.444  -14.793 1.00 49.25 ? 81  ALA A C   1 
ATOM   587  O O   . ALA A 1 81  ? -6.284  11.402  -14.822 1.00 40.64 ? 81  ALA A O   1 
ATOM   588  C CB  . ALA A 1 81  ? -6.959  14.499  -15.106 1.00 57.45 ? 81  ALA A CB  1 
ATOM   589  N N   . CYS A 1 82  ? -4.580  12.642  -13.952 1.00 44.29 ? 82  CYS A N   1 
ATOM   590  C CA  . CYS A 1 82  ? -4.155  11.621  -13.001 1.00 41.62 ? 82  CYS A CA  1 
ATOM   591  C C   . CYS A 1 82  ? -4.327  11.901  -11.503 1.00 38.61 ? 82  CYS A C   1 
ATOM   592  O O   . CYS A 1 82  ? -4.676  13.006  -11.055 1.00 32.25 ? 82  CYS A O   1 
ATOM   593  C CB  . CYS A 1 82  ? -2.707  11.259  -13.266 1.00 39.52 ? 82  CYS A CB  1 
ATOM   594  S SG  . CYS A 1 82  ? -2.402  10.784  -14.991 1.00 38.79 ? 82  CYS A SG  1 
ATOM   595  N N   . HIS A 1 83  ? -4.186  10.836  -10.734 1.00 40.18 ? 83  HIS A N   1 
ATOM   596  C CA  . HIS A 1 83  ? -4.250  10.956  -9.297  1.00 39.96 ? 83  HIS A CA  1 
ATOM   597  C C   . HIS A 1 83  ? -3.981  9.652   -8.603  1.00 43.25 ? 83  HIS A C   1 
ATOM   598  O O   . HIS A 1 83  ? -3.986  8.584   -9.235  1.00 36.96 ? 83  HIS A O   1 
ATOM   599  C CB  . HIS A 1 83  ? -5.555  11.599  -8.807  1.00 28.14 ? 83  HIS A CB  1 
ATOM   600  C CG  . HIS A 1 83  ? -6.758  10.724  -8.903  1.00 23.21 ? 83  HIS A CG  1 
ATOM   601  N ND1 . HIS A 1 83  ? -7.935  11.022  -8.255  1.00 26.50 ? 83  HIS A ND1 1 
ATOM   602  C CD2 . HIS A 1 83  ? -6.987  9.593   -9.600  1.00 27.77 ? 83  HIS A CD2 1 
ATOM   603  C CE1 . HIS A 1 83  ? -8.846  10.116  -8.548  1.00 26.13 ? 83  HIS A CE1 1 
ATOM   604  N NE2 . HIS A 1 83  ? -8.296  9.234   -9.366  1.00 33.51 ? 83  HIS A NE2 1 
ATOM   605  N N   . CYS A 1 84  ? -3.657  9.789   -7.316  1.00 47.74 ? 84  CYS A N   1 
ATOM   606  C CA  . CYS A 1 84  ? -3.375  8.687   -6.405  1.00 39.18 ? 84  CYS A CA  1 
ATOM   607  C C   . CYS A 1 84  ? -4.702  8.317   -5.797  1.00 36.24 ? 84  CYS A C   1 
ATOM   608  O O   . CYS A 1 84  ? -5.261  9.075   -4.995  1.00 31.37 ? 84  CYS A O   1 
ATOM   609  C CB  . CYS A 1 84  ? -2.441  9.167   -5.321  1.00 36.74 ? 84  CYS A CB  1 
ATOM   610  S SG  . CYS A 1 84  ? -0.819  9.428   -6.020  1.00 35.19 ? 84  CYS A SG  1 
ATOM   611  N N   . SER A 1 85  ? -5.206  7.158   -6.186  1.00 31.41 ? 85  SER A N   1 
ATOM   612  C CA  . SER A 1 85  ? -6.487  6.745   -5.707  1.00 33.12 ? 85  SER A CA  1 
ATOM   613  C C   . SER A 1 85  ? -6.468  5.276   -5.489  1.00 34.84 ? 85  SER A C   1 
ATOM   614  O O   . SER A 1 85  ? -5.408  4.661   -5.527  1.00 30.10 ? 85  SER A O   1 
ATOM   615  C CB  . SER A 1 85  ? -7.568  7.112   -6.699  1.00 35.52 ? 85  SER A CB  1 
ATOM   616  O OG  . SER A 1 85  ? -8.841  7.031   -6.097  1.00 42.92 ? 85  SER A OG  1 
ATOM   617  N N   . THR A 1 86  ? -7.650  4.701   -5.322  1.00 35.64 ? 86  THR A N   1 
ATOM   618  C CA  . THR A 1 86  ? -7.780  3.297   -5.025  1.00 40.37 ? 86  THR A CA  1 
ATOM   619  C C   . THR A 1 86  ? -7.043  2.319   -5.872  1.00 44.25 ? 86  THR A C   1 
ATOM   620  O O   . THR A 1 86  ? -7.013  2.449   -7.079  1.00 56.57 ? 86  THR A O   1 
ATOM   621  C CB  . THR A 1 86  ? -9.223  2.922   -4.994  1.00 39.15 ? 86  THR A CB  1 
ATOM   622  O OG1 . THR A 1 86  ? -9.913  3.876   -4.155  1.00 41.55 ? 86  THR A OG1 1 
ATOM   623  C CG2 . THR A 1 86  ? -9.366  1.525   -4.402  1.00 35.79 ? 86  THR A CG2 1 
ATOM   624  N N   . CYS A 1 87  ? -6.478  1.303   -5.231  1.00 40.17 ? 87  CYS A N   1 
ATOM   625  C CA  . CYS A 1 87  ? -5.768  0.294   -5.958  1.00 36.96 ? 87  CYS A CA  1 
ATOM   626  C C   . CYS A 1 87  ? -6.629  -0.861  -6.403  1.00 40.62 ? 87  CYS A C   1 
ATOM   627  O O   . CYS A 1 87  ? -6.168  -1.703  -7.141  1.00 41.91 ? 87  CYS A O   1 
ATOM   628  C CB  . CYS A 1 87  ? -4.568  -0.198  -5.223  1.00 34.99 ? 87  CYS A CB  1 
ATOM   629  S SG  . CYS A 1 87  ? -3.449  1.178   -4.977  1.00 38.10 ? 87  CYS A SG  1 
ATOM   630  N N   . TYR A 1 88  ? -7.878  -0.913  -5.894  1.00 41.86 ? 88  TYR A N   1 
ATOM   631  C CA  . TYR A 1 88  ? -8.879  -1.939  -6.306  1.00 50.87 ? 88  TYR A CA  1 
ATOM   632  C C   . TYR A 1 88  ? -8.476  -3.385  -6.712  1.00 60.09 ? 88  TYR A C   1 
ATOM   633  O O   . TYR A 1 88  ? -7.380  -3.659  -7.195  1.00 67.70 ? 88  TYR A O   1 
ATOM   634  C CB  . TYR A 1 88  ? -9.718  -1.322  -7.444  1.00 40.31 ? 88  TYR A CB  1 
ATOM   635  C CG  . TYR A 1 88  ? -10.777 -0.296  -6.982  0.00 25.73 ? 88  TYR A CG  1 
ATOM   636  C CD1 . TYR A 1 88  ? -11.593 -0.548  -5.877  0.00 20.09 ? 88  TYR A CD1 1 
ATOM   637  C CD2 . TYR A 1 88  ? -10.932 0.939   -7.620  0.00 20.00 ? 88  TYR A CD2 1 
ATOM   638  C CE1 . TYR A 1 88  ? -12.508 0.372   -5.429  0.00 14.73 ? 88  TYR A CE1 1 
ATOM   639  C CE2 . TYR A 1 88  ? -11.857 1.875   -7.171  0.00 14.43 ? 88  TYR A CE2 1 
ATOM   640  C CZ  . TYR A 1 88  ? -12.636 1.592   -6.073  0.00 13.23 ? 88  TYR A CZ  1 
ATOM   641  O OH  . TYR A 1 88  ? -13.520 2.538   -5.571  0.00 10.39 ? 88  TYR A OH  1 
ATOM   642  N N   . TYR A 1 89  ? -9.464  -4.279  -6.614  1.00 58.72 ? 89  TYR A N   1 
ATOM   643  C CA  . TYR A 1 89  ? -9.375  -5.734  -6.902  1.00 61.18 ? 89  TYR A CA  1 
ATOM   644  C C   . TYR A 1 89  ? -10.518 -6.449  -6.207  1.00 65.16 ? 89  TYR A C   1 
ATOM   645  O O   . TYR A 1 89  ? -10.718 -6.133  -5.000  1.00 69.33 ? 89  TYR A O   1 
ATOM   646  C CB  . TYR A 1 89  ? -8.031  -6.358  -6.422  1.00 58.59 ? 89  TYR A CB  1 
ATOM   647  N N   . LYS B 2 2   ? 19.207  14.146  -0.055  1.00 82.19 ? 2   LYS B N   1 
ATOM   648  C CA  . LYS B 2 2   ? 18.005  14.923  0.406   1.00 81.39 ? 2   LYS B CA  1 
ATOM   649  C C   . LYS B 2 2   ? 16.879  13.931  0.660   1.00 78.69 ? 2   LYS B C   1 
ATOM   650  O O   . LYS B 2 2   ? 17.148  12.748  0.926   1.00 79.69 ? 2   LYS B O   1 
ATOM   651  C CB  . LYS B 2 2   ? 17.575  15.950  -0.667  1.00 79.43 ? 2   LYS B CB  1 
ATOM   652  N N   . GLU B 2 3   ? 15.636  14.405  0.617   1.00 70.22 ? 3   GLU B N   1 
ATOM   653  C CA  . GLU B 2 3   ? 14.524  13.494  0.816   1.00 65.53 ? 3   GLU B CA  1 
ATOM   654  C C   . GLU B 2 3   ? 13.630  13.471  -0.410  1.00 58.42 ? 3   GLU B C   1 
ATOM   655  O O   . GLU B 2 3   ? 12.764  14.327  -0.595  1.00 57.85 ? 3   GLU B O   1 
ATOM   656  C CB  . GLU B 2 3   ? 13.714  13.762  2.097   1.00 62.90 ? 3   GLU B CB  1 
ATOM   657  C CG  . GLU B 2 3   ? 12.546  12.766  2.206   1.00 58.19 ? 3   GLU B CG  1 
ATOM   658  C CD  . GLU B 2 3   ? 11.923  12.646  3.577   1.00 57.78 ? 3   GLU B CD  1 
ATOM   659  O OE1 . GLU B 2 3   ? 11.992  13.605  4.372   1.00 56.19 ? 3   GLU B OE1 1 
ATOM   660  O OE2 . GLU B 2 3   ? 11.332  11.572  3.846   1.00 57.13 ? 3   GLU B OE2 1 
ATOM   661  N N   . PRO B 2 4   ? 13.822  12.454  -1.252  1.00 49.99 ? 4   PRO B N   1 
ATOM   662  C CA  . PRO B 2 4   ? 13.132  12.159  -2.496  1.00 46.18 ? 4   PRO B CA  1 
ATOM   663  C C   . PRO B 2 4   ? 11.826  12.850  -2.887  1.00 49.68 ? 4   PRO B C   1 
ATOM   664  O O   . PRO B 2 4   ? 11.611  13.064  -4.079  1.00 55.43 ? 4   PRO B O   1 
ATOM   665  C CB  . PRO B 2 4   ? 12.987  10.655  -2.414  1.00 45.56 ? 4   PRO B CB  1 
ATOM   666  C CG  . PRO B 2 4   ? 14.362  10.275  -1.953  1.00 47.01 ? 4   PRO B CG  1 
ATOM   667  C CD  . PRO B 2 4   ? 14.748  11.351  -0.926  1.00 44.48 ? 4   PRO B CD  1 
ATOM   668  N N   . LEU B 2 5   ? 11.001  13.262  -1.926  1.00 41.13 ? 5   LEU B N   1 
ATOM   669  C CA  . LEU B 2 5   ? 9.693   13.880  -2.228  1.00 39.59 ? 5   LEU B CA  1 
ATOM   670  C C   . LEU B 2 5   ? 8.745   12.710  -2.306  1.00 40.00 ? 5   LEU B C   1 
ATOM   671  O O   . LEU B 2 5   ? 7.670   12.722  -1.696  1.00 46.39 ? 5   LEU B O   1 
ATOM   672  C CB  . LEU B 2 5   ? 9.633   14.615  -3.573  1.00 36.23 ? 5   LEU B CB  1 
ATOM   673  C CG  . LEU B 2 5   ? 9.911   16.105  -3.664  1.00 38.35 ? 5   LEU B CG  1 
ATOM   674  C CD1 . LEU B 2 5   ? 11.191  16.463  -2.945  1.00 41.39 ? 5   LEU B CD1 1 
ATOM   675  C CD2 . LEU B 2 5   ? 10.002  16.475  -5.108  1.00 35.45 ? 5   LEU B CD2 1 
ATOM   676  N N   . ARG B 2 6   ? 9.127   11.706  -3.090  1.00 30.85 ? 6   ARG B N   1 
ATOM   677  C CA  . ARG B 2 6   ? 8.330   10.500  -3.190  1.00 33.56 ? 6   ARG B CA  1 
ATOM   678  C C   . ARG B 2 6   ? 9.272   9.354   -2.922  1.00 34.78 ? 6   ARG B C   1 
ATOM   679  O O   . ARG B 2 6   ? 9.547   8.563   -3.821  1.00 39.98 ? 6   ARG B O   1 
ATOM   680  C CB  . ARG B 2 6   ? 7.699   10.354  -4.574  1.00 32.63 ? 6   ARG B CB  1 
ATOM   681  C CG  . ARG B 2 6   ? 7.266   11.657  -5.145  1.00 34.40 ? 6   ARG B CG  1 
ATOM   682  C CD  . ARG B 2 6   ? 5.846   11.687  -5.632  1.00 32.74 ? 6   ARG B CD  1 
ATOM   683  N NE  . ARG B 2 6   ? 5.511   13.045  -6.068  1.00 32.03 ? 6   ARG B NE  1 
ATOM   684  C CZ  . ARG B 2 6   ? 6.271   13.778  -6.880  1.00 30.75 ? 6   ARG B CZ  1 
ATOM   685  N NH1 . ARG B 2 6   ? 7.412   13.287  -7.366  1.00 27.16 ? 6   ARG B NH1 1 
ATOM   686  N NH2 . ARG B 2 6   ? 5.913   15.026  -7.173  1.00 26.21 ? 6   ARG B NH2 1 
ATOM   687  N N   . PRO B 2 7   ? 9.783   9.244   -1.673  1.00 35.60 ? 7   PRO B N   1 
ATOM   688  C CA  . PRO B 2 7   ? 10.721  8.158   -1.309  1.00 33.02 ? 7   PRO B CA  1 
ATOM   689  C C   . PRO B 2 7   ? 10.101  6.784   -1.587  1.00 32.01 ? 7   PRO B C   1 
ATOM   690  O O   . PRO B 2 7   ? 8.961   6.501   -1.194  1.00 35.48 ? 7   PRO B O   1 
ATOM   691  C CB  . PRO B 2 7   ? 10.964  8.395   0.194   1.00 27.69 ? 7   PRO B CB  1 
ATOM   692  C CG  . PRO B 2 7   ? 9.666   8.987   0.666   1.00 27.44 ? 7   PRO B CG  1 
ATOM   693  C CD  . PRO B 2 7   ? 9.304   9.955   -0.468  1.00 28.48 ? 7   PRO B CD  1 
ATOM   694  N N   . ARG B 2 8   ? 10.809  5.950   -2.327  1.00 29.75 ? 8   ARG B N   1 
ATOM   695  C CA  . ARG B 2 8   ? 10.259  4.631   -2.633  1.00 37.97 ? 8   ARG B CA  1 
ATOM   696  C C   . ARG B 2 8   ? 10.127  3.717   -1.401  1.00 38.91 ? 8   ARG B C   1 
ATOM   697  O O   . ARG B 2 8   ? 10.854  3.893   -0.412  1.00 40.38 ? 8   ARG B O   1 
ATOM   698  C CB  . ARG B 2 8   ? 11.100  3.960   -3.716  1.00 40.65 ? 8   ARG B CB  1 
ATOM   699  C CG  . ARG B 2 8   ? 10.506  2.680   -4.275  1.00 49.65 ? 8   ARG B CG  1 
ATOM   700  C CD  . ARG B 2 8   ? 11.380  2.136   -5.373  1.00 56.00 ? 8   ARG B CD  1 
ATOM   701  N NE  . ARG B 2 8   ? 11.056  0.753   -5.690  1.00 63.21 ? 8   ARG B NE  1 
ATOM   702  C CZ  . ARG B 2 8   ? 10.600  0.341   -6.867  1.00 66.66 ? 8   ARG B CZ  1 
ATOM   703  N NH1 . ARG B 2 8   ? 10.407  1.219   -7.848  1.00 69.43 ? 8   ARG B NH1 1 
ATOM   704  N NH2 . ARG B 2 8   ? 10.373  -0.953  -7.077  1.00 64.57 ? 8   ARG B NH2 1 
ATOM   705  N N   . CYS B 2 9   ? 9.196   2.761   -1.476  1.00 37.35 ? 9   CYS B N   1 
ATOM   706  C CA  . CYS B 2 9   ? 8.924   1.766   -0.418  1.00 38.25 ? 9   CYS B CA  1 
ATOM   707  C C   . CYS B 2 9   ? 10.158  1.377   0.383   1.00 41.72 ? 9   CYS B C   1 
ATOM   708  O O   . CYS B 2 9   ? 11.059  0.702   -0.147  1.00 42.61 ? 9   CYS B O   1 
ATOM   709  C CB  . CYS B 2 9   ? 8.346   0.473   -1.021  1.00 34.03 ? 9   CYS B CB  1 
ATOM   710  S SG  . CYS B 2 9   ? 7.646   -0.727  0.177   1.00 31.63 ? 9   CYS B SG  1 
ATOM   711  N N   . ARG B 2 10  ? 10.176  1.769   1.659   1.00 38.85 ? 10  ARG B N   1 
ATOM   712  C CA  . ARG B 2 10  ? 11.295  1.454   2.549   1.00 37.55 ? 10  ARG B CA  1 
ATOM   713  C C   . ARG B 2 10  ? 10.884  1.381   4.012   1.00 38.53 ? 10  ARG B C   1 
ATOM   714  O O   . ARG B 2 10  ? 9.859   1.956   4.411   1.00 37.81 ? 10  ARG B O   1 
ATOM   715  C CB  . ARG B 2 10  ? 12.402  2.501   2.434   1.00 25.37 ? 10  ARG B CB  1 
ATOM   716  C CG  . ARG B 2 10  ? 12.208  3.697   3.312   1.00 16.94 ? 10  ARG B CG  1 
ATOM   717  C CD  . ARG B 2 10  ? 10.975  4.474   2.926   1.00 21.62 ? 10  ARG B CD  1 
ATOM   718  N NE  . ARG B 2 10  ? 11.078  5.879   3.323   1.00 21.34 ? 10  ARG B NE  1 
ATOM   719  C CZ  . ARG B 2 10  ? 10.063  6.728   3.293   1.00 23.13 ? 10  ARG B CZ  1 
ATOM   720  N NH1 . ARG B 2 10  ? 8.873   6.328   2.876   1.00 30.29 ? 10  ARG B NH1 1 
ATOM   721  N NH2 . ARG B 2 10  ? 10.213  7.955   3.739   1.00 25.20 ? 10  ARG B NH2 1 
ATOM   722  N N   . PRO B 2 11  ? 11.727  0.741   4.846   1.00 33.94 ? 11  PRO B N   1 
ATOM   723  C CA  . PRO B 2 11  ? 11.466  0.604   6.268   1.00 26.21 ? 11  PRO B CA  1 
ATOM   724  C C   . PRO B 2 11  ? 11.501  2.008   6.841   1.00 24.21 ? 11  PRO B C   1 
ATOM   725  O O   . PRO B 2 11  ? 12.358  2.797   6.482   1.00 22.35 ? 11  PRO B O   1 
ATOM   726  C CB  . PRO B 2 11  ? 12.688  -0.169  6.749   1.00 29.75 ? 11  PRO B CB  1 
ATOM   727  C CG  . PRO B 2 11  ? 13.161  -0.893  5.568   1.00 31.69 ? 11  PRO B CG  1 
ATOM   728  C CD  . PRO B 2 11  ? 13.044  0.167   4.536   1.00 36.64 ? 11  PRO B CD  1 
ATOM   729  N N   . ILE B 2 12  ? 10.545  2.341   7.686   1.00 22.32 ? 12  ILE B N   1 
ATOM   730  C CA  . ILE B 2 12  ? 10.525  3.649   8.298   1.00 23.49 ? 12  ILE B CA  1 
ATOM   731  C C   . ILE B 2 12  ? 10.246  3.413   9.762   1.00 25.64 ? 12  ILE B C   1 
ATOM   732  O O   . ILE B 2 12  ? 9.650   2.400   10.116  1.00 30.20 ? 12  ILE B O   1 
ATOM   733  C CB  . ILE B 2 12  ? 9.442   4.588   7.660   1.00 22.83 ? 12  ILE B CB  1 
ATOM   734  C CG1 . ILE B 2 12  ? 8.019   4.084   7.922   1.00 17.73 ? 12  ILE B CG1 1 
ATOM   735  C CG2 . ILE B 2 12  ? 9.698   4.717   6.173   1.00 20.28 ? 12  ILE B CG2 1 
ATOM   736  C CD1 . ILE B 2 12  ? 7.038   5.204   8.339   1.00 7.73  ? 12  ILE B CD1 1 
ATOM   737  N N   . ASN B 2 13  ? 10.698  4.304   10.627  1.00 23.97 ? 13  ASN B N   1 
ATOM   738  C CA  . ASN B 2 13  ? 10.442  4.095   12.033  1.00 27.94 ? 13  ASN B CA  1 
ATOM   739  C C   . ASN B 2 13  ? 9.047   4.572   12.323  1.00 31.55 ? 13  ASN B C   1 
ATOM   740  O O   . ASN B 2 13  ? 8.626   5.590   11.802  1.00 34.29 ? 13  ASN B O   1 
ATOM   741  C CB  . ASN B 2 13  ? 11.409  4.887   12.911  1.00 35.77 ? 13  ASN B CB  1 
ATOM   742  C CG  . ASN B 2 13  ? 12.844  4.390   12.827  1.00 41.98 ? 13  ASN B CG  1 
ATOM   743  O OD1 . ASN B 2 13  ? 13.112  3.195   12.669  1.00 43.57 ? 13  ASN B OD1 1 
ATOM   744  N ND2 . ASN B 2 13  ? 13.783  5.320   12.966  1.00 48.05 ? 13  ASN B ND2 1 
ATOM   745  N N   . ALA B 2 14  ? 8.343   3.861   13.190  1.00 37.21 ? 14  ALA B N   1 
ATOM   746  C CA  . ALA B 2 14  ? 7.001   4.252   13.599  1.00 36.87 ? 14  ALA B CA  1 
ATOM   747  C C   . ALA B 2 14  ? 6.769   3.597   14.958  1.00 39.92 ? 14  ALA B C   1 
ATOM   748  O O   . ALA B 2 14  ? 7.577   2.761   15.386  1.00 46.60 ? 14  ALA B O   1 
ATOM   749  C CB  . ALA B 2 14  ? 5.998   3.765   12.599  1.00 39.78 ? 14  ALA B CB  1 
ATOM   750  N N   . THR B 2 15  ? 5.696   3.963   15.646  1.00 34.67 ? 15  THR B N   1 
ATOM   751  C CA  . THR B 2 15  ? 5.416   3.359   16.943  1.00 33.48 ? 15  THR B CA  1 
ATOM   752  C C   . THR B 2 15  ? 4.159   2.500   16.874  1.00 36.87 ? 15  THR B C   1 
ATOM   753  O O   . THR B 2 15  ? 3.090   2.993   16.509  1.00 45.50 ? 15  THR B O   1 
ATOM   754  C CB  . THR B 2 15  ? 5.225   4.424   18.052  1.00 37.95 ? 15  THR B CB  1 
ATOM   755  O OG1 . THR B 2 15  ? 4.104   5.278   17.749  1.00 29.70 ? 15  THR B OG1 1 
ATOM   756  C CG2 . THR B 2 15  ? 6.499   5.248   18.225  1.00 38.90 ? 15  THR B CG2 1 
ATOM   757  N N   . LEU B 2 16  ? 4.290   1.221   17.213  1.00 35.14 ? 16  LEU B N   1 
ATOM   758  C CA  . LEU B 2 16  ? 3.161   0.295   17.216  1.00 30.84 ? 16  LEU B CA  1 
ATOM   759  C C   . LEU B 2 16  ? 2.521   0.276   18.588  1.00 31.72 ? 16  LEU B C   1 
ATOM   760  O O   . LEU B 2 16  ? 3.220   0.151   19.598  1.00 34.62 ? 16  LEU B O   1 
ATOM   761  C CB  . LEU B 2 16  ? 3.628   -1.129  16.929  1.00 35.28 ? 16  LEU B CB  1 
ATOM   762  C CG  . LEU B 2 16  ? 3.789   -1.622  15.501  1.00 42.12 ? 16  LEU B CG  1 
ATOM   763  C CD1 . LEU B 2 16  ? 4.208   -3.095  15.511  1.00 38.15 ? 16  LEU B CD1 1 
ATOM   764  C CD2 . LEU B 2 16  ? 2.462   -1.450  14.766  1.00 44.30 ? 16  LEU B CD2 1 
ATOM   765  N N   . ALA B 2 17  ? 1.206   0.401   18.642  1.00 22.64 ? 17  ALA B N   1 
ATOM   766  C CA  . ALA B 2 17  ? 0.542   0.325   19.923  1.00 23.65 ? 17  ALA B CA  1 
ATOM   767  C C   . ALA B 2 17  ? 0.446   -1.167  20.191  1.00 24.72 ? 17  ALA B C   1 
ATOM   768  O O   . ALA B 2 17  ? 0.142   -1.928  19.285  1.00 29.46 ? 17  ALA B O   1 
ATOM   769  C CB  . ALA B 2 17  ? -0.810  0.918   19.851  1.00 18.69 ? 17  ALA B CB  1 
ATOM   770  N N   . VAL B 2 18  ? 0.791   -1.594  21.401  1.00 30.27 ? 18  VAL B N   1 
ATOM   771  C CA  . VAL B 2 18  ? 0.716   -3.004  21.763  1.00 25.71 ? 18  VAL B CA  1 
ATOM   772  C C   . VAL B 2 18  ? -0.323  -3.149  22.827  1.00 26.05 ? 18  VAL B C   1 
ATOM   773  O O   . VAL B 2 18  ? -0.363  -2.371  23.756  1.00 29.74 ? 18  VAL B O   1 
ATOM   774  C CB  . VAL B 2 18  ? 2.006   -3.578  22.269  1.00 20.97 ? 18  VAL B CB  1 
ATOM   775  C CG1 . VAL B 2 18  ? 1.876   -5.072  22.298  1.00 26.25 ? 18  VAL B CG1 1 
ATOM   776  C CG2 . VAL B 2 18  ? 3.151   -3.178  21.371  1.00 23.46 ? 18  VAL B CG2 1 
ATOM   777  N N   . GLU B 2 19  ? -1.219  -4.105  22.627  1.00 35.00 ? 19  GLU B N   1 
ATOM   778  C CA  . GLU B 2 19  ? -2.324  -4.357  23.533  1.00 34.66 ? 19  GLU B CA  1 
ATOM   779  C C   . GLU B 2 19  ? -2.638  -5.834  23.518  1.00 36.45 ? 19  GLU B C   1 
ATOM   780  O O   . GLU B 2 19  ? -2.352  -6.534  22.540  1.00 40.67 ? 19  GLU B O   1 
ATOM   781  C CB  . GLU B 2 19  ? -3.582  -3.652  23.052  1.00 34.25 ? 19  GLU B CB  1 
ATOM   782  C CG  . GLU B 2 19  ? -3.437  -2.190  22.689  1.00 37.89 ? 19  GLU B CG  1 
ATOM   783  C CD  . GLU B 2 19  ? -4.785  -1.559  22.430  1.00 42.80 ? 19  GLU B CD  1 
ATOM   784  O OE1 . GLU B 2 19  ? -5.683  -2.307  21.973  1.00 48.81 ? 19  GLU B OE1 1 
ATOM   785  O OE2 . GLU B 2 19  ? -4.962  -0.346  22.706  1.00 44.28 ? 19  GLU B OE2 1 
ATOM   786  N N   . LYS B 2 20  ? -3.228  -6.292  24.612  1.00 26.46 ? 20  LYS B N   1 
ATOM   787  C CA  . LYS B 2 20  ? -3.629  -7.666  24.770  1.00 20.01 ? 20  LYS B CA  1 
ATOM   788  C C   . LYS B 2 20  ? -4.807  -7.526  25.707  1.00 26.56 ? 20  LYS B C   1 
ATOM   789  O O   . LYS B 2 20  ? -4.770  -6.739  26.642  1.00 24.46 ? 20  LYS B O   1 
ATOM   790  C CB  . LYS B 2 20  ? -2.523  -8.488  25.401  1.00 14.56 ? 20  LYS B CB  1 
ATOM   791  C CG  . LYS B 2 20  ? -2.914  -9.934  25.608  1.00 14.94 ? 20  LYS B CG  1 
ATOM   792  C CD  . LYS B 2 20  ? -1.720  -10.868 25.508  1.00 17.70 ? 20  LYS B CD  1 
ATOM   793  C CE  . LYS B 2 20  ? -2.156  -12.343 25.631  1.00 16.20 ? 20  LYS B CE  1 
ATOM   794  N NZ  . LYS B 2 20  ? -1.025  -13.193 25.155  1.00 19.71 ? 20  LYS B NZ  1 
ATOM   795  N N   . GLU B 2 21  ? -5.903  -8.189  25.382  1.00 31.66 ? 21  GLU B N   1 
ATOM   796  C CA  . GLU B 2 21  ? -7.077  -8.097  26.206  1.00 29.48 ? 21  GLU B CA  1 
ATOM   797  C C   . GLU B 2 21  ? -6.822  -8.848  27.507  1.00 36.60 ? 21  GLU B C   1 
ATOM   798  O O   . GLU B 2 21  ? -6.412  -10.024 27.507  1.00 36.50 ? 21  GLU B O   1 
ATOM   799  C CB  . GLU B 2 21  ? -8.253  -8.690  25.471  1.00 31.99 ? 21  GLU B CB  1 
ATOM   800  C CG  . GLU B 2 21  ? -8.747  -7.892  24.310  1.00 33.49 ? 21  GLU B CG  1 
ATOM   801  C CD  . GLU B 2 21  ? -10.192 -8.250  24.001  1.00 40.54 ? 21  GLU B CD  1 
ATOM   802  O OE1 . GLU B 2 21  ? -10.404 -9.286  23.329  1.00 39.81 ? 21  GLU B OE1 1 
ATOM   803  O OE2 . GLU B 2 21  ? -11.109 -7.527  24.480  1.00 40.35 ? 21  GLU B OE2 1 
ATOM   804  N N   . GLY B 2 22  ? -7.084  -8.178  28.617  1.00 35.48 ? 22  GLY B N   1 
ATOM   805  C CA  . GLY B 2 22  ? -6.831  -8.811  29.903  1.00 44.41 ? 22  GLY B CA  1 
ATOM   806  C C   . GLY B 2 22  ? -5.881  -7.904  30.654  1.00 45.99 ? 22  GLY B C   1 
ATOM   807  O O   . GLY B 2 22  ? -6.015  -7.673  31.863  1.00 48.68 ? 22  GLY B O   1 
ATOM   808  N N   . CYS B 2 23  ? -4.957  -7.342  29.885  1.00 40.79 ? 23  CYS B N   1 
ATOM   809  C CA  . CYS B 2 23  ? -3.968  -6.414  30.367  1.00 34.12 ? 23  CYS B CA  1 
ATOM   810  C C   . CYS B 2 23  ? -4.559  -5.007  30.242  1.00 38.45 ? 23  CYS B C   1 
ATOM   811  O O   . CYS B 2 23  ? -5.179  -4.672  29.238  1.00 45.94 ? 23  CYS B O   1 
ATOM   812  C CB  . CYS B 2 23  ? -2.741  -6.576  29.516  1.00 29.18 ? 23  CYS B CB  1 
ATOM   813  S SG  . CYS B 2 23  ? -2.259  -8.315  29.497  1.00 36.71 ? 23  CYS B SG  1 
ATOM   814  N N   . PRO B 2 24  ? -4.380  -4.167  31.271  1.00 37.63 ? 24  PRO B N   1 
ATOM   815  C CA  . PRO B 2 24  ? -4.890  -2.804  31.314  1.00 32.29 ? 24  PRO B CA  1 
ATOM   816  C C   . PRO B 2 24  ? -4.143  -1.772  30.529  1.00 35.91 ? 24  PRO B C   1 
ATOM   817  O O   . PRO B 2 24  ? -4.701  -0.735  30.236  1.00 52.16 ? 24  PRO B O   1 
ATOM   818  C CB  . PRO B 2 24  ? -4.739  -2.464  32.781  1.00 33.74 ? 24  PRO B CB  1 
ATOM   819  C CG  . PRO B 2 24  ? -3.423  -3.139  33.112  1.00 23.54 ? 24  PRO B CG  1 
ATOM   820  C CD  . PRO B 2 24  ? -3.695  -4.488  32.544  1.00 36.66 ? 24  PRO B CD  1 
ATOM   821  N N   . VAL B 2 25  ? -2.881  -2.007  30.216  1.00 37.73 ? 25  VAL B N   1 
ATOM   822  C CA  . VAL B 2 25  ? -2.096  -0.978  29.546  1.00 37.00 ? 25  VAL B CA  1 
ATOM   823  C C   . VAL B 2 25  ? -1.520  -1.226  28.150  1.00 46.36 ? 25  VAL B C   1 
ATOM   824  O O   . VAL B 2 25  ? -0.771  -2.184  27.921  1.00 50.66 ? 25  VAL B O   1 
ATOM   825  C CB  . VAL B 2 25  ? -1.012  -0.509  30.509  1.00 34.01 ? 25  VAL B CB  1 
ATOM   826  C CG1 . VAL B 2 25  ? 0.111   0.239   29.798  1.00 36.46 ? 25  VAL B CG1 1 
ATOM   827  C CG2 . VAL B 2 25  ? -1.659  0.342   31.549  1.00 33.18 ? 25  VAL B CG2 1 
ATOM   828  N N   . CYS B 2 26  ? -1.866  -0.324  27.234  1.00 49.21 ? 26  CYS B N   1 
ATOM   829  C CA  . CYS B 2 26  ? -1.405  -0.380  25.858  1.00 47.58 ? 26  CYS B CA  1 
ATOM   830  C C   . CYS B 2 26  ? -0.039  0.251   25.802  1.00 48.03 ? 26  CYS B C   1 
ATOM   831  O O   . CYS B 2 26  ? 0.090   1.442   26.032  1.00 56.00 ? 26  CYS B O   1 
ATOM   832  C CB  . CYS B 2 26  ? -2.336  0.421   24.956  1.00 49.95 ? 26  CYS B CB  1 
ATOM   833  S SG  . CYS B 2 26  ? -1.727  0.632   23.247  1.00 54.38 ? 26  CYS B SG  1 
ATOM   834  N N   . ILE B 2 27  ? 0.978   -0.545  25.513  1.00 44.22 ? 27  ILE B N   1 
ATOM   835  C CA  . ILE B 2 27  ? 2.351   -0.062  25.421  1.00 39.53 ? 27  ILE B CA  1 
ATOM   836  C C   . ILE B 2 27  ? 2.633   0.343   23.984  1.00 35.22 ? 27  ILE B C   1 
ATOM   837  O O   . ILE B 2 27  ? 2.410   -0.441  23.088  1.00 43.64 ? 27  ILE B O   1 
ATOM   838  C CB  . ILE B 2 27  ? 3.351   -1.189  25.808  1.00 36.29 ? 27  ILE B CB  1 
ATOM   839  C CG1 . ILE B 2 27  ? 3.162   -1.548  27.259  1.00 35.16 ? 27  ILE B CG1 1 
ATOM   840  C CG2 . ILE B 2 27  ? 4.778   -0.764  25.554  1.00 35.50 ? 27  ILE B CG2 1 
ATOM   841  C CD1 . ILE B 2 27  ? 3.142   -0.342  28.139  1.00 37.67 ? 27  ILE B CD1 1 
ATOM   842  N N   . THR B 2 28  ? 3.143   1.535   23.742  1.00 28.98 ? 28  THR B N   1 
ATOM   843  C CA  . THR B 2 28  ? 3.430   1.894   22.369  1.00 30.76 ? 28  THR B CA  1 
ATOM   844  C C   . THR B 2 28  ? 4.909   1.637   22.125  1.00 37.33 ? 28  THR B C   1 
ATOM   845  O O   . THR B 2 28  ? 5.759   2.356   22.630  1.00 46.17 ? 28  THR B O   1 
ATOM   846  C CB  . THR B 2 28  ? 2.999   3.352   22.056  1.00 31.35 ? 28  THR B CB  1 
ATOM   847  O OG1 . THR B 2 28  ? 4.111   4.257   22.113  1.00 33.35 ? 28  THR B OG1 1 
ATOM   848  C CG2 . THR B 2 28  ? 1.951   3.795   23.065  1.00 36.65 ? 28  THR B CG2 1 
ATOM   849  N N   . VAL B 2 29  ? 5.229   0.569   21.412  1.00 39.12 ? 29  VAL B N   1 
ATOM   850  C CA  . VAL B 2 29  ? 6.623   0.264   21.145  1.00 36.34 ? 29  VAL B CA  1 
ATOM   851  C C   . VAL B 2 29  ? 7.122   0.967   19.894  1.00 42.81 ? 29  VAL B C   1 
ATOM   852  O O   . VAL B 2 29  ? 6.357   1.579   19.140  1.00 43.77 ? 29  VAL B O   1 
ATOM   853  C CB  . VAL B 2 29  ? 6.864   -1.234  20.996  1.00 38.93 ? 29  VAL B CB  1 
ATOM   854  C CG1 . VAL B 2 29  ? 6.203   -1.986  22.148  1.00 42.66 ? 29  VAL B CG1 1 
ATOM   855  C CG2 . VAL B 2 29  ? 6.366   -1.722  19.634  1.00 41.31 ? 29  VAL B CG2 1 
ATOM   856  N N   . ASN B 2 30  ? 8.421   0.875   19.671  1.00 41.59 ? 30  ASN B N   1 
ATOM   857  C CA  . ASN B 2 30  ? 9.017   1.506   18.520  1.00 44.65 ? 30  ASN B CA  1 
ATOM   858  C C   . ASN B 2 30  ? 9.523   0.405   17.620  1.00 43.76 ? 30  ASN B C   1 
ATOM   859  O O   . ASN B 2 30  ? 10.069  -0.592  18.086  1.00 45.27 ? 30  ASN B O   1 
ATOM   860  C CB  . ASN B 2 30  ? 10.128  2.464   18.952  1.00 52.56 ? 30  ASN B CB  1 
ATOM   861  C CG  . ASN B 2 30  ? 9.588   3.630   19.767  1.00 61.79 ? 30  ASN B CG  1 
ATOM   862  O OD1 . ASN B 2 30  ? 9.879   4.795   19.496  1.00 63.46 ? 30  ASN B OD1 1 
ATOM   863  N ND2 . ASN B 2 30  ? 8.780   3.313   20.772  1.00 65.88 ? 30  ASN B ND2 1 
ATOM   864  N N   . THR B 2 31  ? 9.272   0.550   16.327  1.00 39.26 ? 31  THR B N   1 
ATOM   865  C CA  . THR B 2 31  ? 9.688   -0.459  15.399  1.00 34.70 ? 31  THR B CA  1 
ATOM   866  C C   . THR B 2 31  ? 9.754   0.168   14.038  1.00 39.42 ? 31  THR B C   1 
ATOM   867  O O   . THR B 2 31  ? 9.756   1.404   13.926  1.00 41.23 ? 31  THR B O   1 
ATOM   868  C CB  . THR B 2 31  ? 8.679   -1.578  15.389  1.00 33.80 ? 31  THR B CB  1 
ATOM   869  O OG1 . THR B 2 31  ? 9.151   -2.630  14.542  1.00 37.82 ? 31  THR B OG1 1 
ATOM   870  C CG2 . THR B 2 31  ? 7.323   -1.063  14.909  1.00 34.61 ? 31  THR B CG2 1 
ATOM   871  N N   . THR B 2 32  ? 9.973   -0.666  13.022  1.00 35.35 ? 32  THR B N   1 
ATOM   872  C CA  . THR B 2 32  ? 9.960   -0.184  11.658  1.00 35.84 ? 32  THR B CA  1 
ATOM   873  C C   . THR B 2 32  ? 8.800   -0.815  10.892  1.00 40.65 ? 32  THR B C   1 
ATOM   874  O O   . THR B 2 32  ? 8.546   -2.023  10.970  1.00 46.16 ? 32  THR B O   1 
ATOM   875  C CB  . THR B 2 32  ? 11.258  -0.415  10.917  1.00 26.33 ? 32  THR B CB  1 
ATOM   876  O OG1 . THR B 2 32  ? 11.676  -1.759  11.096  1.00 34.44 ? 32  THR B OG1 1 
ATOM   877  C CG2 . THR B 2 32  ? 12.292  0.488   11.416  1.00 24.56 ? 32  THR B CG2 1 
ATOM   878  N N   . ILE B 2 33  ? 8.060   0.053   10.226  1.00 36.25 ? 33  ILE B N   1 
ATOM   879  C CA  . ILE B 2 33  ? 6.924   -0.280  9.412   1.00 33.68 ? 33  ILE B CA  1 
ATOM   880  C C   . ILE B 2 33  ? 7.413   -0.078  7.951   1.00 36.14 ? 33  ILE B C   1 
ATOM   881  O O   . ILE B 2 33  ? 8.589   0.206   7.738   1.00 42.87 ? 33  ILE B O   1 
ATOM   882  C CB  . ILE B 2 33  ? 5.777   0.664   9.856   1.00 38.38 ? 33  ILE B CB  1 
ATOM   883  C CG1 . ILE B 2 33  ? 4.771   -0.122  10.686  1.00 44.16 ? 33  ILE B CG1 1 
ATOM   884  C CG2 . ILE B 2 33  ? 5.184   1.498   8.730   1.00 32.16 ? 33  ILE B CG2 1 
ATOM   885  C CD1 . ILE B 2 33  ? 5.112   -0.181  12.149  1.00 47.81 ? 33  ILE B CD1 1 
ATOM   886  N N   . CYS B 2 34  ? 6.580   -0.345  6.950   1.00 31.85 ? 34  CYS B N   1 
ATOM   887  C CA  . CYS B 2 34  ? 6.976   -0.139  5.557   1.00 24.27 ? 34  CYS B CA  1 
ATOM   888  C C   . CYS B 2 34  ? 6.172   1.022   4.969   1.00 18.99 ? 34  CYS B C   1 
ATOM   889  O O   . CYS B 2 34  ? 4.955   1.077   5.079   1.00 13.67 ? 34  CYS B O   1 
ATOM   890  C CB  . CYS B 2 34  ? 6.748   -1.397  4.752   1.00 20.36 ? 34  CYS B CB  1 
ATOM   891  S SG  . CYS B 2 34  ? 7.991   -2.697  5.026   1.00 30.43 ? 34  CYS B SG  1 
ATOM   892  N N   . ALA B 2 35  ? 6.852   1.994   4.406   1.00 18.64 ? 35  ALA B N   1 
ATOM   893  C CA  . ALA B 2 35  ? 6.164   3.141   3.826   1.00 23.39 ? 35  ALA B CA  1 
ATOM   894  C C   . ALA B 2 35  ? 6.975   3.768   2.719   1.00 23.74 ? 35  ALA B C   1 
ATOM   895  O O   . ALA B 2 35  ? 8.203   3.718   2.694   1.00 28.11 ? 35  ALA B O   1 
ATOM   896  C CB  . ALA B 2 35  ? 5.832   4.196   4.905   1.00 14.92 ? 35  ALA B CB  1 
ATOM   897  N N   . GLY B 2 36  ? 6.270   4.327   1.760   1.00 39.53 ? 36  GLY B N   1 
ATOM   898  C CA  . GLY B 2 36  ? 6.945   4.957   0.656   1.00 44.00 ? 36  GLY B CA  1 
ATOM   899  C C   . GLY B 2 36  ? 6.050   4.942   -0.547  1.00 45.19 ? 36  GLY B C   1 
ATOM   900  O O   . GLY B 2 36  ? 4.810   4.778   -0.434  1.00 40.26 ? 36  GLY B O   1 
ATOM   901  N N   . TYR B 2 37  ? 6.707   5.024   -1.698  1.00 42.05 ? 37  TYR B N   1 
ATOM   902  C CA  . TYR B 2 37  ? 6.038   5.079   -2.985  1.00 36.20 ? 37  TYR B CA  1 
ATOM   903  C C   . TYR B 2 37  ? 6.388   3.919   -3.907  1.00 39.49 ? 37  TYR B C   1 
ATOM   904  O O   . TYR B 2 37  ? 7.528   3.431   -3.947  1.00 37.35 ? 37  TYR B O   1 
ATOM   905  C CB  . TYR B 2 37  ? 6.428   6.378   -3.686  1.00 31.67 ? 37  TYR B CB  1 
ATOM   906  C CG  . TYR B 2 37  ? 5.797   7.616   -3.120  1.00 23.41 ? 37  TYR B CG  1 
ATOM   907  C CD1 . TYR B 2 37  ? 6.283   8.228   -1.981  1.00 16.18 ? 37  TYR B CD1 1 
ATOM   908  C CD2 . TYR B 2 37  ? 4.714   8.182   -3.752  1.00 31.27 ? 37  TYR B CD2 1 
ATOM   909  C CE1 . TYR B 2 37  ? 5.690   9.394   -1.489  1.00 23.54 ? 37  TYR B CE1 1 
ATOM   910  C CE2 . TYR B 2 37  ? 4.117   9.328   -3.279  1.00 35.05 ? 37  TYR B CE2 1 
ATOM   911  C CZ  . TYR B 2 37  ? 4.597   9.935   -2.148  1.00 33.14 ? 37  TYR B CZ  1 
ATOM   912  O OH  . TYR B 2 37  ? 3.937   11.077  -1.715  1.00 37.92 ? 37  TYR B OH  1 
ATOM   913  N N   . CYS B 2 38  ? 5.405   3.496   -4.675  1.00 39.22 ? 38  CYS B N   1 
ATOM   914  C CA  . CYS B 2 38  ? 5.634   2.447   -5.636  1.00 40.32 ? 38  CYS B CA  1 
ATOM   915  C C   . CYS B 2 38  ? 5.134   2.902   -6.983  1.00 46.04 ? 38  CYS B C   1 
ATOM   916  O O   . CYS B 2 38  ? 4.104   3.600   -7.090  1.00 55.67 ? 38  CYS B O   1 
ATOM   917  C CB  . CYS B 2 38  ? 4.893   1.187   -5.244  1.00 39.18 ? 38  CYS B CB  1 
ATOM   918  S SG  . CYS B 2 38  ? 5.621   0.473   -3.771  1.00 36.94 ? 38  CYS B SG  1 
ATOM   919  N N   . PRO B 2 39  ? 5.857   2.527   -8.037  1.00 40.86 ? 39  PRO B N   1 
ATOM   920  C CA  . PRO B 2 39  ? 5.451   2.906   -9.374  1.00 34.84 ? 39  PRO B CA  1 
ATOM   921  C C   . PRO B 2 39  ? 4.293   1.968   -9.728  1.00 40.86 ? 39  PRO B C   1 
ATOM   922  O O   . PRO B 2 39  ? 4.344   0.762   -9.451  1.00 39.38 ? 39  PRO B O   1 
ATOM   923  C CB  . PRO B 2 39  ? 6.680   2.561   -10.171 1.00 37.03 ? 39  PRO B CB  1 
ATOM   924  C CG  . PRO B 2 39  ? 7.082   1.263   -9.533  1.00 39.08 ? 39  PRO B CG  1 
ATOM   925  C CD  . PRO B 2 39  ? 6.989   1.589   -8.078  1.00 39.33 ? 39  PRO B CD  1 
ATOM   926  N N   . THR B 2 40  ? 3.218   2.546   -10.244 1.00 44.35 ? 40  THR B N   1 
ATOM   927  C CA  . THR B 2 40  ? 2.045   1.801   -10.665 1.00 42.41 ? 40  THR B CA  1 
ATOM   928  C C   . THR B 2 40  ? 1.439   2.500   -11.881 1.00 47.57 ? 40  THR B C   1 
ATOM   929  O O   . THR B 2 40  ? 1.746   3.671   -12.152 1.00 45.81 ? 40  THR B O   1 
ATOM   930  C CB  . THR B 2 40  ? 0.967   1.714   -9.545  1.00 43.14 ? 40  THR B CB  1 
ATOM   931  O OG1 . THR B 2 40  ? 0.742   2.999   -8.953  1.00 39.30 ? 40  THR B OG1 1 
ATOM   932  C CG2 . THR B 2 40  ? 1.343   0.692   -8.492  1.00 42.47 ? 40  THR B CG2 1 
ATOM   933  N N   . MET B 2 41  ? 0.625   1.770   -12.643 1.00 54.11 ? 41  MET B N   1 
ATOM   934  C CA  . MET B 2 41  ? -0.043  2.342   -13.808 1.00 57.68 ? 41  MET B CA  1 
ATOM   935  C C   . MET B 2 41  ? -1.074  1.460   -14.484 1.00 57.17 ? 41  MET B C   1 
ATOM   936  O O   . MET B 2 41  ? -0.778  0.348   -14.939 1.00 59.14 ? 41  MET B O   1 
ATOM   937  C CB  . MET B 2 41  ? 0.969   2.868   -14.834 1.00 64.42 ? 41  MET B CB  1 
ATOM   938  C CG  . MET B 2 41  ? 0.962   2.208   -16.203 1.00 73.55 ? 41  MET B CG  1 
ATOM   939  S SD  . MET B 2 41  ? 1.712   0.458   -16.617 1.00 79.77 ? 41  MET B SD  1 
ATOM   940  C CE  . MET B 2 41  ? 2.472   1.299   -18.156 1.00 75.67 ? 41  MET B CE  1 
ATOM   941  N N   . THR B 2 42  ? -2.287  1.989   -14.574 1.00 55.63 ? 42  THR B N   1 
ATOM   942  C CA  . THR B 2 42  ? -3.397  1.295   -15.220 1.00 55.84 ? 42  THR B CA  1 
ATOM   943  C C   . THR B 2 42  ? -3.241  1.163   -16.748 1.00 58.74 ? 42  THR B C   1 
ATOM   944  O O   . THR B 2 42  ? -2.707  2.068   -17.419 1.00 58.62 ? 42  THR B O   1 
ATOM   945  C CB  . THR B 2 42  ? -4.709  2.028   -14.967 1.00 51.93 ? 42  THR B CB  1 
ATOM   946  O OG1 . THR B 2 42  ? -4.434  3.404   -14.622 1.00 50.60 ? 42  THR B OG1 1 
ATOM   947  C CG2 . THR B 2 42  ? -5.526  1.302   -13.883 1.00 45.54 ? 42  THR B CG2 1 
ATOM   948  N N   . ARG B 2 43  ? -3.706  0.036   -17.291 1.00 56.57 ? 43  ARG B N   1 
ATOM   949  C CA  . ARG B 2 43  ? -3.663  -0.195  -18.733 1.00 50.68 ? 43  ARG B CA  1 
ATOM   950  C C   . ARG B 2 43  ? -4.548  0.825   -19.429 1.00 50.63 ? 43  ARG B C   1 
ATOM   951  O O   . ARG B 2 43  ? -5.595  1.252   -18.906 1.00 49.46 ? 43  ARG B O   1 
ATOM   952  C CB  . ARG B 2 43  ? -4.158  -1.587  -19.101 1.00 47.69 ? 43  ARG B CB  1 
ATOM   953  C CG  . ARG B 2 43  ? -3.321  -2.694  -18.536 1.00 50.73 ? 43  ARG B CG  1 
ATOM   954  C CD  . ARG B 2 43  ? -3.281  -3.882  -19.475 1.00 48.92 ? 43  ARG B CD  1 
ATOM   955  N NE  . ARG B 2 43  ? -2.891  -5.096  -18.776 1.00 49.80 ? 43  ARG B NE  1 
ATOM   956  C CZ  . ARG B 2 43  ? -3.722  -5.809  -18.030 1.00 52.48 ? 43  ARG B CZ  1 
ATOM   957  N NH1 . ARG B 2 43  ? -4.993  -5.433  -17.894 1.00 50.97 ? 43  ARG B NH1 1 
ATOM   958  N NH2 . ARG B 2 43  ? -3.269  -6.873  -17.389 1.00 56.03 ? 43  ARG B NH2 1 
ATOM   959  N N   . VAL B 2 44  ? -4.079  1.260   -20.586 1.00 47.22 ? 44  VAL B N   1 
ATOM   960  C CA  . VAL B 2 44  ? -4.804  2.229   -21.379 1.00 43.63 ? 44  VAL B CA  1 
ATOM   961  C C   . VAL B 2 44  ? -5.549  1.394   -22.437 1.00 44.73 ? 44  VAL B C   1 
ATOM   962  O O   . VAL B 2 44  ? -6.703  1.702   -22.785 1.00 42.07 ? 44  VAL B O   1 
ATOM   963  C CB  . VAL B 2 44  ? -3.804  3.311   -21.940 1.00 40.00 ? 44  VAL B CB  1 
ATOM   964  C CG1 . VAL B 2 44  ? -3.379  3.033   -23.370 1.00 44.90 ? 44  VAL B CG1 1 
ATOM   965  C CG2 . VAL B 2 44  ? -4.351  4.688   -21.771 1.00 32.51 ? 44  VAL B CG2 1 
ATOM   966  N N   . LEU B 2 45  ? -4.946  0.244   -22.779 1.00 44.95 ? 45  LEU B N   1 
ATOM   967  C CA  . LEU B 2 45  ? -5.469  -0.708  -23.763 1.00 47.52 ? 45  LEU B CA  1 
ATOM   968  C C   . LEU B 2 45  ? -6.669  -1.454  -23.205 1.00 55.73 ? 45  LEU B C   1 
ATOM   969  O O   . LEU B 2 45  ? -6.546  -2.182  -22.223 1.00 61.98 ? 45  LEU B O   1 
ATOM   970  C CB  . LEU B 2 45  ? -4.372  -1.712  -24.149 1.00 45.29 ? 45  LEU B CB  1 
ATOM   971  C CG  . LEU B 2 45  ? -4.567  -2.730  -25.290 1.00 42.84 ? 45  LEU B CG  1 
ATOM   972  C CD1 . LEU B 2 45  ? -5.489  -3.845  -24.849 1.00 46.37 ? 45  LEU B CD1 1 
ATOM   973  C CD2 . LEU B 2 45  ? -5.099  -2.068  -26.557 1.00 33.68 ? 45  LEU B CD2 1 
ATOM   974  N N   . GLN B 2 46  ? -7.816  -1.327  -23.867 1.00 65.29 ? 46  GLN B N   1 
ATOM   975  C CA  . GLN B 2 46  ? -9.050  -1.984  -23.420 1.00 69.84 ? 46  GLN B CA  1 
ATOM   976  C C   . GLN B 2 46  ? -9.287  -3.430  -23.907 1.00 74.81 ? 46  GLN B C   1 
ATOM   977  O O   . GLN B 2 46  ? -9.123  -3.745  -25.091 1.00 76.16 ? 46  GLN B O   1 
ATOM   978  C CB  . GLN B 2 46  ? -10.248 -1.103  -23.768 1.00 64.29 ? 46  GLN B CB  1 
ATOM   979  C CG  . GLN B 2 46  ? -10.195 0.246   -23.098 1.00 63.96 ? 46  GLN B CG  1 
ATOM   980  C CD  . GLN B 2 46  ? -10.147 0.132   -21.591 1.00 65.03 ? 46  GLN B CD  1 
ATOM   981  O OE1 . GLN B 2 46  ? -11.183 0.092   -20.928 1.00 66.79 ? 46  GLN B OE1 1 
ATOM   982  N NE2 . GLN B 2 46  ? -8.944  0.068   -21.039 1.00 64.77 ? 46  GLN B NE2 1 
ATOM   983  N N   . GLY B 2 47  ? -9.678  -4.303  -22.980 1.00 77.81 ? 47  GLY B N   1 
ATOM   984  C CA  . GLY B 2 47  ? -9.947  -5.689  -23.334 1.00 79.75 ? 47  GLY B CA  1 
ATOM   985  C C   . GLY B 2 47  ? -8.890  -6.708  -22.934 1.00 78.73 ? 47  GLY B C   1 
ATOM   986  O O   . GLY B 2 47  ? -8.915  -7.852  -23.410 1.00 77.69 ? 47  GLY B O   1 
ATOM   987  N N   . VAL B 2 48  ? -8.004  -6.326  -22.015 1.00 77.29 ? 48  VAL B N   1 
ATOM   988  C CA  . VAL B 2 48  ? -6.930  -7.216  -21.560 1.00 70.35 ? 48  VAL B CA  1 
ATOM   989  C C   . VAL B 2 48  ? -7.265  -7.983  -20.274 1.00 71.50 ? 48  VAL B C   1 
ATOM   990  O O   . VAL B 2 48  ? -8.033  -7.510  -19.415 1.00 72.99 ? 48  VAL B O   1 
ATOM   991  C CB  . VAL B 2 48  ? -5.596  -6.462  -21.370 1.00 61.47 ? 48  VAL B CB  1 
ATOM   992  C CG1 . VAL B 2 48  ? -4.540  -7.065  -22.259 1.00 56.21 ? 48  VAL B CG1 1 
ATOM   993  C CG2 . VAL B 2 48  ? -5.773  -4.986  -21.667 1.00 57.08 ? 48  VAL B CG2 1 
ATOM   994  N N   . LEU B 2 49  ? -6.689  -9.174  -20.150 1.00 68.50 ? 49  LEU B N   1 
ATOM   995  C CA  . LEU B 2 49  ? -6.927  -10.019 -18.987 1.00 67.83 ? 49  LEU B CA  1 
ATOM   996  C C   . LEU B 2 49  ? -5.666  -10.821 -18.659 1.00 66.02 ? 49  LEU B C   1 
ATOM   997  O O   . LEU B 2 49  ? -4.904  -11.193 -19.557 1.00 65.04 ? 49  LEU B O   1 
ATOM   998  C CB  . LEU B 2 49  ? -8.096  -10.977 -19.260 1.00 67.64 ? 49  LEU B CB  1 
ATOM   999  C CG  . LEU B 2 49  ? -9.352  -10.351 -19.867 1.00 67.02 ? 49  LEU B CG  1 
ATOM   1000 C CD1 . LEU B 2 49  ? -9.563  -10.879 -21.295 1.00 65.95 ? 49  LEU B CD1 1 
ATOM   1001 C CD2 . LEU B 2 49  ? -10.548 -10.612 -18.973 1.00 63.09 ? 49  LEU B CD2 1 
ATOM   1002 N N   . PRO B 2 50  ? -5.416  -11.073 -17.364 1.00 62.64 ? 50  PRO B N   1 
ATOM   1003 C CA  . PRO B 2 50  ? -6.252  -10.648 -16.237 1.00 60.75 ? 50  PRO B CA  1 
ATOM   1004 C C   . PRO B 2 50  ? -6.053  -9.161  -16.003 1.00 63.21 ? 50  PRO B C   1 
ATOM   1005 O O   . PRO B 2 50  ? -5.351  -8.496  -16.764 1.00 62.34 ? 50  PRO B O   1 
ATOM   1006 C CB  . PRO B 2 50  ? -5.670  -11.434 -15.058 1.00 58.69 ? 50  PRO B CB  1 
ATOM   1007 C CG  . PRO B 2 50  ? -4.919  -12.542 -15.684 1.00 60.48 ? 50  PRO B CG  1 
ATOM   1008 C CD  . PRO B 2 50  ? -4.299  -11.889 -16.880 1.00 60.49 ? 50  PRO B CD  1 
ATOM   1009 N N   . ALA B 2 51  ? -6.670  -8.638  -14.953 1.00 66.30 ? 51  ALA B N   1 
ATOM   1010 C CA  . ALA B 2 51  ? -6.509  -7.228  -14.637 1.00 68.33 ? 51  ALA B CA  1 
ATOM   1011 C C   . ALA B 2 51  ? -5.124  -7.089  -14.046 1.00 63.01 ? 51  ALA B C   1 
ATOM   1012 O O   . ALA B 2 51  ? -4.766  -7.855  -13.174 1.00 63.45 ? 51  ALA B O   1 
ATOM   1013 C CB  . ALA B 2 51  ? -7.544  -6.787  -13.631 1.00 71.48 ? 51  ALA B CB  1 
ATOM   1014 N N   . LEU B 2 52  ? -4.317  -6.199  -14.610 1.00 63.89 ? 52  LEU B N   1 
ATOM   1015 C CA  . LEU B 2 52  ? -2.966  -5.942  -14.117 1.00 62.17 ? 52  LEU B CA  1 
ATOM   1016 C C   . LEU B 2 52  ? -3.155  -5.421  -12.691 1.00 61.62 ? 52  LEU B C   1 
ATOM   1017 O O   . LEU B 2 52  ? -3.687  -4.325  -12.475 1.00 65.20 ? 52  LEU B O   1 
ATOM   1018 C CB  . LEU B 2 52  ? -2.282  -4.896  -15.006 1.00 63.06 ? 52  LEU B CB  1 
ATOM   1019 C CG  . LEU B 2 52  ? -0.983  -4.229  -14.561 1.00 64.89 ? 52  LEU B CG  1 
ATOM   1020 C CD1 . LEU B 2 52  ? 0.134   -5.243  -14.412 1.00 70.74 ? 52  LEU B CD1 1 
ATOM   1021 C CD2 . LEU B 2 52  ? -0.606  -3.184  -15.586 1.00 66.97 ? 52  LEU B CD2 1 
ATOM   1022 N N   . PRO B 2 53  ? -2.743  -6.216  -11.697 1.00 57.85 ? 53  PRO B N   1 
ATOM   1023 C CA  . PRO B 2 53  ? -2.895  -5.820  -10.301 1.00 52.70 ? 53  PRO B CA  1 
ATOM   1024 C C   . PRO B 2 53  ? -1.834  -4.848  -9.825  1.00 51.07 ? 53  PRO B C   1 
ATOM   1025 O O   . PRO B 2 53  ? -0.667  -4.914  -10.213 1.00 47.20 ? 53  PRO B O   1 
ATOM   1026 C CB  . PRO B 2 53  ? -2.844  -7.153  -9.572  1.00 50.54 ? 53  PRO B CB  1 
ATOM   1027 C CG  . PRO B 2 53  ? -1.816  -7.894  -10.348 1.00 54.47 ? 53  PRO B CG  1 
ATOM   1028 C CD  . PRO B 2 53  ? -2.011  -7.492  -11.809 1.00 55.66 ? 53  PRO B CD  1 
ATOM   1029 N N   . GLN B 2 54  ? -2.265  -3.941  -8.966  1.00 50.88 ? 54  GLN B N   1 
ATOM   1030 C CA  . GLN B 2 54  ? -1.397  -2.923  -8.415  1.00 52.46 ? 54  GLN B CA  1 
ATOM   1031 C C   . GLN B 2 54  ? -0.430  -3.381  -7.298  1.00 50.87 ? 54  GLN B C   1 
ATOM   1032 O O   . GLN B 2 54  ? -0.810  -3.992  -6.276  1.00 51.70 ? 54  GLN B O   1 
ATOM   1033 C CB  . GLN B 2 54  ? -2.252  -1.735  -7.966  1.00 54.17 ? 54  GLN B CB  1 
ATOM   1034 C CG  . GLN B 2 54  ? -3.152  -1.202  -9.066  1.00 59.75 ? 54  GLN B CG  1 
ATOM   1035 C CD  . GLN B 2 54  ? -2.376  -0.569  -10.219 1.00 64.70 ? 54  GLN B CD  1 
ATOM   1036 O OE1 . GLN B 2 54  ? -2.402  0.649   -10.394 1.00 69.41 ? 54  GLN B OE1 1 
ATOM   1037 N NE2 . GLN B 2 54  ? -1.682  -1.387  -11.004 1.00 63.55 ? 54  GLN B NE2 1 
ATOM   1038 N N   . VAL B 2 55  ? 0.836   -3.082  -7.534  1.00 41.33 ? 55  VAL B N   1 
ATOM   1039 C CA  . VAL B 2 55  ? 1.912   -3.376  -6.613  1.00 29.87 ? 55  VAL B CA  1 
ATOM   1040 C C   . VAL B 2 55  ? 1.689   -2.415  -5.416  1.00 35.35 ? 55  VAL B C   1 
ATOM   1041 O O   . VAL B 2 55  ? 1.094   -1.362  -5.547  1.00 39.10 ? 55  VAL B O   1 
ATOM   1042 C CB  . VAL B 2 55  ? 3.245   -3.124  -7.366  1.00 23.94 ? 55  VAL B CB  1 
ATOM   1043 C CG1 . VAL B 2 55  ? 4.140   -2.163  -6.637  1.00 19.50 ? 55  VAL B CG1 1 
ATOM   1044 C CG2 . VAL B 2 55  ? 3.915   -4.437  -7.737  1.00 19.20 ? 55  VAL B CG2 1 
ATOM   1045 N N   . VAL B 2 56  ? 2.226   -2.730  -4.256  1.00 44.88 ? 56  VAL B N   1 
ATOM   1046 C CA  . VAL B 2 56  ? 1.999   -1.878  -3.086  1.00 37.56 ? 56  VAL B CA  1 
ATOM   1047 C C   . VAL B 2 56  ? 3.230   -1.973  -2.155  1.00 33.24 ? 56  VAL B C   1 
ATOM   1048 O O   . VAL B 2 56  ? 4.074   -2.861  -2.359  1.00 22.46 ? 56  VAL B O   1 
ATOM   1049 C CB  . VAL B 2 56  ? 0.662   -2.320  -2.444  1.00 36.30 ? 56  VAL B CB  1 
ATOM   1050 C CG1 . VAL B 2 56  ? 0.801   -2.607  -0.957  1.00 34.90 ? 56  VAL B CG1 1 
ATOM   1051 C CG2 . VAL B 2 56  ? -0.446  -1.325  -2.821  1.00 25.43 ? 56  VAL B CG2 1 
ATOM   1052 N N   . CYS B 2 57  ? 3.414   -0.989  -1.267  1.00 30.12 ? 57  CYS B N   1 
ATOM   1053 C CA  . CYS B 2 57  ? 4.566   -1.006  -0.357  1.00 30.91 ? 57  CYS B CA  1 
ATOM   1054 C C   . CYS B 2 57  ? 4.322   -2.115  0.646   1.00 32.35 ? 57  CYS B C   1 
ATOM   1055 O O   . CYS B 2 57  ? 3.294   -2.147  1.342   1.00 26.37 ? 57  CYS B O   1 
ATOM   1056 C CB  . CYS B 2 57  ? 4.762   0.322   0.347   1.00 30.45 ? 57  CYS B CB  1 
ATOM   1057 S SG  . CYS B 2 57  ? 6.339   0.440   1.243   1.00 34.38 ? 57  CYS B SG  1 
ATOM   1058 N N   . ASN B 2 58  ? 5.312   -2.981  0.769   1.00 29.59 ? 58  ASN B N   1 
ATOM   1059 C CA  . ASN B 2 58  ? 5.151   -4.152  1.585   1.00 32.56 ? 58  ASN B CA  1 
ATOM   1060 C C   . ASN B 2 58  ? 6.419   -4.640  2.243   1.00 34.76 ? 58  ASN B C   1 
ATOM   1061 O O   . ASN B 2 58  ? 7.525   -4.276  1.838   1.00 33.02 ? 58  ASN B O   1 
ATOM   1062 C CB  . ASN B 2 58  ? 4.647   -5.252  0.666   1.00 29.30 ? 58  ASN B CB  1 
ATOM   1063 C CG  . ASN B 2 58  ? 3.595   -6.066  1.294   1.00 39.33 ? 58  ASN B CG  1 
ATOM   1064 O OD1 . ASN B 2 58  ? 3.563   -6.229  2.538   1.00 39.64 ? 58  ASN B OD1 1 
ATOM   1065 N ND2 . ASN B 2 58  ? 2.711   -6.607  0.466   1.00 34.95 ? 58  ASN B ND2 1 
ATOM   1066 N N   . TYR B 2 59  ? 6.244   -5.510  3.232   1.00 36.67 ? 59  TYR B N   1 
ATOM   1067 C CA  . TYR B 2 59  ? 7.362   -6.103  3.949   1.00 36.72 ? 59  TYR B CA  1 
ATOM   1068 C C   . TYR B 2 59  ? 8.126   -7.065  3.053   1.00 40.79 ? 59  TYR B C   1 
ATOM   1069 O O   . TYR B 2 59  ? 7.562   -7.707  2.175   1.00 41.89 ? 59  TYR B O   1 
ATOM   1070 C CB  . TYR B 2 59  ? 6.870   -6.922  5.135   1.00 29.19 ? 59  TYR B CB  1 
ATOM   1071 C CG  . TYR B 2 59  ? 6.504   -6.142  6.356   1.00 26.42 ? 59  TYR B CG  1 
ATOM   1072 C CD1 . TYR B 2 59  ? 5.209   -5.686  6.550   1.00 22.79 ? 59  TYR B CD1 1 
ATOM   1073 C CD2 . TYR B 2 59  ? 7.433   -5.924  7.366   1.00 30.19 ? 59  TYR B CD2 1 
ATOM   1074 C CE1 . TYR B 2 59  ? 4.848   -5.035  7.726   1.00 24.63 ? 59  TYR B CE1 1 
ATOM   1075 C CE2 . TYR B 2 59  ? 7.069   -5.273  8.543   1.00 25.20 ? 59  TYR B CE2 1 
ATOM   1076 C CZ  . TYR B 2 59  ? 5.784   -4.847  8.711   1.00 20.34 ? 59  TYR B CZ  1 
ATOM   1077 O OH  . TYR B 2 59  ? 5.421   -4.256  9.879   1.00 30.44 ? 59  TYR B OH  1 
ATOM   1078 N N   . ARG B 2 60  ? 9.395   -7.228  3.390   1.00 48.05 ? 60  ARG B N   1 
ATOM   1079 C CA  . ARG B 2 60  ? 10.348  -8.124  2.747   1.00 50.58 ? 60  ARG B CA  1 
ATOM   1080 C C   . ARG B 2 60  ? 11.322  -8.255  3.923   1.00 58.44 ? 60  ARG B C   1 
ATOM   1081 O O   . ARG B 2 60  ? 11.861  -7.255  4.374   1.00 66.56 ? 60  ARG B O   1 
ATOM   1082 C CB  . ARG B 2 60  ? 11.017  -7.405  1.578   1.00 48.79 ? 60  ARG B CB  1 
ATOM   1083 C CG  . ARG B 2 60  ? 12.346  -7.973  1.129   1.00 47.67 ? 60  ARG B CG  1 
ATOM   1084 C CD  . ARG B 2 60  ? 12.237  -8.628  -0.225  1.00 52.91 ? 60  ARG B CD  1 
ATOM   1085 N NE  . ARG B 2 60  ? 13.527  -8.701  -0.915  1.00 61.23 ? 60  ARG B NE  1 
ATOM   1086 C CZ  . ARG B 2 60  ? 14.231  -7.640  -1.317  1.00 63.50 ? 60  ARG B CZ  1 
ATOM   1087 N NH1 . ARG B 2 60  ? 13.770  -6.410  -1.094  1.00 66.53 ? 60  ARG B NH1 1 
ATOM   1088 N NH2 . ARG B 2 60  ? 15.393  -7.805  -1.953  1.00 58.40 ? 60  ARG B NH2 1 
ATOM   1089 N N   . ASP B 2 61  ? 11.480  -9.442  4.490   1.00 53.62 ? 61  ASP B N   1 
ATOM   1090 C CA  . ASP B 2 61  ? 12.384  -9.601  5.640   1.00 50.71 ? 61  ASP B CA  1 
ATOM   1091 C C   . ASP B 2 61  ? 11.809  -8.978  6.904   1.00 43.74 ? 61  ASP B C   1 
ATOM   1092 O O   . ASP B 2 61  ? 11.981  -7.791  7.163   1.00 34.92 ? 61  ASP B O   1 
ATOM   1093 C CB  . ASP B 2 61  ? 13.757  -8.977  5.380   1.00 53.00 ? 61  ASP B CB  1 
ATOM   1094 C CG  . ASP B 2 61  ? 14.496  -9.652  4.277   1.00 58.95 ? 61  ASP B CG  1 
ATOM   1095 O OD1 . ASP B 2 61  ? 14.648  -10.891 4.347   1.00 64.65 ? 61  ASP B OD1 1 
ATOM   1096 O OD2 . ASP B 2 61  ? 14.933  -8.941  3.345   1.00 60.84 ? 61  ASP B OD2 1 
ATOM   1097 N N   . VAL B 2 62  ? 11.155  -9.806  7.708   1.00 47.90 ? 62  VAL B N   1 
ATOM   1098 C CA  . VAL B 2 62  ? 10.547  -9.372  8.961   1.00 48.35 ? 62  VAL B CA  1 
ATOM   1099 C C   . VAL B 2 62  ? 11.273  -10.073 10.103  1.00 49.25 ? 62  VAL B C   1 
ATOM   1100 O O   . VAL B 2 62  ? 11.608  -11.252 9.997   1.00 54.82 ? 62  VAL B O   1 
ATOM   1101 C CB  . VAL B 2 62  ? 9.043   -9.798  9.030   1.00 43.62 ? 62  VAL B CB  1 
ATOM   1102 C CG1 . VAL B 2 62  ? 8.413   -9.354  10.326  1.00 42.80 ? 62  VAL B CG1 1 
ATOM   1103 C CG2 . VAL B 2 62  ? 8.275   -9.221  7.863   1.00 47.14 ? 62  VAL B CG2 1 
ATOM   1104 N N   . ARG B 2 63  ? 11.618  -9.338  11.145  1.00 47.14 ? 63  ARG B N   1 
ATOM   1105 C CA  . ARG B 2 63  ? 12.216  -9.997  12.293  1.00 46.57 ? 63  ARG B CA  1 
ATOM   1106 C C   . ARG B 2 63  ? 11.301  -9.586  13.423  1.00 47.50 ? 63  ARG B C   1 
ATOM   1107 O O   . ARG B 2 63  ? 10.691  -8.507  13.361  1.00 52.31 ? 63  ARG B O   1 
ATOM   1108 C CB  . ARG B 2 63  ? 13.671  -9.589  12.518  1.00 45.18 ? 63  ARG B CB  1 
ATOM   1109 C CG  . ARG B 2 63  ? 13.936  -8.342  13.303  1.00 42.72 ? 63  ARG B CG  1 
ATOM   1110 C CD  . ARG B 2 63  ? 15.434  -8.163  13.367  1.00 44.46 ? 63  ARG B CD  1 
ATOM   1111 N NE  . ARG B 2 63  ? 15.808  -6.803  13.729  1.00 52.02 ? 63  ARG B NE  1 
ATOM   1112 C CZ  . ARG B 2 63  ? 15.576  -6.260  14.917  1.00 51.66 ? 63  ARG B CZ  1 
ATOM   1113 N NH1 . ARG B 2 63  ? 14.970  -6.968  15.857  1.00 51.13 ? 63  ARG B NH1 1 
ATOM   1114 N NH2 . ARG B 2 63  ? 15.951  -5.013  15.158  1.00 53.07 ? 63  ARG B NH2 1 
ATOM   1115 N N   . PHE B 2 64  ? 11.108  -10.471 14.394  1.00 43.72 ? 64  PHE B N   1 
ATOM   1116 C CA  . PHE B 2 64  ? 10.216  -10.155 15.501  1.00 37.65 ? 64  PHE B CA  1 
ATOM   1117 C C   . PHE B 2 64  ? 10.875  -9.910  16.815  1.00 38.94 ? 64  PHE B C   1 
ATOM   1118 O O   . PHE B 2 64  ? 11.927  -10.467 17.106  1.00 44.39 ? 64  PHE B O   1 
ATOM   1119 C CB  . PHE B 2 64  ? 9.173   -11.233 15.650  1.00 31.88 ? 64  PHE B CB  1 
ATOM   1120 C CG  . PHE B 2 64  ? 8.487   -11.527 14.390  1.00 30.03 ? 64  PHE B CG  1 
ATOM   1121 C CD1 . PHE B 2 64  ? 9.081   -12.352 13.458  1.00 29.79 ? 64  PHE B CD1 1 
ATOM   1122 C CD2 . PHE B 2 64  ? 7.305   -10.895 14.080  1.00 27.50 ? 64  PHE B CD2 1 
ATOM   1123 C CE1 . PHE B 2 64  ? 8.518   -12.538 12.236  1.00 32.53 ? 64  PHE B CE1 1 
ATOM   1124 C CE2 . PHE B 2 64  ? 6.733   -11.074 12.856  1.00 32.69 ? 64  PHE B CE2 1 
ATOM   1125 C CZ  . PHE B 2 64  ? 7.334   -11.895 11.927  1.00 36.27 ? 64  PHE B CZ  1 
ATOM   1126 N N   . GLU B 2 65  ? 10.254  -9.009  17.562  1.00 39.84 ? 65  GLU B N   1 
ATOM   1127 C CA  . GLU B 2 65  ? 10.664  -8.604  18.887  1.00 38.82 ? 65  GLU B CA  1 
ATOM   1128 C C   . GLU B 2 65  ? 9.408   -8.661  19.734  1.00 46.05 ? 65  GLU B C   1 
ATOM   1129 O O   . GLU B 2 65  ? 8.308   -8.758  19.208  1.00 55.31 ? 65  GLU B O   1 
ATOM   1130 C CB  . GLU B 2 65  ? 11.201  -7.191  18.878  1.00 34.05 ? 65  GLU B CB  1 
ATOM   1131 C CG  . GLU B 2 65  ? 12.619  -7.114  18.382  1.00 40.20 ? 65  GLU B CG  1 
ATOM   1132 C CD  . GLU B 2 65  ? 13.244  -5.755  18.623  1.00 48.22 ? 65  GLU B CD  1 
ATOM   1133 O OE1 . GLU B 2 65  ? 12.706  -4.975  19.446  1.00 52.62 ? 65  GLU B OE1 1 
ATOM   1134 O OE2 . GLU B 2 65  ? 14.287  -5.461  18.002  1.00 52.90 ? 65  GLU B OE2 1 
ATOM   1135 N N   . SER B 2 66  ? 9.553   -8.594  21.047  1.00 47.75 ? 66  SER B N   1 
ATOM   1136 C CA  . SER B 2 66  ? 8.390   -8.662  21.919  1.00 40.04 ? 66  SER B CA  1 
ATOM   1137 C C   . SER B 2 66  ? 8.593   -7.831  23.153  1.00 32.33 ? 66  SER B C   1 
ATOM   1138 O O   . SER B 2 66  ? 9.671   -7.301  23.384  1.00 32.83 ? 66  SER B O   1 
ATOM   1139 C CB  . SER B 2 66  ? 8.162   -10.100 22.323  1.00 44.77 ? 66  SER B CB  1 
ATOM   1140 O OG  . SER B 2 66  ? 9.418   -10.735 22.494  1.00 54.00 ? 66  SER B OG  1 
ATOM   1141 N N   . ILE B 2 67  ? 7.512   -7.594  23.860  1.00 24.60 ? 67  ILE B N   1 
ATOM   1142 C CA  . ILE B 2 67  ? 7.595   -6.874  25.098  1.00 34.39 ? 67  ILE B CA  1 
ATOM   1143 C C   . ILE B 2 67  ? 6.605   -7.540  26.029  1.00 40.29 ? 67  ILE B C   1 
ATOM   1144 O O   . ILE B 2 67  ? 5.842   -8.422  25.610  1.00 40.25 ? 67  ILE B O   1 
ATOM   1145 C CB  . ILE B 2 67  ? 7.288   -5.393  24.975  1.00 33.53 ? 67  ILE B CB  1 
ATOM   1146 C CG1 . ILE B 2 67  ? 5.901   -5.191  24.379  1.00 42.59 ? 67  ILE B CG1 1 
ATOM   1147 C CG2 . ILE B 2 67  ? 8.401   -4.704  24.214  1.00 30.17 ? 67  ILE B CG2 1 
ATOM   1148 C CD1 . ILE B 2 67  ? 5.087   -4.112  25.094  1.00 48.96 ? 67  ILE B CD1 1 
ATOM   1149 N N   . ARG B 2 68  ? 6.730   -7.226  27.309  1.00 39.77 ? 68  ARG B N   1 
ATOM   1150 C CA  . ARG B 2 68  ? 5.852   -7.767  28.315  1.00 41.39 ? 68  ARG B CA  1 
ATOM   1151 C C   . ARG B 2 68  ? 5.004   -6.584  28.734  1.00 39.65 ? 68  ARG B C   1 
ATOM   1152 O O   . ARG B 2 68  ? 5.524   -5.547  29.121  1.00 40.16 ? 68  ARG B O   1 
ATOM   1153 C CB  . ARG B 2 68  ? 6.671   -8.274  29.491  1.00 48.91 ? 68  ARG B CB  1 
ATOM   1154 C CG  . ARG B 2 68  ? 5.862   -8.505  30.747  1.00 51.66 ? 68  ARG B CG  1 
ATOM   1155 C CD  . ARG B 2 68  ? 6.708   -8.319  32.015  1.00 53.90 ? 68  ARG B CD  1 
ATOM   1156 N NE  . ARG B 2 68  ? 6.127   -9.107  33.085  1.00 48.90 ? 68  ARG B NE  1 
ATOM   1157 C CZ  . ARG B 2 68  ? 6.023   -10.423 33.017  1.00 52.74 ? 68  ARG B CZ  1 
ATOM   1158 N NH1 . ARG B 2 68  ? 6.536   -11.069 31.964  1.00 47.78 ? 68  ARG B NH1 1 
ATOM   1159 N NH2 . ARG B 2 68  ? 5.457   -11.093 34.014  1.00 56.32 ? 68  ARG B NH2 1 
ATOM   1160 N N   . LEU B 2 69  ? 3.700   -6.715  28.608  1.00 34.57 ? 69  LEU B N   1 
ATOM   1161 C CA  . LEU B 2 69  ? 2.835   -5.633  28.969  1.00 37.13 ? 69  LEU B CA  1 
ATOM   1162 C C   . LEU B 2 69  ? 2.672   -5.536  30.478  1.00 39.20 ? 69  LEU B C   1 
ATOM   1163 O O   . LEU B 2 69  ? 2.621   -6.545  31.186  1.00 47.66 ? 69  LEU B O   1 
ATOM   1164 C CB  . LEU B 2 69  ? 1.483   -5.846  28.309  1.00 41.51 ? 69  LEU B CB  1 
ATOM   1165 C CG  . LEU B 2 69  ? 1.512   -5.903  26.791  1.00 37.69 ? 69  LEU B CG  1 
ATOM   1166 C CD1 . LEU B 2 69  ? 0.517   -6.886  26.351  1.00 31.23 ? 69  LEU B CD1 1 
ATOM   1167 C CD2 . LEU B 2 69  ? 1.220   -4.528  26.212  1.00 38.26 ? 69  LEU B CD2 1 
ATOM   1168 N N   . PRO B 2 70  ? 2.637   -4.314  30.998  1.00 35.89 ? 70  PRO B N   1 
ATOM   1169 C CA  . PRO B 2 70  ? 2.477   -4.069  32.427  1.00 37.87 ? 70  PRO B CA  1 
ATOM   1170 C C   . PRO B 2 70  ? 1.082   -4.369  32.929  1.00 40.26 ? 70  PRO B C   1 
ATOM   1171 O O   . PRO B 2 70  ? 0.140   -4.405  32.150  1.00 56.03 ? 70  PRO B O   1 
ATOM   1172 C CB  . PRO B 2 70  ? 2.776   -2.574  32.542  1.00 42.90 ? 70  PRO B CB  1 
ATOM   1173 C CG  . PRO B 2 70  ? 2.470   -2.034  31.167  1.00 38.75 ? 70  PRO B CG  1 
ATOM   1174 C CD  . PRO B 2 70  ? 3.055   -3.088  30.301  1.00 35.75 ? 70  PRO B CD  1 
ATOM   1175 N N   . GLY B 2 71  ? 0.969   -4.631  34.227  1.00 40.88 ? 71  GLY B N   1 
ATOM   1176 C CA  . GLY B 2 71  ? -0.317  -4.873  34.867  1.00 35.29 ? 71  GLY B CA  1 
ATOM   1177 C C   . GLY B 2 71  ? -1.228  -6.016  34.486  1.00 35.42 ? 71  GLY B C   1 
ATOM   1178 O O   . GLY B 2 71  ? -2.377  -6.049  34.924  1.00 34.63 ? 71  GLY B O   1 
ATOM   1179 N N   . CYS B 2 72  ? -0.755  -6.955  33.679  1.00 43.31 ? 72  CYS B N   1 
ATOM   1180 C CA  . CYS B 2 72  ? -1.613  -8.070  33.298  1.00 41.47 ? 72  CYS B CA  1 
ATOM   1181 C C   . CYS B 2 72  ? -1.931  -8.847  34.583  1.00 39.32 ? 72  CYS B C   1 
ATOM   1182 O O   . CYS B 2 72  ? -1.184  -8.761  35.538  1.00 34.99 ? 72  CYS B O   1 
ATOM   1183 C CB  . CYS B 2 72  ? -0.920  -8.963  32.257  1.00 41.27 ? 72  CYS B CB  1 
ATOM   1184 S SG  . CYS B 2 72  ? -0.547  -8.221  30.619  1.00 46.19 ? 72  CYS B SG  1 
ATOM   1185 N N   . PRO B 2 73  ? -3.064  -9.578  34.627  1.00 43.63 ? 73  PRO B N   1 
ATOM   1186 C CA  . PRO B 2 73  ? -3.517  -10.371 35.769  1.00 46.47 ? 73  PRO B CA  1 
ATOM   1187 C C   . PRO B 2 73  ? -2.738  -11.640 36.168  1.00 49.15 ? 73  PRO B C   1 
ATOM   1188 O O   . PRO B 2 73  ? -1.513  -11.705 36.132  1.00 45.86 ? 73  PRO B O   1 
ATOM   1189 C CB  . PRO B 2 73  ? -4.962  -10.720 35.386  1.00 48.07 ? 73  PRO B CB  1 
ATOM   1190 C CG  . PRO B 2 73  ? -5.359  -9.641  34.490  1.00 48.05 ? 73  PRO B CG  1 
ATOM   1191 C CD  . PRO B 2 73  ? -4.141  -9.516  33.629  1.00 48.04 ? 73  PRO B CD  1 
ATOM   1192 N N   . ARG B 2 74  ? -3.482  -12.614 36.675  1.00 51.41 ? 74  ARG B N   1 
ATOM   1193 C CA  . ARG B 2 74  ? -2.888  -13.853 37.104  1.00 46.10 ? 74  ARG B CA  1 
ATOM   1194 C C   . ARG B 2 74  ? -2.254  -14.592 35.958  1.00 37.28 ? 74  ARG B C   1 
ATOM   1195 O O   . ARG B 2 74  ? -1.247  -14.136 35.472  1.00 39.46 ? 74  ARG B O   1 
ATOM   1196 C CB  . ARG B 2 74  ? -3.886  -14.699 37.918  1.00 51.91 ? 74  ARG B CB  1 
ATOM   1197 C CG  . ARG B 2 74  ? -4.134  -14.177 39.351  1.00 57.44 ? 74  ARG B CG  1 
ATOM   1198 C CD  . ARG B 2 74  ? -2.842  -13.886 40.178  1.00 67.05 ? 74  ARG B CD  1 
ATOM   1199 N NE  . ARG B 2 74  ? -1.891  -13.048 39.444  1.00 77.54 ? 74  ARG B NE  1 
ATOM   1200 C CZ  . ARG B 2 74  ? -0.603  -13.340 39.252  1.00 78.49 ? 74  ARG B CZ  1 
ATOM   1201 N NH1 . ARG B 2 74  ? -0.063  -14.439 39.778  1.00 75.29 ? 74  ARG B NH1 1 
ATOM   1202 N NH2 . ARG B 2 74  ? 0.089   -12.644 38.356  1.00 74.33 ? 74  ARG B NH2 1 
ATOM   1203 N N   . GLY B 2 75  ? -2.878  -15.667 35.478  1.00 33.94 ? 75  GLY B N   1 
ATOM   1204 C CA  . GLY B 2 75  ? -2.317  -16.452 34.382  1.00 35.36 ? 75  GLY B CA  1 
ATOM   1205 C C   . GLY B 2 75  ? -2.410  -15.971 32.931  1.00 31.91 ? 75  GLY B C   1 
ATOM   1206 O O   . GLY B 2 75  ? -2.479  -16.794 32.021  1.00 25.83 ? 75  GLY B O   1 
ATOM   1207 N N   . VAL B 2 76  ? -2.479  -14.659 32.718  1.00 35.28 ? 76  VAL B N   1 
ATOM   1208 C CA  . VAL B 2 76  ? -2.517  -14.052 31.370  1.00 34.23 ? 76  VAL B CA  1 
ATOM   1209 C C   . VAL B 2 76  ? -1.060  -14.069 30.893  1.00 40.51 ? 76  VAL B C   1 
ATOM   1210 O O   . VAL B 2 76  ? -0.117  -13.935 31.714  1.00 45.74 ? 76  VAL B O   1 
ATOM   1211 C CB  . VAL B 2 76  ? -2.965  -12.546 31.441  1.00 25.76 ? 76  VAL B CB  1 
ATOM   1212 C CG1 . VAL B 2 76  ? -2.203  -11.710 30.473  1.00 29.04 ? 76  VAL B CG1 1 
ATOM   1213 C CG2 . VAL B 2 76  ? -4.425  -12.404 31.144  1.00 25.95 ? 76  VAL B CG2 1 
ATOM   1214 N N   . ASN B 2 77  ? -0.838  -14.252 29.595  1.00 37.70 ? 77  ASN B N   1 
ATOM   1215 C CA  . ASN B 2 77  ? 0.545   -14.224 29.137  1.00 33.54 ? 77  ASN B CA  1 
ATOM   1216 C C   . ASN B 2 77  ? 0.760   -12.746 28.827  1.00 39.62 ? 77  ASN B C   1 
ATOM   1217 O O   . ASN B 2 77  ? -0.110  -12.113 28.234  1.00 46.15 ? 77  ASN B O   1 
ATOM   1218 C CB  . ASN B 2 77  ? 0.751   -15.119 27.932  1.00 22.35 ? 77  ASN B CB  1 
ATOM   1219 C CG  . ASN B 2 77  ? 2.185   -15.214 27.547  1.00 23.21 ? 77  ASN B CG  1 
ATOM   1220 O OD1 . ASN B 2 77  ? 3.011   -14.417 28.022  1.00 22.39 ? 77  ASN B OD1 1 
ATOM   1221 N ND2 . ASN B 2 77  ? 2.509   -16.168 26.671  1.00 12.96 ? 77  ASN B ND2 1 
ATOM   1222 N N   . PRO B 2 78  ? 1.845   -12.145 29.332  1.00 40.07 ? 78  PRO B N   1 
ATOM   1223 C CA  . PRO B 2 78  ? 2.083   -10.716 29.097  1.00 41.51 ? 78  PRO B CA  1 
ATOM   1224 C C   . PRO B 2 78  ? 3.078   -10.327 27.992  1.00 43.80 ? 78  PRO B C   1 
ATOM   1225 O O   . PRO B 2 78  ? 3.326   -9.137  27.770  1.00 36.26 ? 78  PRO B O   1 
ATOM   1226 C CB  . PRO B 2 78  ? 2.569   -10.244 30.452  1.00 40.24 ? 78  PRO B CB  1 
ATOM   1227 C CG  . PRO B 2 78  ? 3.483   -11.392 30.855  1.00 37.67 ? 78  PRO B CG  1 
ATOM   1228 C CD  . PRO B 2 78  ? 2.784   -12.667 30.349  1.00 37.20 ? 78  PRO B CD  1 
ATOM   1229 N N   . VAL B 2 79  ? 3.650   -11.315 27.319  1.00 40.85 ? 79  VAL B N   1 
ATOM   1230 C CA  . VAL B 2 79  ? 4.610   -11.026 26.281  1.00 38.25 ? 79  VAL B CA  1 
ATOM   1231 C C   . VAL B 2 79  ? 3.993   -11.035 24.900  1.00 38.23 ? 79  VAL B C   1 
ATOM   1232 O O   . VAL B 2 79  ? 3.697   -12.099 24.337  1.00 42.24 ? 79  VAL B O   1 
ATOM   1233 C CB  . VAL B 2 79  ? 5.798   -11.976 26.336  1.00 37.21 ? 79  VAL B CB  1 
ATOM   1234 C CG1 . VAL B 2 79  ? 6.539   -11.746 27.605  1.00 37.84 ? 79  VAL B CG1 1 
ATOM   1235 C CG2 . VAL B 2 79  ? 5.344   -13.413 26.250  1.00 41.07 ? 79  VAL B CG2 1 
ATOM   1236 N N   . VAL B 2 80  ? 3.767   -9.832  24.379  1.00 29.81 ? 80  VAL B N   1 
ATOM   1237 C CA  . VAL B 2 80  ? 3.199   -9.656  23.053  1.00 25.93 ? 80  VAL B CA  1 
ATOM   1238 C C   . VAL B 2 80  ? 4.336   -9.362  22.095  1.00 29.82 ? 80  VAL B C   1 
ATOM   1239 O O   . VAL B 2 80  ? 5.211   -8.544  22.394  1.00 37.49 ? 80  VAL B O   1 
ATOM   1240 C CB  . VAL B 2 80  ? 2.260   -8.450  23.010  1.00 24.47 ? 80  VAL B CB  1 
ATOM   1241 C CG1 . VAL B 2 80  ? 1.764   -8.252  21.617  1.00 28.57 ? 80  VAL B CG1 1 
ATOM   1242 C CG2 . VAL B 2 80  ? 1.112   -8.642  23.920  1.00 22.09 ? 80  VAL B CG2 1 
ATOM   1243 N N   . SER B 2 81  ? 4.355   -10.001 20.939  1.00 31.42 ? 81  SER B N   1 
ATOM   1244 C CA  . SER B 2 81  ? 5.433   -9.684  20.008  1.00 34.51 ? 81  SER B CA  1 
ATOM   1245 C C   . SER B 2 81  ? 4.979   -8.884  18.792  1.00 36.41 ? 81  SER B C   1 
ATOM   1246 O O   . SER B 2 81  ? 3.907   -9.129  18.246  1.00 35.88 ? 81  SER B O   1 
ATOM   1247 C CB  . SER B 2 81  ? 6.147   -10.951 19.577  1.00 30.25 ? 81  SER B CB  1 
ATOM   1248 O OG  . SER B 2 81  ? 5.220   -12.003 19.519  1.00 41.06 ? 81  SER B OG  1 
ATOM   1249 N N   . TYR B 2 82  ? 5.786   -7.903  18.406  1.00 37.96 ? 82  TYR B N   1 
ATOM   1250 C CA  . TYR B 2 82  ? 5.514   -7.072  17.238  1.00 37.58 ? 82  TYR B CA  1 
ATOM   1251 C C   . TYR B 2 82  ? 6.553   -7.337  16.141  1.00 38.95 ? 82  TYR B C   1 
ATOM   1252 O O   . TYR B 2 82  ? 7.629   -7.902  16.386  1.00 32.49 ? 82  TYR B O   1 
ATOM   1253 C CB  . TYR B 2 82  ? 5.522   -5.600  17.613  1.00 37.55 ? 82  TYR B CB  1 
ATOM   1254 C CG  . TYR B 2 82  ? 6.783   -5.178  18.302  1.00 47.34 ? 82  TYR B CG  1 
ATOM   1255 C CD1 . TYR B 2 82  ? 6.919   -5.286  19.693  1.00 50.33 ? 82  TYR B CD1 1 
ATOM   1256 C CD2 . TYR B 2 82  ? 7.847   -4.675  17.578  1.00 51.67 ? 82  TYR B CD2 1 
ATOM   1257 C CE1 . TYR B 2 82  ? 8.076   -4.903  20.334  1.00 47.86 ? 82  TYR B CE1 1 
ATOM   1258 C CE2 . TYR B 2 82  ? 9.009   -4.290  18.209  1.00 57.37 ? 82  TYR B CE2 1 
ATOM   1259 C CZ  . TYR B 2 82  ? 9.116   -4.404  19.585  1.00 53.72 ? 82  TYR B CZ  1 
ATOM   1260 O OH  . TYR B 2 82  ? 10.274  -3.991  20.185  1.00 55.91 ? 82  TYR B OH  1 
ATOM   1261 N N   . ALA B 2 83  ? 6.223   -6.946  14.917  1.00 39.56 ? 83  ALA B N   1 
ATOM   1262 C CA  . ALA B 2 83  ? 7.133   -7.155  13.803  1.00 29.37 ? 83  ALA B CA  1 
ATOM   1263 C C   . ALA B 2 83  ? 8.091   -6.002  13.634  1.00 24.41 ? 83  ALA B C   1 
ATOM   1264 O O   . ALA B 2 83  ? 7.854   -4.921  14.145  1.00 21.24 ? 83  ALA B O   1 
ATOM   1265 C CB  . ALA B 2 83  ? 6.361   -7.370  12.545  1.00 30.81 ? 83  ALA B CB  1 
ATOM   1266 N N   . VAL B 2 84  ? 9.224   -6.274  13.005  1.00 26.48 ? 84  VAL B N   1 
ATOM   1267 C CA  . VAL B 2 84  ? 10.217  -5.250  12.723  1.00 31.20 ? 84  VAL B CA  1 
ATOM   1268 C C   . VAL B 2 84  ? 10.590  -5.433  11.260  1.00 37.77 ? 84  VAL B C   1 
ATOM   1269 O O   . VAL B 2 84  ? 11.028  -6.528  10.863  1.00 46.30 ? 84  VAL B O   1 
ATOM   1270 C CB  . VAL B 2 84  ? 11.452  -5.419  13.560  1.00 31.72 ? 84  VAL B CB  1 
ATOM   1271 C CG1 . VAL B 2 84  ? 12.472  -4.369  13.182  1.00 38.67 ? 84  VAL B CG1 1 
ATOM   1272 C CG2 . VAL B 2 84  ? 11.091  -5.282  15.006  1.00 39.70 ? 84  VAL B CG2 1 
ATOM   1273 N N   . ALA B 2 85  ? 10.369  -4.395  10.451  1.00 28.67 ? 85  ALA B N   1 
ATOM   1274 C CA  . ALA B 2 85  ? 10.663  -4.468  9.018   1.00 27.83 ? 85  ALA B CA  1 
ATOM   1275 C C   . ALA B 2 85  ? 12.146  -4.351  8.703   1.00 29.12 ? 85  ALA B C   1 
ATOM   1276 O O   . ALA B 2 85  ? 12.716  -3.269  8.769   1.00 30.22 ? 85  ALA B O   1 
ATOM   1277 C CB  . ALA B 2 85  ? 9.885   -3.398  8.264   1.00 25.22 ? 85  ALA B CB  1 
ATOM   1278 N N   . LEU B 2 86  ? 12.778  -5.468  8.374   1.00 28.17 ? 86  LEU B N   1 
ATOM   1279 C CA  . LEU B 2 86  ? 14.181  -5.416  8.029   1.00 30.20 ? 86  LEU B CA  1 
ATOM   1280 C C   . LEU B 2 86  ? 14.296  -4.762  6.671   1.00 31.96 ? 86  LEU B C   1 
ATOM   1281 O O   . LEU B 2 86  ? 15.205  -3.957  6.436   1.00 34.05 ? 86  LEU B O   1 
ATOM   1282 C CB  . LEU B 2 86  ? 14.813  -6.799  8.078   1.00 30.12 ? 86  LEU B CB  1 
ATOM   1283 C CG  . LEU B 2 86  ? 14.628  -7.342  9.507   1.00 37.39 ? 86  LEU B CG  1 
ATOM   1284 C CD1 . LEU B 2 86  ? 15.603  -8.450  9.783   1.00 39.63 ? 86  LEU B CD1 1 
ATOM   1285 C CD2 . LEU B 2 86  ? 14.830  -6.223  10.530  1.00 36.49 ? 86  LEU B CD2 1 
ATOM   1286 N N   . SER B 2 87  ? 13.337  -5.058  5.798   1.00 30.87 ? 87  SER B N   1 
ATOM   1287 C CA  . SER B 2 87  ? 13.302  -4.451  4.482   1.00 30.65 ? 87  SER B CA  1 
ATOM   1288 C C   . SER B 2 87  ? 11.896  -4.378  3.932   1.00 36.41 ? 87  SER B C   1 
ATOM   1289 O O   . SER B 2 87  ? 10.991  -5.069  4.379   1.00 41.90 ? 87  SER B O   1 
ATOM   1290 C CB  . SER B 2 87  ? 14.222  -5.173  3.510   1.00 28.29 ? 87  SER B CB  1 
ATOM   1291 O OG  . SER B 2 87  ? 13.929  -6.548  3.436   1.00 28.56 ? 87  SER B OG  1 
ATOM   1292 N N   . CYS B 2 88  ? 11.695  -3.492  2.977   1.00 43.46 ? 88  CYS B N   1 
ATOM   1293 C CA  . CYS B 2 88  ? 10.391  -3.348  2.368   1.00 39.45 ? 88  CYS B CA  1 
ATOM   1294 C C   . CYS B 2 88  ? 10.521  -3.513  0.862   1.00 38.52 ? 88  CYS B C   1 
ATOM   1295 O O   . CYS B 2 88  ? 11.632  -3.624  0.342   1.00 38.27 ? 88  CYS B O   1 
ATOM   1296 C CB  . CYS B 2 88  ? 9.842   -1.997  2.741   1.00 38.79 ? 88  CYS B CB  1 
ATOM   1297 S SG  . CYS B 2 88  ? 9.791   -1.869  4.543   1.00 40.57 ? 88  CYS B SG  1 
ATOM   1298 N N   . GLN B 2 89  ? 9.399   -3.565  0.161   1.00 38.15 ? 89  GLN B N   1 
ATOM   1299 C CA  . GLN B 2 89  ? 9.436   -3.720  -1.271  1.00 34.27 ? 89  GLN B CA  1 
ATOM   1300 C C   . GLN B 2 89  ? 8.059   -3.490  -1.826  1.00 40.10 ? 89  GLN B C   1 
ATOM   1301 O O   . GLN B 2 89  ? 7.075   -3.648  -1.104  1.00 41.42 ? 89  GLN B O   1 
ATOM   1302 C CB  . GLN B 2 89  ? 9.901   -5.120  -1.646  1.00 28.60 ? 89  GLN B CB  1 
ATOM   1303 C CG  . GLN B 2 89  ? 8.850   -6.174  -1.489  1.00 36.90 ? 89  GLN B CG  1 
ATOM   1304 C CD  . GLN B 2 89  ? 9.305   -7.507  -2.039  1.00 41.88 ? 89  GLN B CD  1 
ATOM   1305 O OE1 . GLN B 2 89  ? 8.940   -8.576  -1.524  1.00 44.26 ? 89  GLN B OE1 1 
ATOM   1306 N NE2 . GLN B 2 89  ? 10.115  -7.460  -3.093  1.00 41.03 ? 89  GLN B NE2 1 
ATOM   1307 N N   . CYS B 2 90  ? 8.006   -3.041  -3.084  1.00 43.84 ? 90  CYS B N   1 
ATOM   1308 C CA  . CYS B 2 90  ? 6.751   -2.817  -3.805  1.00 32.79 ? 90  CYS B CA  1 
ATOM   1309 C C   . CYS B 2 90  ? 6.362   -4.180  -4.330  1.00 29.17 ? 90  CYS B C   1 
ATOM   1310 O O   . CYS B 2 90  ? 7.173   -4.853  -4.984  1.00 30.59 ? 90  CYS B O   1 
ATOM   1311 C CB  . CYS B 2 90  ? 6.990   -1.890  -4.971  1.00 32.13 ? 90  CYS B CB  1 
ATOM   1312 S SG  . CYS B 2 90  ? 7.394   -0.203  -4.456  1.00 36.11 ? 90  CYS B SG  1 
ATOM   1313 N N   . ALA B 2 91  ? 5.158   -4.627  -4.008  1.00 19.09 ? 91  ALA B N   1 
ATOM   1314 C CA  . ALA B 2 91  ? 4.733   -5.935  -4.454  1.00 25.65 ? 91  ALA B CA  1 
ATOM   1315 C C   . ALA B 2 91  ? 3.236   -6.083  -4.303  1.00 30.12 ? 91  ALA B C   1 
ATOM   1316 O O   . ALA B 2 91  ? 2.567   -5.220  -3.759  1.00 31.93 ? 91  ALA B O   1 
ATOM   1317 C CB  . ALA B 2 91  ? 5.460   -7.034  -3.695  1.00 12.76 ? 91  ALA B CB  1 
ATOM   1318 N N   . LEU B 2 92  ? 2.713   -7.166  -4.858  1.00 35.37 ? 92  LEU B N   1 
ATOM   1319 C CA  . LEU B 2 92  ? 1.290   -7.445  -4.834  1.00 37.96 ? 92  LEU B CA  1 
ATOM   1320 C C   . LEU B 2 92  ? 0.813   -7.517  -3.433  1.00 35.28 ? 92  LEU B C   1 
ATOM   1321 O O   . LEU B 2 92  ? 1.429   -8.186  -2.622  1.00 46.80 ? 92  LEU B O   1 
ATOM   1322 C CB  . LEU B 2 92  ? 1.008   -8.782  -5.510  1.00 33.37 ? 92  LEU B CB  1 
ATOM   1323 C CG  . LEU B 2 92  ? 1.215   -8.596  -6.996  1.00 34.62 ? 92  LEU B CG  1 
ATOM   1324 C CD1 . LEU B 2 92  ? 2.041   -9.716  -7.600  1.00 34.08 ? 92  LEU B CD1 1 
ATOM   1325 C CD2 . LEU B 2 92  ? -0.155  -8.454  -7.615  1.00 36.26 ? 92  LEU B CD2 1 
ATOM   1326 N N   . CYS B 2 93  ? -0.233  -6.768  -3.123  1.00 34.00 ? 93  CYS B N   1 
ATOM   1327 C CA  . CYS B 2 93  ? -0.780  -6.832  -1.799  1.00 31.30 ? 93  CYS B CA  1 
ATOM   1328 C C   . CYS B 2 93  ? -1.452  -8.144  -1.860  1.00 35.57 ? 93  CYS B C   1 
ATOM   1329 O O   . CYS B 2 93  ? -2.431  -8.293  -2.585  1.00 32.27 ? 93  CYS B O   1 
ATOM   1330 C CB  . CYS B 2 93  ? -1.832  -5.795  -1.563  1.00 33.21 ? 93  CYS B CB  1 
ATOM   1331 S SG  . CYS B 2 93  ? -2.325  -5.920  0.167   1.00 37.14 ? 93  CYS B SG  1 
ATOM   1332 N N   . ARG B 2 94  ? -0.817  -9.113  -1.205  1.00 42.40 ? 94  ARG B N   1 
ATOM   1333 C CA  . ARG B 2 94  ? -1.253  -10.499 -1.129  1.00 36.45 ? 94  ARG B CA  1 
ATOM   1334 C C   . ARG B 2 94  ? -2.458  -10.618 -0.203  1.00 41.31 ? 94  ARG B C   1 
ATOM   1335 O O   . ARG B 2 94  ? -2.313  -10.685 1.019   1.00 43.55 ? 94  ARG B O   1 
ATOM   1336 C CB  . ARG B 2 94  ? -0.088  -11.348 -0.637  1.00 33.99 ? 94  ARG B CB  1 
ATOM   1337 C CG  . ARG B 2 94  ? -0.437  -12.771 -0.291  1.00 44.13 ? 94  ARG B CG  1 
ATOM   1338 C CD  . ARG B 2 94  ? 0.432   -13.718 -1.079  1.00 56.22 ? 94  ARG B CD  1 
ATOM   1339 N NE  . ARG B 2 94  ? 0.607   -15.006 -0.410  1.00 61.71 ? 94  ARG B NE  1 
ATOM   1340 C CZ  . ARG B 2 94  ? 1.403   -15.200 0.639   1.00 63.48 ? 94  ARG B CZ  1 
ATOM   1341 N NH1 . ARG B 2 94  ? 2.108   -14.187 1.155   1.00 64.76 ? 94  ARG B NH1 1 
ATOM   1342 N NH2 . ARG B 2 94  ? 1.506   -16.417 1.159   1.00 61.19 ? 94  ARG B NH2 1 
ATOM   1343 N N   . ARG B 2 95  ? -3.647  -10.643 -0.801  1.00 42.97 ? 95  ARG B N   1 
ATOM   1344 C CA  . ARG B 2 95  ? -4.900  -10.721 -0.051  1.00 45.38 ? 95  ARG B CA  1 
ATOM   1345 C C   . ARG B 2 95  ? -5.065  -11.891 0.939   1.00 41.75 ? 95  ARG B C   1 
ATOM   1346 O O   . ARG B 2 95  ? -5.719  -11.752 1.980   1.00 36.73 ? 95  ARG B O   1 
ATOM   1347 C CB  . ARG B 2 95  ? -6.082  -10.614 -1.014  1.00 46.30 ? 95  ARG B CB  1 
ATOM   1348 C CG  . ARG B 2 95  ? -6.169  -9.216  -1.648  1.00 56.06 ? 95  ARG B CG  1 
ATOM   1349 C CD  . ARG B 2 95  ? -7.373  -9.079  -2.572  1.00 63.24 ? 95  ARG B CD  1 
ATOM   1350 N NE  . ARG B 2 95  ? -7.582  -7.715  -3.058  1.00 64.66 ? 95  ARG B NE  1 
ATOM   1351 C CZ  . ARG B 2 95  ? -8.665  -6.994  -2.785  1.00 69.75 ? 95  ARG B CZ  1 
ATOM   1352 N NH1 . ARG B 2 95  ? -9.631  -7.496  -2.024  1.00 74.68 ? 95  ARG B NH1 1 
ATOM   1353 N NH2 . ARG B 2 95  ? -8.805  -5.783  -3.295  1.00 71.11 ? 95  ARG B NH2 1 
ATOM   1354 N N   . SER B 2 96  ? -4.444  -13.024 0.643   1.00 35.34 ? 96  SER B N   1 
ATOM   1355 C CA  . SER B 2 96  ? -4.538  -14.164 1.540   1.00 42.61 ? 96  SER B CA  1 
ATOM   1356 C C   . SER B 2 96  ? -3.856  -13.833 2.867   1.00 43.15 ? 96  SER B C   1 
ATOM   1357 O O   . SER B 2 96  ? -4.280  -14.274 3.933   1.00 39.72 ? 96  SER B O   1 
ATOM   1358 C CB  . SER B 2 96  ? -3.801  -15.347 0.938   1.00 45.67 ? 96  SER B CB  1 
ATOM   1359 O OG  . SER B 2 96  ? -2.426  -15.027 0.826   1.00 51.10 ? 96  SER B OG  1 
ATOM   1360 N N   . THR B 2 97  ? -2.797  -13.042 2.782   1.00 41.74 ? 97  THR B N   1 
ATOM   1361 C CA  . THR B 2 97  ? -2.032  -12.709 3.947   1.00 40.49 ? 97  THR B CA  1 
ATOM   1362 C C   . THR B 2 97  ? -2.052  -11.266 4.409   1.00 38.79 ? 97  THR B C   1 
ATOM   1363 O O   . THR B 2 97  ? -1.716  -10.995 5.557   1.00 47.64 ? 97  THR B O   1 
ATOM   1364 C CB  . THR B 2 97  ? -0.569  -13.202 3.764   1.00 43.31 ? 97  THR B CB  1 
ATOM   1365 O OG1 . THR B 2 97  ? -0.015  -12.661 2.563   1.00 46.03 ? 97  THR B OG1 1 
ATOM   1366 C CG2 . THR B 2 97  ? -0.535  -14.700 3.619   1.00 41.71 ? 97  THR B CG2 1 
ATOM   1367 N N   . THR B 2 98  ? -2.452  -10.333 3.557   1.00 36.98 ? 98  THR B N   1 
ATOM   1368 C CA  . THR B 2 98  ? -2.452  -8.922  3.959   1.00 31.64 ? 98  THR B CA  1 
ATOM   1369 C C   . THR B 2 98  ? -3.851  -8.419  3.841   1.00 34.27 ? 98  THR B C   1 
ATOM   1370 O O   . THR B 2 98  ? -4.611  -8.917  3.016   1.00 43.03 ? 98  THR B O   1 
ATOM   1371 C CB  . THR B 2 98  ? -1.634  -8.020  3.011   1.00 26.54 ? 98  THR B CB  1 
ATOM   1372 O OG1 . THR B 2 98  ? -0.471  -8.708  2.546   1.00 33.74 ? 98  THR B OG1 1 
ATOM   1373 C CG2 . THR B 2 98  ? -1.215  -6.722  3.709   1.00 21.11 ? 98  THR B CG2 1 
ATOM   1374 N N   . ASP B 2 99  ? -4.196  -7.434  4.657   1.00 32.63 ? 99  ASP B N   1 
ATOM   1375 C CA  . ASP B 2 99  ? -5.504  -6.842  4.583   1.00 29.25 ? 99  ASP B CA  1 
ATOM   1376 C C   . ASP B 2 99  ? -5.249  -5.673  3.682   1.00 33.00 ? 99  ASP B C   1 
ATOM   1377 O O   . ASP B 2 99  ? -4.716  -4.648  4.132   1.00 35.68 ? 99  ASP B O   1 
ATOM   1378 C CB  . ASP B 2 99  ? -5.970  -6.354  5.937   1.00 35.48 ? 99  ASP B CB  1 
ATOM   1379 C CG  . ASP B 2 99  ? -7.247  -5.563  5.844   1.00 43.03 ? 99  ASP B CG  1 
ATOM   1380 O OD1 . ASP B 2 99  ? -8.318  -6.189  5.763   1.00 55.28 ? 99  ASP B OD1 1 
ATOM   1381 O OD2 . ASP B 2 99  ? -7.191  -4.317  5.827   1.00 48.43 ? 99  ASP B OD2 1 
ATOM   1382 N N   . CYS B 2 100 ? -5.556  -5.864  2.396   1.00 34.74 ? 100 CYS B N   1 
ATOM   1383 C CA  . CYS B 2 100 ? -5.370  -4.859  1.345   1.00 26.63 ? 100 CYS B CA  1 
ATOM   1384 C C   . CYS B 2 100 ? -6.463  -3.816  1.239   1.00 25.32 ? 100 CYS B C   1 
ATOM   1385 O O   . CYS B 2 100 ? -7.541  -4.089  0.737   1.00 34.47 ? 100 CYS B O   1 
ATOM   1386 C CB  . CYS B 2 100 ? -5.284  -5.554  0.034   1.00 15.90 ? 100 CYS B CB  1 
ATOM   1387 S SG  . CYS B 2 100 ? -4.107  -6.891  0.148   1.00 34.93 ? 100 CYS B SG  1 
ATOM   1388 N N   . GLY B 2 101 ? -6.154  -2.603  1.645   1.00 18.34 ? 101 GLY B N   1 
ATOM   1389 C CA  . GLY B 2 101 ? -7.130  -1.553  1.581   1.00 11.91 ? 101 GLY B CA  1 
ATOM   1390 C C   . GLY B 2 101 ? -6.401  -0.279  1.269   1.00 15.79 ? 101 GLY B C   1 
ATOM   1391 O O   . GLY B 2 101 ? -5.337  -0.281  0.634   1.00 23.91 ? 101 GLY B O   1 
ATOM   1392 N N   . GLY B 2 102 ? -6.945  0.822   1.744   1.00 12.93 ? 102 GLY B N   1 
ATOM   1393 C CA  . GLY B 2 102 ? -6.315  2.094   1.472   1.00 19.95 ? 102 GLY B CA  1 
ATOM   1394 C C   . GLY B 2 102 ? -6.216  2.903   2.730   1.00 27.06 ? 102 GLY B C   1 
ATOM   1395 O O   . GLY B 2 102 ? -6.675  2.494   3.783   1.00 43.62 ? 102 GLY B O   1 
ATOM   1396 N N   . PRO B 2 103 ? -5.788  4.129   2.602   1.00 25.20 ? 103 PRO B N   1 
ATOM   1397 C CA  . PRO B 2 103 ? -5.589  5.102   3.662   1.00 26.04 ? 103 PRO B CA  1 
ATOM   1398 C C   . PRO B 2 103 ? -6.543  5.021   4.809   1.00 32.53 ? 103 PRO B C   1 
ATOM   1399 O O   . PRO B 2 103 ? -7.754  4.879   4.603   1.00 37.80 ? 103 PRO B O   1 
ATOM   1400 C CB  . PRO B 2 103 ? -5.788  6.412   2.941   1.00 28.99 ? 103 PRO B CB  1 
ATOM   1401 C CG  . PRO B 2 103 ? -5.320  6.108   1.595   1.00 31.51 ? 103 PRO B CG  1 
ATOM   1402 C CD  . PRO B 2 103 ? -5.979  4.813   1.323   1.00 27.79 ? 103 PRO B CD  1 
ATOM   1403 N N   . LYS B 2 104 ? -5.989  5.171   6.011   1.00 35.76 ? 104 LYS B N   1 
ATOM   1404 C CA  . LYS B 2 104 ? -6.747  5.207   7.257   1.00 35.02 ? 104 LYS B CA  1 
ATOM   1405 C C   . LYS B 2 104 ? -6.078  6.318   8.052   1.00 41.95 ? 104 LYS B C   1 
ATOM   1406 O O   . LYS B 2 104 ? -4.903  6.626   7.829   1.00 43.62 ? 104 LYS B O   1 
ATOM   1407 C CB  . LYS B 2 104 ? -6.706  3.873   7.991   1.00 33.56 ? 104 LYS B CB  1 
ATOM   1408 C CG  . LYS B 2 104 ? -7.357  2.738   7.200   1.00 36.54 ? 104 LYS B CG  1 
ATOM   1409 C CD  . LYS B 2 104 ? -7.385  1.428   7.956   1.00 42.63 ? 104 LYS B CD  1 
ATOM   1410 C CE  . LYS B 2 104 ? -7.995  0.308   7.103   1.00 50.06 ? 104 LYS B CE  1 
ATOM   1411 N NZ  . LYS B 2 104 ? -7.026  -0.328  6.124   1.00 57.37 ? 104 LYS B NZ  1 
ATOM   1412 N N   . ASP B 2 105 ? -6.851  7.011   8.879   1.00 50.93 ? 105 ASP B N   1 
ATOM   1413 C CA  . ASP B 2 105 ? -6.314  8.113   9.670   1.00 56.92 ? 105 ASP B CA  1 
ATOM   1414 C C   . ASP B 2 105 ? -5.454  7.501   10.770  1.00 60.23 ? 105 ASP B C   1 
ATOM   1415 O O   . ASP B 2 105 ? -5.963  6.849   11.685  1.00 59.84 ? 105 ASP B O   1 
ATOM   1416 C CB  . ASP B 2 105 ? -7.455  8.944   10.257  1.00 65.73 ? 105 ASP B CB  1 
ATOM   1417 C CG  . ASP B 2 105 ? -7.077  10.405  10.462  1.00 73.69 ? 105 ASP B CG  1 
ATOM   1418 O OD1 . ASP B 2 105 ? -6.448  10.995  9.549   1.00 75.63 ? 105 ASP B OD1 1 
ATOM   1419 O OD2 . ASP B 2 105 ? -7.433  10.969  11.529  1.00 75.52 ? 105 ASP B OD2 1 
ATOM   1420 N N   . HIS B 2 106 ? -4.140  7.643   10.597  1.00 62.51 ? 106 HIS B N   1 
ATOM   1421 C CA  . HIS B 2 106 ? -3.133  7.107   11.519  1.00 60.68 ? 106 HIS B CA  1 
ATOM   1422 C C   . HIS B 2 106 ? -3.613  6.023   12.510  1.00 51.15 ? 106 HIS B C   1 
ATOM   1423 O O   . HIS B 2 106 ? -3.980  6.312   13.644  1.00 53.02 ? 106 HIS B O   1 
ATOM   1424 C CB  . HIS B 2 106 ? -2.333  8.245   12.165  1.00 62.42 ? 106 HIS B CB  1 
ATOM   1425 C CG  . HIS B 2 106 ? -0.993  8.464   11.520  1.00 57.09 ? 106 HIS B CG  1 
ATOM   1426 N ND1 . HIS B 2 106 ? -0.857  8.789   10.186  1.00 51.77 ? 106 HIS B ND1 1 
ATOM   1427 C CD2 . HIS B 2 106 ? 0.266   8.307   11.996  1.00 52.35 ? 106 HIS B CD2 1 
ATOM   1428 C CE1 . HIS B 2 106 ? 0.431   8.813   9.878   1.00 51.77 ? 106 HIS B CE1 1 
ATOM   1429 N NE2 . HIS B 2 106 ? 1.130   8.522   10.956  1.00 41.28 ? 106 HIS B NE2 1 
ATOM   1430 N N   . PRO B 2 107 ? -3.525  4.749   12.080  1.00 44.46 ? 107 PRO B N   1 
ATOM   1431 C CA  . PRO B 2 107 ? -3.874  3.439   12.656  1.00 45.04 ? 107 PRO B CA  1 
ATOM   1432 C C   . PRO B 2 107 ? -3.007  2.731   13.725  1.00 44.24 ? 107 PRO B C   1 
ATOM   1433 O O   . PRO B 2 107 ? -3.409  1.694   14.262  1.00 44.31 ? 107 PRO B O   1 
ATOM   1434 C CB  . PRO B 2 107 ? -3.924  2.572   11.412  1.00 45.16 ? 107 PRO B CB  1 
ATOM   1435 C CG  . PRO B 2 107 ? -2.677  3.050   10.692  1.00 41.33 ? 107 PRO B CG  1 
ATOM   1436 C CD  . PRO B 2 107 ? -2.751  4.553   10.835  1.00 41.27 ? 107 PRO B CD  1 
ATOM   1437 N N   . LEU B 2 108 ? -1.800  3.207   13.989  1.00 41.22 ? 108 LEU B N   1 
ATOM   1438 C CA  . LEU B 2 108 ? -0.972  2.515   14.977  1.00 39.51 ? 108 LEU B CA  1 
ATOM   1439 C C   . LEU B 2 108 ? -0.993  3.115   16.383  1.00 34.22 ? 108 LEU B C   1 
ATOM   1440 O O   . LEU B 2 108 ? -0.070  2.915   17.152  1.00 36.53 ? 108 LEU B O   1 
ATOM   1441 C CB  . LEU B 2 108 ? 0.469   2.394   14.447  1.00 35.31 ? 108 LEU B CB  1 
ATOM   1442 C CG  . LEU B 2 108 ? 0.579   1.593   13.143  1.00 31.71 ? 108 LEU B CG  1 
ATOM   1443 C CD1 . LEU B 2 108 ? 2.032   1.520   12.688  1.00 28.82 ? 108 LEU B CD1 1 
ATOM   1444 C CD2 . LEU B 2 108 ? -0.015  0.194   13.355  1.00 22.16 ? 108 LEU B CD2 1 
ATOM   1445 N N   . THR B 2 109 ? -2.040  3.856   16.712  1.00 36.07 ? 109 THR B N   1 
ATOM   1446 C CA  . THR B 2 109 ? -2.126  4.505   18.011  1.00 43.54 ? 109 THR B CA  1 
ATOM   1447 C C   . THR B 2 109 ? -2.888  3.616   18.966  1.00 47.77 ? 109 THR B C   1 
ATOM   1448 O O   . THR B 2 109 ? -3.623  2.724   18.548  1.00 53.63 ? 109 THR B O   1 
ATOM   1449 C CB  . THR B 2 109 ? -2.819  5.879   17.907  1.00 48.57 ? 109 THR B CB  1 
ATOM   1450 O OG1 . THR B 2 109 ? -4.205  5.707   17.566  1.00 53.83 ? 109 THR B OG1 1 
ATOM   1451 C CG2 . THR B 2 109 ? -2.141  6.744   16.823  1.00 53.51 ? 109 THR B CG2 1 
ATOM   1452 N N   . CYS B 2 110 ? -2.726  3.847   20.257  1.00 53.84 ? 110 CYS B N   1 
ATOM   1453 C CA  . CYS B 2 110 ? -3.421  3.007   21.208  1.00 59.03 ? 110 CYS B CA  1 
ATOM   1454 C C   . CYS B 2 110 ? -4.903  3.178   21.011  1.00 63.71 ? 110 CYS B C   1 
ATOM   1455 O O   . CYS B 2 110 ? -5.363  4.276   20.676  1.00 62.55 ? 110 CYS B O   1 
ATOM   1456 C CB  . CYS B 2 110 ? -3.007  3.322   22.645  1.00 55.34 ? 110 CYS B CB  1 
ATOM   1457 S SG  . CYS B 2 110 ? -1.378  2.625   23.073  1.00 57.78 ? 110 CYS B SG  1 
ATOM   1458 N N   . ASP B 2 111 ? -5.600  2.044   21.073  1.00 70.16 ? 111 ASP B N   1 
ATOM   1459 C CA  . ASP B 2 111 ? -7.054  1.930   20.941  1.00 73.38 ? 111 ASP B CA  1 
ATOM   1460 C C   . ASP B 2 111 ? -7.367  0.519   20.459  1.00 71.65 ? 111 ASP B C   1 
ATOM   1461 O O   . ASP B 2 111 ? -7.686  -0.290  21.360  1.00 71.57 ? 111 ASP B O   1 
ATOM   1462 C CB  . ASP B 2 111 ? -7.629  2.966   19.960  1.00 76.99 ? 111 ASP B CB  1 
HETATM 1463 C C1  . NAG C 3 .   ? 3.136   -11.813 8.213   1.00 53.20 ? 93  NAG A C1  1 
HETATM 1464 C C2  . NAG C 3 .   ? 4.541   -11.661 8.776   1.00 54.00 ? 93  NAG A C2  1 
HETATM 1465 C C3  . NAG C 3 .   ? 5.485   -12.475 7.941   1.00 63.16 ? 93  NAG A C3  1 
HETATM 1466 C C4  . NAG C 3 .   ? 5.040   -13.929 7.977   1.00 69.56 ? 93  NAG A C4  1 
HETATM 1467 C C5  . NAG C 3 .   ? 3.592   -14.049 7.466   1.00 66.59 ? 93  NAG A C5  1 
HETATM 1468 C C6  . NAG C 3 .   ? 3.036   -15.463 7.651   1.00 71.63 ? 93  NAG A C6  1 
HETATM 1469 C C7  . NAG C 3 .   ? 4.627   -9.396  9.672   1.00 43.93 ? 93  NAG A C7  1 
HETATM 1470 C C8  . NAG C 3 .   ? 5.099   -7.976  9.391   1.00 39.83 ? 93  NAG A C8  1 
HETATM 1471 N N2  . NAG C 3 .   ? 4.928   -10.269 8.720   1.00 47.66 ? 93  NAG A N2  1 
HETATM 1472 O O3  . NAG C 3 .   ? 6.797   -12.347 8.461   1.00 72.89 ? 93  NAG A O3  1 
HETATM 1473 O O4  . NAG C 3 .   ? 5.916   -14.717 7.178   1.00 76.08 ? 93  NAG A O4  1 
HETATM 1474 O O5  . NAG C 3 .   ? 2.727   -13.179 8.224   1.00 59.68 ? 93  NAG A O5  1 
HETATM 1475 O O6  . NAG C 3 .   ? 2.927   -15.816 9.038   1.00 73.18 ? 93  NAG A O6  1 
HETATM 1476 O O7  . NAG C 3 .   ? 4.020   -9.714  10.693  1.00 41.69 ? 93  NAG A O7  1 
HETATM 1477 C C1  . NAG D 3 .   ? -5.522  12.138  -26.189 1.00 58.77 ? 94  NAG A C1  1 
HETATM 1478 C C2  . NAG D 3 .   ? -5.734  12.625  -27.632 1.00 58.06 ? 94  NAG A C2  1 
HETATM 1479 C C3  . NAG D 3 .   ? -4.838  13.822  -27.874 1.00 60.69 ? 94  NAG A C3  1 
HETATM 1480 C C4  . NAG D 3 .   ? -5.194  14.897  -26.862 1.00 60.52 ? 94  NAG A C4  1 
HETATM 1481 C C5  . NAG D 3 .   ? -5.000  14.350  -25.451 1.00 60.20 ? 94  NAG A C5  1 
HETATM 1482 C C6  . NAG D 3 .   ? -5.409  15.337  -24.386 1.00 58.72 ? 94  NAG A C6  1 
HETATM 1483 C C7  . NAG D 3 .   ? -6.358  10.849  -29.202 1.00 48.37 ? 94  NAG A C7  1 
HETATM 1484 C C8  . NAG D 3 .   ? -5.809  9.764   -30.114 1.00 45.63 ? 94  NAG A C8  1 
HETATM 1485 N N2  . NAG D 3 .   ? -5.429  11.558  -28.569 1.00 52.17 ? 94  NAG A N2  1 
HETATM 1486 O O3  . NAG D 3 .   ? -5.014  14.308  -29.197 1.00 67.04 ? 94  NAG A O3  1 
HETATM 1487 O O4  . NAG D 3 .   ? -4.368  16.027  -27.060 1.00 66.46 ? 94  NAG A O4  1 
HETATM 1488 O O5  . NAG D 3 .   ? -5.821  13.185  -25.259 1.00 60.15 ? 94  NAG A O5  1 
HETATM 1489 O O6  . NAG D 3 .   ? -6.814  15.292  -24.184 1.00 60.16 ? 94  NAG A O6  1 
HETATM 1490 O O7  . NAG D 3 .   ? -7.558  11.066  -29.079 1.00 46.12 ? 94  NAG A O7  1 
HETATM 1491 O O   . HOH E 4 .   ? -16.142 7.894   -23.287 1.00 45.15 ? 302 HOH A O   1 
HETATM 1492 O O   . HOH E 4 .   ? -1.312  8.820   -1.797  1.00 26.79 ? 307 HOH A O   1 
HETATM 1493 O O   . HOH E 4 .   ? 0.911   -0.639  1.400   1.00 33.53 ? 309 HOH A O   1 
HETATM 1494 O O   . HOH E 4 .   ? -12.303 -11.093 6.915   1.00 45.17 ? 313 HOH A O   1 
HETATM 1495 O O   . HOH E 4 .   ? 0.904   9.736   -3.136  1.00 41.72 ? 319 HOH A O   1 
HETATM 1496 O O   . HOH E 4 .   ? 3.592   -9.221  5.476   1.00 45.87 ? 320 HOH A O   1 
HETATM 1497 O O   . HOH E 4 .   ? 0.020   -2.905  15.694  1.00 39.56 ? 321 HOH A O   1 
HETATM 1498 O O   . HOH E 4 .   ? -11.545 13.753  -20.160 1.00 39.34 ? 323 HOH A O   1 
HETATM 1499 O O   . HOH E 4 .   ? 2.903   2.492   -3.518  1.00 28.26 ? 325 HOH A O   1 
HETATM 1500 O O   . HOH E 4 .   ? -15.955 7.117   -19.032 1.00 42.75 ? 326 HOH A O   1 
HETATM 1501 O O   . HOH E 4 .   ? 2.546   14.510  -31.080 1.00 54.44 ? 331 HOH A O   1 
HETATM 1502 O O   . HOH E 4 .   ? 3.288   9.611   -32.293 1.00 42.46 ? 334 HOH A O   1 
HETATM 1503 O O   . HOH E 4 .   ? -3.667  9.984   -2.946  1.00 54.40 ? 338 HOH A O   1 
HETATM 1504 O O   . HOH E 4 .   ? -14.321 -9.683  8.361   1.00 53.88 ? 339 HOH A O   1 
HETATM 1505 O O   . HOH E 4 .   ? -0.461  -7.905  14.168  1.00 45.69 ? 343 HOH A O   1 
HETATM 1506 O O   . HOH E 4 .   ? -3.603  -14.546 7.347   1.00 56.48 ? 345 HOH A O   1 
HETATM 1507 O O   . HOH E 4 .   ? 2.643   11.105  -30.223 1.00 52.40 ? 346 HOH A O   1 
HETATM 1508 O O   . HOH E 4 .   ? -8.600  3.578   -35.853 1.00 47.15 ? 347 HOH A O   1 
HETATM 1509 O O   . HOH E 4 .   ? -15.340 6.440   -29.614 1.00 68.77 ? 348 HOH A O   1 
HETATM 1510 O O   . HOH E 4 .   ? -8.563  17.485  -17.900 1.00 56.40 ? 350 HOH A O   1 
HETATM 1511 O O   . HOH E 4 .   ? -7.831  10.008  -5.050  1.00 50.07 ? 353 HOH A O   1 
HETATM 1512 O O   . HOH E 4 .   ? 6.683   -10.768 4.728   1.00 48.89 ? 355 HOH A O   1 
HETATM 1513 O O   . HOH E 4 .   ? -9.974  -12.196 2.668   1.00 51.26 ? 356 HOH A O   1 
HETATM 1514 O O   . HOH F 4 .   ? 1.918   14.403  -5.635  1.00 12.27 ? 301 HOH B O   1 
HETATM 1515 O O   . HOH F 4 .   ? -9.775  -8.955  6.302   1.00 38.85 ? 303 HOH B O   1 
HETATM 1516 O O   . HOH F 4 .   ? 1.438   -5.749  17.239  1.00 59.51 ? 304 HOH B O   1 
HETATM 1517 O O   . HOH F 4 .   ? 3.534   -5.797  36.143  1.00 36.86 ? 305 HOH B O   1 
HETATM 1518 O O   . HOH F 4 .   ? 3.292   -7.386  14.785  1.00 39.97 ? 306 HOH B O   1 
HETATM 1519 O O   . HOH F 4 .   ? 3.549   4.598   26.086  1.00 68.03 ? 308 HOH B O   1 
HETATM 1520 O O   . HOH F 4 .   ? 0.695   1.312   -4.628  1.00 53.39 ? 310 HOH B O   1 
HETATM 1521 O O   . HOH F 4 .   ? 12.194  16.153  3.168   1.00 42.14 ? 311 HOH B O   1 
HETATM 1522 O O   . HOH F 4 .   ? -1.991  -6.079  19.734  1.00 52.37 ? 312 HOH B O   1 
HETATM 1523 O O   . HOH F 4 .   ? 2.707   -15.222 38.870  1.00 53.70 ? 314 HOH B O   1 
HETATM 1524 O O   . HOH F 4 .   ? 4.171   7.878   15.319  1.00 58.37 ? 315 HOH B O   1 
HETATM 1525 O O   . HOH F 4 .   ? -1.775  -6.429  -5.799  1.00 60.57 ? 316 HOH B O   1 
HETATM 1526 O O   . HOH F 4 .   ? 8.034   5.393   22.181  1.00 50.40 ? 317 HOH B O   1 
HETATM 1527 O O   . HOH F 4 .   ? -1.833  -0.306  -22.300 1.00 43.95 ? 318 HOH B O   1 
HETATM 1528 O O   . HOH F 4 .   ? 1.662   -2.773  -12.137 1.00 55.18 ? 322 HOH B O   1 
HETATM 1529 O O   . HOH F 4 .   ? 7.501   17.359  -7.685  1.00 38.02 ? 324 HOH B O   1 
HETATM 1530 O O   . HOH F 4 .   ? -4.277  -2.618  19.256  1.00 50.13 ? 327 HOH B O   1 
HETATM 1531 O O   . HOH F 4 .   ? 13.472  8.452   3.992   1.00 52.08 ? 328 HOH B O   1 
HETATM 1532 O O   . HOH F 4 .   ? 11.005  -1.303  -3.355  1.00 58.50 ? 329 HOH B O   1 
HETATM 1533 O O   . HOH F 4 .   ? 12.599  16.862  0.252   1.00 44.39 ? 330 HOH B O   1 
HETATM 1534 O O   . HOH F 4 .   ? 11.853  -13.101 13.918  1.00 56.04 ? 332 HOH B O   1 
HETATM 1535 O O   . HOH F 4 .   ? -11.788 -6.898  7.450   1.00 51.85 ? 333 HOH B O   1 
HETATM 1536 O O   . HOH F 4 .   ? 14.372  8.095   0.890   1.00 45.01 ? 335 HOH B O   1 
HETATM 1537 O O   . HOH F 4 .   ? 6.431   -3.463  12.184  1.00 61.09 ? 336 HOH B O   1 
HETATM 1538 O O   . HOH F 4 .   ? -6.739  0.211   26.036  1.00 56.29 ? 337 HOH B O   1 
HETATM 1539 O O   . HOH F 4 .   ? -10.322 -4.209  3.488   1.00 61.59 ? 340 HOH B O   1 
HETATM 1540 O O   . HOH F 4 .   ? -10.311 1.044   1.792   1.00 51.36 ? 341 HOH B O   1 
HETATM 1541 O O   . HOH F 4 .   ? 16.815  -2.554  4.127   1.00 51.28 ? 342 HOH B O   1 
HETATM 1542 O O   . HOH F 4 .   ? -1.029  -0.264  16.737  1.00 62.66 ? 344 HOH B O   1 
HETATM 1543 O O   . HOH F 4 .   ? 17.331  8.739   1.921   1.00 49.85 ? 349 HOH B O   1 
HETATM 1544 O O   . HOH F 4 .   ? -9.419  6.358   1.860   1.00 63.32 ? 351 HOH B O   1 
HETATM 1545 O O   . HOH F 4 .   ? 4.630   -13.948 21.335  1.00 49.03 ? 352 HOH B O   1 
HETATM 1546 O O   . HOH F 4 .   ? 1.987   -12.452 34.345  1.00 53.99 ? 354 HOH B O   1 
HETATM 1547 O O   . HOH F 4 .   ? 10.439  -15.303 12.410  1.00 57.35 ? 357 HOH B O   1 
HETATM 1548 O O   . HOH F 4 .   ? 14.746  -2.375  2.148   1.00 53.15 ? 358 HOH B O   1 
HETATM 1549 O O   . HOH F 4 .   ? 10.248  -13.724 9.278   1.00 62.97 ? 359 HOH B O   1 
HETATM 1550 O O   . HOH F 4 .   ? -4.258  -1.362  -13.420 1.00 57.14 ? 360 HOH B O   1 
HETATM 1551 O O   . HOH F 4 .   ? -6.603  -3.545  -10.777 1.00 60.35 ? 361 HOH B O   1 
HETATM 1552 O O   . HOH F 4 .   ? 15.011  -7.480  -5.798  1.00 55.71 ? 362 HOH B O   1 
HETATM 1553 O O   . HOH F 4 .   ? -10.004 -3.271  0.625   1.00 49.07 ? 363 HOH B O   1 
# 
